data_6U8I
# 
_entry.id   6U8I 
# 
_audit_conform.dict_name       mmcif_pdbx.dic 
_audit_conform.dict_version    5.381 
_audit_conform.dict_location   http://mmcif.pdb.org/dictionaries/ascii/mmcif_pdbx.dic 
# 
loop_
_database_2.database_id 
_database_2.database_code 
_database_2.pdbx_database_accession 
_database_2.pdbx_DOI 
PDB   6U8I         pdb_00006u8i 10.2210/pdb6u8i/pdb 
WWPDB D_1000243906 ?            ?                   
# 
_pdbx_database_status.status_code                     REL 
_pdbx_database_status.status_code_sf                  REL 
_pdbx_database_status.status_code_mr                  ? 
_pdbx_database_status.entry_id                        6U8I 
_pdbx_database_status.recvd_initial_deposition_date   2019-09-05 
_pdbx_database_status.SG_entry                        N 
_pdbx_database_status.deposit_site                    RCSB 
_pdbx_database_status.process_site                    RCSB 
_pdbx_database_status.status_code_cs                  ? 
_pdbx_database_status.methods_development_category    ? 
_pdbx_database_status.pdb_format_compatible           Y 
_pdbx_database_status.status_code_nmr_data            ? 
# 
loop_
_audit_author.name 
_audit_author.pdbx_ordinal 
_audit_author.identifier_ORCID 
'Patel, K.'     1 0000-0003-3034-3840 
'Walshe, J.L.'  2 0000-0001-7220-3120 
'Walport, L.J.' 3 0000-0002-3795-8365 
'Mackay, J.P.'  4 0000-0001-7508-8033 
# 
_citation.abstract                  ? 
_citation.abstract_id_CAS           ? 
_citation.book_id_ISBN              ? 
_citation.book_publisher            ? 
_citation.book_publisher_city       ? 
_citation.book_title                ? 
_citation.coordinate_linkage        ? 
_citation.country                   US 
_citation.database_id_Medline       ? 
_citation.details                   ? 
_citation.id                        primary 
_citation.journal_abbrev            Proc.Natl.Acad.Sci.USA 
_citation.journal_id_ASTM           PNASA6 
_citation.journal_id_CSD            0040 
_citation.journal_id_ISSN           1091-6490 
_citation.journal_full              ? 
_citation.journal_issue             ? 
_citation.journal_volume            117 
_citation.language                  ? 
_citation.page_first                26728 
_citation.page_last                 26738 
_citation.title                     'Cyclic peptides can engage a single binding pocket through highly divergent modes.' 
_citation.year                      2020 
_citation.database_id_CSD           ? 
_citation.pdbx_database_id_DOI      10.1073/pnas.2003086117 
_citation.pdbx_database_id_PubMed   33046654 
_citation.unpublished_flag          ? 
# 
loop_
_citation_author.citation_id 
_citation_author.name 
_citation_author.ordinal 
_citation_author.identifier_ORCID 
primary 'Patel, K.'           1  0000-0003-3034-3840 
primary 'Walport, L.J.'       2  0000-0002-3795-8365 
primary 'Walshe, J.L.'        3  0000-0001-7220-3120 
primary 'Solomon, P.D.'       4  ?                   
primary 'Low, J.K.K.'         5  0000-0003-0862-0012 
primary 'Tran, D.H.'          6  0000-0002-2327-9468 
primary 'Mouradian, K.S.'     7  ?                   
primary 'Silva, A.P.G.'       8  0000-0001-7922-264X 
primary 'Wilkinson-White, L.' 9  ?                   
primary 'Norman, A.'          10 ?                   
primary 'Franck, C.'          11 ?                   
primary 'Matthews, J.M.'      12 ?                   
primary 'Guss, J.M.'          13 0000-0003-4259-6079 
primary 'Payne, R.J.'         14 0000-0002-3618-9226 
primary 'Passioura, T.'       15 0000-0002-6089-5067 
primary 'Suga, H.'            16 0000-0002-5298-9186 
primary 'Mackay, J.P.'        17 0000-0001-7508-8033 
# 
_cell.angle_alpha                  90.000 
_cell.angle_alpha_esd              ? 
_cell.angle_beta                   90.000 
_cell.angle_beta_esd               ? 
_cell.angle_gamma                  90.000 
_cell.angle_gamma_esd              ? 
_cell.entry_id                     6U8I 
_cell.details                      ? 
_cell.formula_units_Z              ? 
_cell.length_a                     69.775 
_cell.length_a_esd                 ? 
_cell.length_b                     69.775 
_cell.length_b_esd                 ? 
_cell.length_c                     32.150 
_cell.length_c_esd                 ? 
_cell.volume                       156522.108 
_cell.volume_esd                   ? 
_cell.Z_PDB                        4 
_cell.reciprocal_angle_alpha       ? 
_cell.reciprocal_angle_beta        ? 
_cell.reciprocal_angle_gamma       ? 
_cell.reciprocal_angle_alpha_esd   ? 
_cell.reciprocal_angle_beta_esd    ? 
_cell.reciprocal_angle_gamma_esd   ? 
_cell.reciprocal_length_a          ? 
_cell.reciprocal_length_b          ? 
_cell.reciprocal_length_c          ? 
_cell.reciprocal_length_a_esd      ? 
_cell.reciprocal_length_b_esd      ? 
_cell.reciprocal_length_c_esd      ? 
_cell.pdbx_unique_axis             ? 
# 
_symmetry.entry_id                         6U8I 
_symmetry.cell_setting                     ? 
_symmetry.Int_Tables_number                75 
_symmetry.space_group_name_Hall            'P 4' 
_symmetry.space_group_name_H-M             'P 4' 
_symmetry.pdbx_full_space_group_name_H-M   ? 
# 
loop_
_entity.id 
_entity.type 
_entity.src_method 
_entity.pdbx_description 
_entity.formula_weight 
_entity.pdbx_number_of_molecules 
_entity.pdbx_ec 
_entity.pdbx_mutation 
_entity.pdbx_fragment 
_entity.details 
1 polymer     man 'Bromodomain-containing protein 4' 14186.333 1  ? ? ? ? 
2 polymer     syn 'cyclic peptide 3.2_2'             1660.979  1  ? ? ? ? 
3 non-polymer syn 'AMINO GROUP'                      16.023    1  ? ? ? ? 
4 water       nat water                              18.015    59 ? ? ? ? 
# 
_entity_name_com.entity_id   1 
_entity_name_com.name        'Protein HUNK1' 
# 
loop_
_entity_poly.entity_id 
_entity_poly.type 
_entity_poly.nstd_linkage 
_entity_poly.nstd_monomer 
_entity_poly.pdbx_seq_one_letter_code 
_entity_poly.pdbx_seq_one_letter_code_can 
_entity_poly.pdbx_strand_id 
_entity_poly.pdbx_target_identifier 
1 'polypeptide(L)' no no  
;QGPLGSSKVSEQLKCCSGILKEMFAKKHAAYAWPFYKPVDVEALGLHDYCDIIKHPMDMSTIKSKLEAREYRDAQEFGAD
VRLMFSNCYKYNPPDHEVVAMARKLQDVFEMRFAKMPDEPEEP
;
;QGPLGSSKVSEQLKCCSGILKEMFAKKHAAYAWPFYKPVDVEALGLHDYCDIIKHPMDMSTIKSKLEAREYRDAQEFGAD
VRLMFSNCYKYNPPDHEVVAMARKLQDVFEMRFAKMPDEPEEP
;
A ? 
2 'polypeptide(L)' no yes '(ACE)WSWLCK(ALY)YNLIH' XWSWLCKKYNLIH B ? 
# 
loop_
_entity_poly_seq.entity_id 
_entity_poly_seq.num 
_entity_poly_seq.mon_id 
_entity_poly_seq.hetero 
1 1   GLN n 
1 2   GLY n 
1 3   PRO n 
1 4   LEU n 
1 5   GLY n 
1 6   SER n 
1 7   SER n 
1 8   LYS n 
1 9   VAL n 
1 10  SER n 
1 11  GLU n 
1 12  GLN n 
1 13  LEU n 
1 14  LYS n 
1 15  CYS n 
1 16  CYS n 
1 17  SER n 
1 18  GLY n 
1 19  ILE n 
1 20  LEU n 
1 21  LYS n 
1 22  GLU n 
1 23  MET n 
1 24  PHE n 
1 25  ALA n 
1 26  LYS n 
1 27  LYS n 
1 28  HIS n 
1 29  ALA n 
1 30  ALA n 
1 31  TYR n 
1 32  ALA n 
1 33  TRP n 
1 34  PRO n 
1 35  PHE n 
1 36  TYR n 
1 37  LYS n 
1 38  PRO n 
1 39  VAL n 
1 40  ASP n 
1 41  VAL n 
1 42  GLU n 
1 43  ALA n 
1 44  LEU n 
1 45  GLY n 
1 46  LEU n 
1 47  HIS n 
1 48  ASP n 
1 49  TYR n 
1 50  CYS n 
1 51  ASP n 
1 52  ILE n 
1 53  ILE n 
1 54  LYS n 
1 55  HIS n 
1 56  PRO n 
1 57  MET n 
1 58  ASP n 
1 59  MET n 
1 60  SER n 
1 61  THR n 
1 62  ILE n 
1 63  LYS n 
1 64  SER n 
1 65  LYS n 
1 66  LEU n 
1 67  GLU n 
1 68  ALA n 
1 69  ARG n 
1 70  GLU n 
1 71  TYR n 
1 72  ARG n 
1 73  ASP n 
1 74  ALA n 
1 75  GLN n 
1 76  GLU n 
1 77  PHE n 
1 78  GLY n 
1 79  ALA n 
1 80  ASP n 
1 81  VAL n 
1 82  ARG n 
1 83  LEU n 
1 84  MET n 
1 85  PHE n 
1 86  SER n 
1 87  ASN n 
1 88  CYS n 
1 89  TYR n 
1 90  LYS n 
1 91  TYR n 
1 92  ASN n 
1 93  PRO n 
1 94  PRO n 
1 95  ASP n 
1 96  HIS n 
1 97  GLU n 
1 98  VAL n 
1 99  VAL n 
1 100 ALA n 
1 101 MET n 
1 102 ALA n 
1 103 ARG n 
1 104 LYS n 
1 105 LEU n 
1 106 GLN n 
1 107 ASP n 
1 108 VAL n 
1 109 PHE n 
1 110 GLU n 
1 111 MET n 
1 112 ARG n 
1 113 PHE n 
1 114 ALA n 
1 115 LYS n 
1 116 MET n 
1 117 PRO n 
1 118 ASP n 
1 119 GLU n 
1 120 PRO n 
1 121 GLU n 
1 122 GLU n 
1 123 PRO n 
2 1   ACE n 
2 2   TRP n 
2 3   SER n 
2 4   TRP n 
2 5   LEU n 
2 6   CYS n 
2 7   LYS n 
2 8   ALY n 
2 9   TYR n 
2 10  ASN n 
2 11  LEU n 
2 12  ILE n 
2 13  HIS n 
# 
_entity_src_gen.entity_id                          1 
_entity_src_gen.pdbx_src_id                        1 
_entity_src_gen.pdbx_alt_source_flag               sample 
_entity_src_gen.pdbx_seq_type                      'Biological sequence' 
_entity_src_gen.pdbx_beg_seq_num                   1 
_entity_src_gen.pdbx_end_seq_num                   123 
_entity_src_gen.gene_src_common_name               Human 
_entity_src_gen.gene_src_genus                     ? 
_entity_src_gen.pdbx_gene_src_gene                 'BRD4, HUNK1' 
_entity_src_gen.gene_src_species                   ? 
_entity_src_gen.gene_src_strain                    ? 
_entity_src_gen.gene_src_tissue                    ? 
_entity_src_gen.gene_src_tissue_fraction           ? 
_entity_src_gen.gene_src_details                   ? 
_entity_src_gen.pdbx_gene_src_fragment             ? 
_entity_src_gen.pdbx_gene_src_scientific_name      'Homo sapiens' 
_entity_src_gen.pdbx_gene_src_ncbi_taxonomy_id     9606 
_entity_src_gen.pdbx_gene_src_variant              ? 
_entity_src_gen.pdbx_gene_src_cell_line            ? 
_entity_src_gen.pdbx_gene_src_atcc                 ? 
_entity_src_gen.pdbx_gene_src_organ                ? 
_entity_src_gen.pdbx_gene_src_organelle            ? 
_entity_src_gen.pdbx_gene_src_cell                 ? 
_entity_src_gen.pdbx_gene_src_cellular_location    ? 
_entity_src_gen.host_org_common_name               ? 
_entity_src_gen.pdbx_host_org_scientific_name      'Escherichia coli' 
_entity_src_gen.pdbx_host_org_ncbi_taxonomy_id     562 
_entity_src_gen.host_org_genus                     ? 
_entity_src_gen.pdbx_host_org_gene                 ? 
_entity_src_gen.pdbx_host_org_organ                ? 
_entity_src_gen.host_org_species                   ? 
_entity_src_gen.pdbx_host_org_tissue               ? 
_entity_src_gen.pdbx_host_org_tissue_fraction      ? 
_entity_src_gen.pdbx_host_org_strain               ? 
_entity_src_gen.pdbx_host_org_variant              ? 
_entity_src_gen.pdbx_host_org_cell_line            ? 
_entity_src_gen.pdbx_host_org_atcc                 ? 
_entity_src_gen.pdbx_host_org_culture_collection   ? 
_entity_src_gen.pdbx_host_org_cell                 ? 
_entity_src_gen.pdbx_host_org_organelle            ? 
_entity_src_gen.pdbx_host_org_cellular_location    ? 
_entity_src_gen.pdbx_host_org_vector_type          ? 
_entity_src_gen.pdbx_host_org_vector               ? 
_entity_src_gen.host_org_details                   ? 
_entity_src_gen.expression_system_id               ? 
_entity_src_gen.plasmid_name                       ? 
_entity_src_gen.plasmid_details                    ? 
_entity_src_gen.pdbx_description                   ? 
# 
_pdbx_entity_src_syn.entity_id              2 
_pdbx_entity_src_syn.pdbx_src_id            1 
_pdbx_entity_src_syn.pdbx_alt_source_flag   sample 
_pdbx_entity_src_syn.pdbx_beg_seq_num       1 
_pdbx_entity_src_syn.pdbx_end_seq_num       13 
_pdbx_entity_src_syn.organism_scientific    'synthetic construct' 
_pdbx_entity_src_syn.organism_common_name   ? 
_pdbx_entity_src_syn.ncbi_taxonomy_id       32630 
_pdbx_entity_src_syn.details                ? 
# 
loop_
_struct_ref.id 
_struct_ref.db_name 
_struct_ref.db_code 
_struct_ref.pdbx_db_accession 
_struct_ref.pdbx_db_isoform 
_struct_ref.entity_id 
_struct_ref.pdbx_seq_one_letter_code 
_struct_ref.pdbx_align_begin 
1 UNP BRD4_HUMAN O60885 ? 1 
;SSKVSEQLKCCSGILKEMFAKKHAAYAWPFYKPVDVEALGLHDYCDIIKHPMDMSTIKSKLEAREYRDAQEFGADVRLMF
SNCYKYNPPDHEVVAMARKLQDVFEMRFAKMPDEPEEP
;
347 
2 PDB 6U8I       6U8I   ? 2 ? 1   
# 
loop_
_struct_ref_seq.align_id 
_struct_ref_seq.ref_id 
_struct_ref_seq.pdbx_PDB_id_code 
_struct_ref_seq.pdbx_strand_id 
_struct_ref_seq.seq_align_beg 
_struct_ref_seq.pdbx_seq_align_beg_ins_code 
_struct_ref_seq.seq_align_end 
_struct_ref_seq.pdbx_seq_align_end_ins_code 
_struct_ref_seq.pdbx_db_accession 
_struct_ref_seq.db_align_beg 
_struct_ref_seq.pdbx_db_align_beg_ins_code 
_struct_ref_seq.db_align_end 
_struct_ref_seq.pdbx_db_align_end_ins_code 
_struct_ref_seq.pdbx_auth_seq_align_beg 
_struct_ref_seq.pdbx_auth_seq_align_end 
1 1 6U8I A 6 ? 123 ? O60885 347 ? 464 ? 347 464 
2 2 6U8I B 1 ? 13  ? 6U8I   0   ? 12  ? 0   12  
# 
loop_
_struct_ref_seq_dif.align_id 
_struct_ref_seq_dif.pdbx_pdb_id_code 
_struct_ref_seq_dif.mon_id 
_struct_ref_seq_dif.pdbx_pdb_strand_id 
_struct_ref_seq_dif.seq_num 
_struct_ref_seq_dif.pdbx_pdb_ins_code 
_struct_ref_seq_dif.pdbx_seq_db_name 
_struct_ref_seq_dif.pdbx_seq_db_accession_code 
_struct_ref_seq_dif.db_mon_id 
_struct_ref_seq_dif.pdbx_seq_db_seq_num 
_struct_ref_seq_dif.details 
_struct_ref_seq_dif.pdbx_auth_seq_num 
_struct_ref_seq_dif.pdbx_ordinal 
1 6U8I GLN A 1 ? UNP O60885 ? ? 'expression tag' 342 1 
1 6U8I GLY A 2 ? UNP O60885 ? ? 'expression tag' 343 2 
1 6U8I PRO A 3 ? UNP O60885 ? ? 'expression tag' 344 3 
1 6U8I LEU A 4 ? UNP O60885 ? ? 'expression tag' 345 4 
1 6U8I GLY A 5 ? UNP O60885 ? ? 'expression tag' 346 5 
# 
loop_
_chem_comp.id 
_chem_comp.type 
_chem_comp.mon_nstd_flag 
_chem_comp.name 
_chem_comp.pdbx_synonyms 
_chem_comp.formula 
_chem_comp.formula_weight 
ACE non-polymer         . 'ACETYL GROUP'      ? 'C2 H4 O'        44.053  
ALA 'L-peptide linking' y ALANINE             ? 'C3 H7 N O2'     89.093  
ALY 'L-peptide linking' n 'N(6)-ACETYLLYSINE' ? 'C8 H16 N2 O3'   188.224 
ARG 'L-peptide linking' y ARGININE            ? 'C6 H15 N4 O2 1' 175.209 
ASN 'L-peptide linking' y ASPARAGINE          ? 'C4 H8 N2 O3'    132.118 
ASP 'L-peptide linking' y 'ASPARTIC ACID'     ? 'C4 H7 N O4'     133.103 
CYS 'L-peptide linking' y CYSTEINE            ? 'C3 H7 N O2 S'   121.158 
GLN 'L-peptide linking' y GLUTAMINE           ? 'C5 H10 N2 O3'   146.144 
GLU 'L-peptide linking' y 'GLUTAMIC ACID'     ? 'C5 H9 N O4'     147.129 
GLY 'peptide linking'   y GLYCINE             ? 'C2 H5 N O2'     75.067  
HIS 'L-peptide linking' y HISTIDINE           ? 'C6 H10 N3 O2 1' 156.162 
HOH non-polymer         . WATER               ? 'H2 O'           18.015  
ILE 'L-peptide linking' y ISOLEUCINE          ? 'C6 H13 N O2'    131.173 
LEU 'L-peptide linking' y LEUCINE             ? 'C6 H13 N O2'    131.173 
LYS 'L-peptide linking' y LYSINE              ? 'C6 H15 N2 O2 1' 147.195 
MET 'L-peptide linking' y METHIONINE          ? 'C5 H11 N O2 S'  149.211 
NH2 non-polymer         . 'AMINO GROUP'       ? 'H2 N'           16.023  
PHE 'L-peptide linking' y PHENYLALANINE       ? 'C9 H11 N O2'    165.189 
PRO 'L-peptide linking' y PROLINE             ? 'C5 H9 N O2'     115.130 
SER 'L-peptide linking' y SERINE              ? 'C3 H7 N O3'     105.093 
THR 'L-peptide linking' y THREONINE           ? 'C4 H9 N O3'     119.119 
TRP 'L-peptide linking' y TRYPTOPHAN          ? 'C11 H12 N2 O2'  204.225 
TYR 'L-peptide linking' y TYROSINE            ? 'C9 H11 N O3'    181.189 
VAL 'L-peptide linking' y VALINE              ? 'C5 H11 N O2'    117.146 
# 
_exptl.absorpt_coefficient_mu     ? 
_exptl.absorpt_correction_T_max   ? 
_exptl.absorpt_correction_T_min   ? 
_exptl.absorpt_correction_type    ? 
_exptl.absorpt_process_details    ? 
_exptl.entry_id                   6U8I 
_exptl.crystals_number            1 
_exptl.details                    ? 
_exptl.method                     'X-RAY DIFFRACTION' 
_exptl.method_details             ? 
# 
_exptl_crystal.colour                      ? 
_exptl_crystal.density_diffrn              ? 
_exptl_crystal.density_Matthews            2.72 
_exptl_crystal.density_method              ? 
_exptl_crystal.density_percent_sol         54.70 
_exptl_crystal.description                 ? 
_exptl_crystal.F_000                       ? 
_exptl_crystal.id                          1 
_exptl_crystal.preparation                 ? 
_exptl_crystal.size_max                    ? 
_exptl_crystal.size_mid                    ? 
_exptl_crystal.size_min                    ? 
_exptl_crystal.size_rad                    ? 
_exptl_crystal.colour_lustre               ? 
_exptl_crystal.colour_modifier             ? 
_exptl_crystal.colour_primary              ? 
_exptl_crystal.density_meas                ? 
_exptl_crystal.density_meas_esd            ? 
_exptl_crystal.density_meas_gt             ? 
_exptl_crystal.density_meas_lt             ? 
_exptl_crystal.density_meas_temp           ? 
_exptl_crystal.density_meas_temp_esd       ? 
_exptl_crystal.density_meas_temp_gt        ? 
_exptl_crystal.density_meas_temp_lt        ? 
_exptl_crystal.pdbx_crystal_image_url      ? 
_exptl_crystal.pdbx_crystal_image_format   ? 
_exptl_crystal.pdbx_mosaicity              ? 
_exptl_crystal.pdbx_mosaicity_esd          ? 
# 
_exptl_crystal_grow.apparatus       ? 
_exptl_crystal_grow.atmosphere      ? 
_exptl_crystal_grow.crystal_id      1 
_exptl_crystal_grow.details         ? 
_exptl_crystal_grow.method          'VAPOR DIFFUSION, SITTING DROP' 
_exptl_crystal_grow.method_ref      ? 
_exptl_crystal_grow.pH              ? 
_exptl_crystal_grow.pressure        ? 
_exptl_crystal_grow.pressure_esd    ? 
_exptl_crystal_grow.seeding         ? 
_exptl_crystal_grow.seeding_ref     ? 
_exptl_crystal_grow.temp            291 
_exptl_crystal_grow.temp_details    ? 
_exptl_crystal_grow.temp_esd        ? 
_exptl_crystal_grow.time            ? 
_exptl_crystal_grow.pdbx_details    '0.2 M Sodium iodide, 0.1 M Bis-Tris propane 7.5, 20 % w/v PEG 3350' 
_exptl_crystal_grow.pdbx_pH_range   ? 
# 
_diffrn.ambient_environment              ? 
_diffrn.ambient_temp                     100 
_diffrn.ambient_temp_details             ? 
_diffrn.ambient_temp_esd                 ? 
_diffrn.crystal_id                       1 
_diffrn.crystal_support                  ? 
_diffrn.crystal_treatment                ? 
_diffrn.details                          ? 
_diffrn.id                               1 
_diffrn.ambient_pressure                 ? 
_diffrn.ambient_pressure_esd             ? 
_diffrn.ambient_pressure_gt              ? 
_diffrn.ambient_pressure_lt              ? 
_diffrn.ambient_temp_gt                  ? 
_diffrn.ambient_temp_lt                  ? 
_diffrn.pdbx_serial_crystal_experiment   N 
# 
_diffrn_detector.details                      ? 
_diffrn_detector.detector                     CCD 
_diffrn_detector.diffrn_id                    1 
_diffrn_detector.type                         'ADSC QUANTUM 210r' 
_diffrn_detector.area_resol_mean              ? 
_diffrn_detector.dtime                        ? 
_diffrn_detector.pdbx_frames_total            ? 
_diffrn_detector.pdbx_collection_time_total   ? 
_diffrn_detector.pdbx_collection_date         2018-08-30 
_diffrn_detector.pdbx_frequency               ? 
# 
_diffrn_radiation.collimation                      ? 
_diffrn_radiation.diffrn_id                        1 
_diffrn_radiation.filter_edge                      ? 
_diffrn_radiation.inhomogeneity                    ? 
_diffrn_radiation.monochromator                    ? 
_diffrn_radiation.polarisn_norm                    ? 
_diffrn_radiation.polarisn_ratio                   ? 
_diffrn_radiation.probe                            ? 
_diffrn_radiation.type                             ? 
_diffrn_radiation.xray_symbol                      ? 
_diffrn_radiation.wavelength_id                    1 
_diffrn_radiation.pdbx_monochromatic_or_laue_m_l   M 
_diffrn_radiation.pdbx_wavelength_list             ? 
_diffrn_radiation.pdbx_wavelength                  ? 
_diffrn_radiation.pdbx_diffrn_protocol             'SINGLE WAVELENGTH' 
_diffrn_radiation.pdbx_analyzer                    ? 
_diffrn_radiation.pdbx_scattering_type             x-ray 
# 
_diffrn_radiation_wavelength.id           1 
_diffrn_radiation_wavelength.wavelength   0.9537 
_diffrn_radiation_wavelength.wt           1.0 
# 
_diffrn_source.current                     ? 
_diffrn_source.details                     ? 
_diffrn_source.diffrn_id                   1 
_diffrn_source.power                       ? 
_diffrn_source.size                        ? 
_diffrn_source.source                      SYNCHROTRON 
_diffrn_source.target                      ? 
_diffrn_source.type                        'AUSTRALIAN SYNCHROTRON BEAMLINE MX1' 
_diffrn_source.voltage                     ? 
_diffrn_source.take-off_angle              ? 
_diffrn_source.pdbx_wavelength_list        0.9537 
_diffrn_source.pdbx_wavelength             ? 
_diffrn_source.pdbx_synchrotron_beamline   MX1 
_diffrn_source.pdbx_synchrotron_site       'Australian Synchrotron' 
# 
_reflns.B_iso_Wilson_estimate            25.83 
_reflns.entry_id                         6U8I 
_reflns.data_reduction_details           ? 
_reflns.data_reduction_method            ? 
_reflns.d_resolution_high                2.5 
_reflns.d_resolution_low                 34.89 
_reflns.details                          ? 
_reflns.limit_h_max                      ? 
_reflns.limit_h_min                      ? 
_reflns.limit_k_max                      ? 
_reflns.limit_k_min                      ? 
_reflns.limit_l_max                      ? 
_reflns.limit_l_min                      ? 
_reflns.number_all                       ? 
_reflns.number_obs                       5558 
_reflns.observed_criterion               ? 
_reflns.observed_criterion_F_max         ? 
_reflns.observed_criterion_F_min         ? 
_reflns.observed_criterion_I_max         ? 
_reflns.observed_criterion_I_min         ? 
_reflns.observed_criterion_sigma_F       ? 
_reflns.observed_criterion_sigma_I       ? 
_reflns.percent_possible_obs             100 
_reflns.R_free_details                   ? 
_reflns.Rmerge_F_all                     ? 
_reflns.Rmerge_F_obs                     ? 
_reflns.Friedel_coverage                 ? 
_reflns.number_gt                        ? 
_reflns.threshold_expression             ? 
_reflns.pdbx_redundancy                  4.9 
_reflns.pdbx_Rmerge_I_obs                ? 
_reflns.pdbx_Rmerge_I_all                ? 
_reflns.pdbx_Rsym_value                  ? 
_reflns.pdbx_netI_over_av_sigmaI         ? 
_reflns.pdbx_netI_over_sigmaI            6.4 
_reflns.pdbx_res_netI_over_av_sigmaI_2   ? 
_reflns.pdbx_res_netI_over_sigmaI_2      ? 
_reflns.pdbx_chi_squared                 ? 
_reflns.pdbx_scaling_rejects             ? 
_reflns.pdbx_d_res_high_opt              ? 
_reflns.pdbx_d_res_low_opt               ? 
_reflns.pdbx_d_res_opt_method            ? 
_reflns.phase_calculation_details        ? 
_reflns.pdbx_Rrim_I_all                  ? 
_reflns.pdbx_Rpim_I_all                  ? 
_reflns.pdbx_d_opt                       ? 
_reflns.pdbx_number_measured_all         ? 
_reflns.pdbx_diffrn_id                   1 
_reflns.pdbx_ordinal                     1 
_reflns.pdbx_CC_half                     0.985 
_reflns.pdbx_R_split                     ? 
# 
_reflns_shell.d_res_high                  2.5 
_reflns_shell.d_res_low                   2.6 
_reflns_shell.meanI_over_sigI_all         ? 
_reflns_shell.meanI_over_sigI_obs         ? 
_reflns_shell.number_measured_all         ? 
_reflns_shell.number_measured_obs         ? 
_reflns_shell.number_possible             ? 
_reflns_shell.number_unique_all           ? 
_reflns_shell.number_unique_obs           611 
_reflns_shell.percent_possible_all        ? 
_reflns_shell.percent_possible_obs        ? 
_reflns_shell.Rmerge_F_all                ? 
_reflns_shell.Rmerge_F_obs                ? 
_reflns_shell.Rmerge_I_all                ? 
_reflns_shell.Rmerge_I_obs                ? 
_reflns_shell.meanI_over_sigI_gt          ? 
_reflns_shell.meanI_over_uI_all           ? 
_reflns_shell.meanI_over_uI_gt            ? 
_reflns_shell.number_measured_gt          ? 
_reflns_shell.number_unique_gt            ? 
_reflns_shell.percent_possible_gt         ? 
_reflns_shell.Rmerge_F_gt                 ? 
_reflns_shell.Rmerge_I_gt                 ? 
_reflns_shell.pdbx_redundancy             ? 
_reflns_shell.pdbx_Rsym_value             ? 
_reflns_shell.pdbx_chi_squared            ? 
_reflns_shell.pdbx_netI_over_sigmaI_all   ? 
_reflns_shell.pdbx_netI_over_sigmaI_obs   ? 
_reflns_shell.pdbx_Rrim_I_all             ? 
_reflns_shell.pdbx_Rpim_I_all             ? 
_reflns_shell.pdbx_rejects                ? 
_reflns_shell.pdbx_ordinal                1 
_reflns_shell.pdbx_diffrn_id              1 
_reflns_shell.pdbx_CC_half                0.817 
_reflns_shell.pdbx_R_split                ? 
# 
_refine.aniso_B[1][1]                            ? 
_refine.aniso_B[1][2]                            ? 
_refine.aniso_B[1][3]                            ? 
_refine.aniso_B[2][2]                            ? 
_refine.aniso_B[2][3]                            ? 
_refine.aniso_B[3][3]                            ? 
_refine.B_iso_max                                ? 
_refine.B_iso_mean                               28.98 
_refine.B_iso_min                                ? 
_refine.correlation_coeff_Fo_to_Fc               ? 
_refine.correlation_coeff_Fo_to_Fc_free          ? 
_refine.details                                  ? 
_refine.diff_density_max                         ? 
_refine.diff_density_max_esd                     ? 
_refine.diff_density_min                         ? 
_refine.diff_density_min_esd                     ? 
_refine.diff_density_rms                         ? 
_refine.diff_density_rms_esd                     ? 
_refine.entry_id                                 6U8I 
_refine.pdbx_refine_id                           'X-RAY DIFFRACTION' 
_refine.ls_abs_structure_details                 ? 
_refine.ls_abs_structure_Flack                   ? 
_refine.ls_abs_structure_Flack_esd               ? 
_refine.ls_abs_structure_Rogers                  ? 
_refine.ls_abs_structure_Rogers_esd              ? 
_refine.ls_d_res_high                            2.50 
_refine.ls_d_res_low                             34.89 
_refine.ls_extinction_coef                       ? 
_refine.ls_extinction_coef_esd                   ? 
_refine.ls_extinction_expression                 ? 
_refine.ls_extinction_method                     ? 
_refine.ls_goodness_of_fit_all                   ? 
_refine.ls_goodness_of_fit_all_esd               ? 
_refine.ls_goodness_of_fit_obs                   ? 
_refine.ls_goodness_of_fit_obs_esd               ? 
_refine.ls_hydrogen_treatment                    ? 
_refine.ls_matrix_type                           ? 
_refine.ls_number_constraints                    ? 
_refine.ls_number_parameters                     ? 
_refine.ls_number_reflns_all                     ? 
_refine.ls_number_reflns_obs                     5552 
_refine.ls_number_reflns_R_free                  269 
_refine.ls_number_reflns_R_work                  ? 
_refine.ls_number_restraints                     ? 
_refine.ls_percent_reflns_obs                    99.93 
_refine.ls_percent_reflns_R_free                 4.85 
_refine.ls_R_factor_all                          ? 
_refine.ls_R_factor_obs                          0.1917 
_refine.ls_R_factor_R_free                       0.2395 
_refine.ls_R_factor_R_free_error                 ? 
_refine.ls_R_factor_R_free_error_details         ? 
_refine.ls_R_factor_R_work                       0.1892 
_refine.ls_R_Fsqd_factor_obs                     ? 
_refine.ls_R_I_factor_obs                        ? 
_refine.ls_redundancy_reflns_all                 ? 
_refine.ls_redundancy_reflns_obs                 ? 
_refine.ls_restrained_S_all                      ? 
_refine.ls_restrained_S_obs                      ? 
_refine.ls_shift_over_esd_max                    ? 
_refine.ls_shift_over_esd_mean                   ? 
_refine.ls_structure_factor_coef                 ? 
_refine.ls_weighting_details                     ? 
_refine.ls_weighting_scheme                      ? 
_refine.ls_wR_factor_all                         ? 
_refine.ls_wR_factor_obs                         ? 
_refine.ls_wR_factor_R_free                      ? 
_refine.ls_wR_factor_R_work                      ? 
_refine.occupancy_max                            ? 
_refine.occupancy_min                            ? 
_refine.solvent_model_details                    ? 
_refine.solvent_model_param_bsol                 ? 
_refine.solvent_model_param_ksol                 ? 
_refine.ls_R_factor_gt                           ? 
_refine.ls_goodness_of_fit_gt                    ? 
_refine.ls_goodness_of_fit_ref                   ? 
_refine.ls_shift_over_su_max                     ? 
_refine.ls_shift_over_su_max_lt                  ? 
_refine.ls_shift_over_su_mean                    ? 
_refine.ls_shift_over_su_mean_lt                 ? 
_refine.pdbx_ls_sigma_I                          ? 
_refine.pdbx_ls_sigma_F                          1.34 
_refine.pdbx_ls_sigma_Fsqd                       ? 
_refine.pdbx_data_cutoff_high_absF               ? 
_refine.pdbx_data_cutoff_high_rms_absF           ? 
_refine.pdbx_data_cutoff_low_absF                ? 
_refine.pdbx_isotropic_thermal_model             ? 
_refine.pdbx_ls_cross_valid_method               'FREE R-VALUE' 
_refine.pdbx_method_to_determine_struct          'MOLECULAR REPLACEMENT' 
_refine.pdbx_starting_model                      5UUV 
_refine.pdbx_stereochemistry_target_values       ? 
_refine.pdbx_R_Free_selection_details            ? 
_refine.pdbx_stereochem_target_val_spec_case     ? 
_refine.pdbx_overall_ESU_R                       ? 
_refine.pdbx_overall_ESU_R_Free                  ? 
_refine.pdbx_solvent_vdw_probe_radii             1.1100 
_refine.pdbx_solvent_ion_probe_radii             ? 
_refine.pdbx_solvent_shrinkage_radii             0.9000 
_refine.pdbx_real_space_R                        ? 
_refine.pdbx_density_correlation                 ? 
_refine.pdbx_pd_number_of_powder_patterns        ? 
_refine.pdbx_pd_number_of_points                 ? 
_refine.pdbx_pd_meas_number_of_points            ? 
_refine.pdbx_pd_proc_ls_prof_R_factor            ? 
_refine.pdbx_pd_proc_ls_prof_wR_factor           ? 
_refine.pdbx_pd_Marquardt_correlation_coeff      ? 
_refine.pdbx_pd_Fsqrd_R_factor                   ? 
_refine.pdbx_pd_ls_matrix_band_width             ? 
_refine.pdbx_overall_phase_error                 16.3007 
_refine.pdbx_overall_SU_R_free_Cruickshank_DPI   ? 
_refine.pdbx_overall_SU_R_free_Blow_DPI          ? 
_refine.pdbx_overall_SU_R_Blow_DPI               ? 
_refine.pdbx_TLS_residual_ADP_flag               ? 
_refine.pdbx_diffrn_id                           1 
_refine.overall_SU_B                             ? 
_refine.overall_SU_ML                            0.2593 
_refine.overall_SU_R_Cruickshank_DPI             ? 
_refine.overall_SU_R_free                        ? 
_refine.overall_FOM_free_R_set                   ? 
_refine.overall_FOM_work_R_set                   ? 
_refine.pdbx_average_fsc_overall                 ? 
_refine.pdbx_average_fsc_work                    ? 
_refine.pdbx_average_fsc_free                    ? 
# 
_refine_hist.pdbx_refine_id                   'X-RAY DIFFRACTION' 
_refine_hist.cycle_id                         LAST 
_refine_hist.details                          ? 
_refine_hist.d_res_high                       2.50 
_refine_hist.d_res_low                        34.89 
_refine_hist.number_atoms_solvent             59 
_refine_hist.number_atoms_total               1067 
_refine_hist.number_reflns_all                ? 
_refine_hist.number_reflns_obs                ? 
_refine_hist.number_reflns_R_free             ? 
_refine_hist.number_reflns_R_work             ? 
_refine_hist.R_factor_all                     ? 
_refine_hist.R_factor_obs                     ? 
_refine_hist.R_factor_R_free                  ? 
_refine_hist.R_factor_R_work                  ? 
_refine_hist.pdbx_number_residues_total       ? 
_refine_hist.pdbx_B_iso_mean_ligand           ? 
_refine_hist.pdbx_B_iso_mean_solvent          ? 
_refine_hist.pdbx_number_atoms_protein        1007 
_refine_hist.pdbx_number_atoms_nucleic_acid   0 
_refine_hist.pdbx_number_atoms_ligand         1 
_refine_hist.pdbx_number_atoms_lipid          ? 
_refine_hist.pdbx_number_atoms_carb           ? 
_refine_hist.pdbx_pseudo_atom_details         ? 
# 
loop_
_refine_ls_restr.pdbx_refine_id 
_refine_ls_restr.criterion 
_refine_ls_restr.dev_ideal 
_refine_ls_restr.dev_ideal_target 
_refine_ls_restr.number 
_refine_ls_restr.rejects 
_refine_ls_restr.type 
_refine_ls_restr.weight 
_refine_ls_restr.pdbx_restraint_function 
'X-RAY DIFFRACTION' ? 0.0018  ? 1037 ? f_bond_d           ? ? 
'X-RAY DIFFRACTION' ? 0.4386  ? 1391 ? f_angle_d          ? ? 
'X-RAY DIFFRACTION' ? 0.0339  ? 139  ? f_chiral_restr     ? ? 
'X-RAY DIFFRACTION' ? 0.0032  ? 176  ? f_plane_restr      ? ? 
'X-RAY DIFFRACTION' ? 10.5303 ? 626  ? f_dihedral_angle_d ? ? 
# 
loop_
_refine_ls_shell.pdbx_refine_id 
_refine_ls_shell.d_res_high 
_refine_ls_shell.d_res_low 
_refine_ls_shell.number_reflns_all 
_refine_ls_shell.number_reflns_obs 
_refine_ls_shell.number_reflns_R_free 
_refine_ls_shell.number_reflns_R_work 
_refine_ls_shell.percent_reflns_obs 
_refine_ls_shell.percent_reflns_R_free 
_refine_ls_shell.R_factor_all 
_refine_ls_shell.R_factor_obs 
_refine_ls_shell.R_factor_R_free 
_refine_ls_shell.R_factor_R_free_error 
_refine_ls_shell.R_factor_R_work 
_refine_ls_shell.redundancy_reflns_all 
_refine_ls_shell.redundancy_reflns_obs 
_refine_ls_shell.wR_factor_all 
_refine_ls_shell.wR_factor_obs 
_refine_ls_shell.wR_factor_R_free 
_refine_ls_shell.wR_factor_R_work 
_refine_ls_shell.pdbx_total_number_of_bins_used 
_refine_ls_shell.pdbx_phase_error 
_refine_ls_shell.pdbx_fsc_work 
_refine_ls_shell.pdbx_fsc_free 
'X-RAY DIFFRACTION' 2.50 3.15  . . 144 2589 99.93 . . . 0.3003 . 0.2095 . . . . . . . . . . 
'X-RAY DIFFRACTION' 3.15 34.89 . . 125 2694 99.93 . . . 0.2072 . 0.1795 . . . . . . . . . . 
# 
_struct.entry_id                     6U8I 
_struct.title                        'BRD4-BD2 in complex with the cyclic peptide 3.2_2' 
_struct.pdbx_model_details           ? 
_struct.pdbx_formula_weight          ? 
_struct.pdbx_formula_weight_method   ? 
_struct.pdbx_model_type_details      ? 
_struct.pdbx_CASP_flag               N 
# 
_struct_keywords.entry_id        6U8I 
_struct_keywords.text            
'BET, bromodomain, macrocyclic peptide, BRD4, inhibitor, RaPID, Transcription-Inhibitor complex, TRANSCRIPTION' 
_struct_keywords.pdbx_keywords   Transcription/Inhibitor 
# 
loop_
_struct_asym.id 
_struct_asym.pdbx_blank_PDB_chainid_flag 
_struct_asym.pdbx_modified 
_struct_asym.entity_id 
_struct_asym.details 
A N N 1 ? 
B N N 2 ? 
C N N 3 ? 
D N N 4 ? 
E N N 4 ? 
# 
loop_
_struct_conf.conf_type_id 
_struct_conf.id 
_struct_conf.pdbx_PDB_helix_id 
_struct_conf.beg_label_comp_id 
_struct_conf.beg_label_asym_id 
_struct_conf.beg_label_seq_id 
_struct_conf.pdbx_beg_PDB_ins_code 
_struct_conf.end_label_comp_id 
_struct_conf.end_label_asym_id 
_struct_conf.end_label_seq_id 
_struct_conf.pdbx_end_PDB_ins_code 
_struct_conf.beg_auth_comp_id 
_struct_conf.beg_auth_asym_id 
_struct_conf.beg_auth_seq_id 
_struct_conf.end_auth_comp_id 
_struct_conf.end_auth_asym_id 
_struct_conf.end_auth_seq_id 
_struct_conf.pdbx_PDB_helix_class 
_struct_conf.details 
_struct_conf.pdbx_PDB_helix_length 
HELX_P HELX_P1 AA1 SER A 10 ? ALA A 25  ? SER A 351 ALA A 366 1 ? 16 
HELX_P HELX_P2 AA2 HIS A 28 ? TRP A 33  ? HIS A 369 TRP A 374 1 ? 6  
HELX_P HELX_P3 AA3 PRO A 34 ? TYR A 36  ? PRO A 375 TYR A 377 5 ? 3  
HELX_P HELX_P4 AA4 ASP A 40 ? GLY A 45  ? ASP A 381 GLY A 386 1 ? 6  
HELX_P HELX_P5 AA5 ASP A 48 ? ILE A 53  ? ASP A 389 ILE A 394 1 ? 6  
HELX_P HELX_P6 AA6 ASP A 58 ? ALA A 68  ? ASP A 399 ALA A 409 1 ? 11 
HELX_P HELX_P7 AA7 ASP A 73 ? ASN A 92  ? ASP A 414 ASN A 433 1 ? 20 
HELX_P HELX_P8 AA8 HIS A 96 ? LYS A 115 ? HIS A 437 LYS A 456 1 ? 20 
HELX_P HELX_P9 AA9 SER B 3  ? HIS B 13  ? SER B 2   HIS B 12  1 ? 11 
# 
_struct_conf_type.id          HELX_P 
_struct_conf_type.criteria    ? 
_struct_conf_type.reference   ? 
# 
loop_
_struct_conn.id 
_struct_conn.conn_type_id 
_struct_conn.pdbx_leaving_atom_flag 
_struct_conn.pdbx_PDB_id 
_struct_conn.ptnr1_label_asym_id 
_struct_conn.ptnr1_label_comp_id 
_struct_conn.ptnr1_label_seq_id 
_struct_conn.ptnr1_label_atom_id 
_struct_conn.pdbx_ptnr1_label_alt_id 
_struct_conn.pdbx_ptnr1_PDB_ins_code 
_struct_conn.pdbx_ptnr1_standard_comp_id 
_struct_conn.ptnr1_symmetry 
_struct_conn.ptnr2_label_asym_id 
_struct_conn.ptnr2_label_comp_id 
_struct_conn.ptnr2_label_seq_id 
_struct_conn.ptnr2_label_atom_id 
_struct_conn.pdbx_ptnr2_label_alt_id 
_struct_conn.pdbx_ptnr2_PDB_ins_code 
_struct_conn.ptnr1_auth_asym_id 
_struct_conn.ptnr1_auth_comp_id 
_struct_conn.ptnr1_auth_seq_id 
_struct_conn.ptnr2_auth_asym_id 
_struct_conn.ptnr2_auth_comp_id 
_struct_conn.ptnr2_auth_seq_id 
_struct_conn.ptnr2_symmetry 
_struct_conn.pdbx_ptnr3_label_atom_id 
_struct_conn.pdbx_ptnr3_label_seq_id 
_struct_conn.pdbx_ptnr3_label_comp_id 
_struct_conn.pdbx_ptnr3_label_asym_id 
_struct_conn.pdbx_ptnr3_label_alt_id 
_struct_conn.pdbx_ptnr3_PDB_ins_code 
_struct_conn.details 
_struct_conn.pdbx_dist_value 
_struct_conn.pdbx_value_order 
_struct_conn.pdbx_role 
covale1 covale both ? B ACE 1  C   ? ? ? 1_555 B TRP 2 N  ? ? B ACE 0  B TRP 1   1_555 ? ? ? ? ? ? ? 1.326 ? ? 
covale2 covale none ? B ACE 1  CH3 ? ? ? 1_555 B CYS 6 SG ? ? B ACE 0  B CYS 5   1_555 ? ? ? ? ? ? ? 1.765 ? ? 
covale3 covale both ? B LYS 7  C   ? ? ? 1_555 B ALY 8 N  ? ? B LYS 6  B ALY 7   1_555 ? ? ? ? ? ? ? 1.328 ? ? 
covale4 covale both ? B ALY 8  C   ? ? ? 1_555 B TYR 9 N  ? ? B ALY 7  B TYR 8   1_555 ? ? ? ? ? ? ? 1.330 ? ? 
covale5 covale both ? B HIS 13 C   ? ? ? 1_555 C NH2 . N  ? ? B HIS 12 B NH2 101 1_555 ? ? ? ? ? ? ? 1.430 ? ? 
# 
_struct_conn_type.id          covale 
_struct_conn_type.criteria    ? 
_struct_conn_type.reference   ? 
# 
_struct_site.id                   AC1 
_struct_site.pdbx_evidence_code   Software 
_struct_site.pdbx_auth_asym_id    B 
_struct_site.pdbx_auth_comp_id    NH2 
_struct_site.pdbx_auth_seq_id     101 
_struct_site.pdbx_auth_ins_code   ? 
_struct_site.pdbx_num_residues    3 
_struct_site.details              'binding site for residue NH2 B 101' 
# 
loop_
_struct_site_gen.id 
_struct_site_gen.site_id 
_struct_site_gen.pdbx_num_res 
_struct_site_gen.label_comp_id 
_struct_site_gen.label_asym_id 
_struct_site_gen.label_seq_id 
_struct_site_gen.pdbx_auth_ins_code 
_struct_site_gen.auth_comp_id 
_struct_site_gen.auth_asym_id 
_struct_site_gen.auth_seq_id 
_struct_site_gen.label_atom_id 
_struct_site_gen.label_alt_id 
_struct_site_gen.symmetry 
_struct_site_gen.details 
1 AC1 3 ASN B 10 ? ASN B 9  . ? 1_555 ? 
2 AC1 3 ILE B 12 ? ILE B 11 . ? 1_555 ? 
3 AC1 3 HIS B 13 ? HIS B 12 . ? 1_555 ? 
# 
_atom_sites.entry_id                    6U8I 
_atom_sites.Cartn_transf_matrix[1][1]   ? 
_atom_sites.Cartn_transf_matrix[1][2]   ? 
_atom_sites.Cartn_transf_matrix[1][3]   ? 
_atom_sites.Cartn_transf_matrix[2][1]   ? 
_atom_sites.Cartn_transf_matrix[2][2]   ? 
_atom_sites.Cartn_transf_matrix[2][3]   ? 
_atom_sites.Cartn_transf_matrix[3][1]   ? 
_atom_sites.Cartn_transf_matrix[3][2]   ? 
_atom_sites.Cartn_transf_matrix[3][3]   ? 
_atom_sites.Cartn_transf_vector[1]      ? 
_atom_sites.Cartn_transf_vector[2]      ? 
_atom_sites.Cartn_transf_vector[3]      ? 
_atom_sites.fract_transf_matrix[1][1]   0.00854225 
_atom_sites.fract_transf_matrix[1][2]   -0.00905080 
_atom_sites.fract_transf_matrix[1][3]   0.00710768 
_atom_sites.fract_transf_matrix[2][1]   -0.00220298 
_atom_sites.fract_transf_matrix[2][2]   -0.00997416 
_atom_sites.fract_transf_matrix[2][3]   -0.01005332 
_atom_sites.fract_transf_matrix[3][1]   0.02451353 
_atom_sites.fract_transf_matrix[3][2]   0.01063318 
_atom_sites.fract_transf_matrix[3][3]   -0.01592109 
_atom_sites.fract_transf_vector[1]      0.335770 
_atom_sites.fract_transf_vector[2]      -0.034982 
_atom_sites.fract_transf_vector[3]      -0.146996 
_atom_sites.solution_primary            ? 
_atom_sites.solution_secondary          ? 
_atom_sites.solution_hydrogens          ? 
_atom_sites.special_details             ? 
# 
loop_
_atom_type.symbol 
_atom_type.scat_dispersion_real 
_atom_type.scat_dispersion_imag 
_atom_type.scat_Cromer_Mann_a1 
_atom_type.scat_Cromer_Mann_a2 
_atom_type.scat_Cromer_Mann_a3 
_atom_type.scat_Cromer_Mann_a4 
_atom_type.scat_Cromer_Mann_b1 
_atom_type.scat_Cromer_Mann_b2 
_atom_type.scat_Cromer_Mann_b3 
_atom_type.scat_Cromer_Mann_b4 
_atom_type.scat_Cromer_Mann_c 
_atom_type.scat_source 
_atom_type.scat_dispersion_source 
C   ? ? 3.54356 2.42580 ? ? 25.62398 1.50364  ? ? 0.0 
;2-Gaussian fit: Grosse-Kunstleve RW, Sauter NK, Adams PD: Newsletter of the IUCr Commission on Crystallographic Computing 2004, 3, 22-31.
;
? 
N   ? ? 4.01032 2.96436 ? ? 19.97189 1.75589  ? ? 0.0 
;2-Gaussian fit: Grosse-Kunstleve RW, Sauter NK, Adams PD: Newsletter of the IUCr Commission on Crystallographic Computing 2004, 3, 22-31.
;
? 
O   ? ? 4.49882 3.47563 ? ? 15.80542 1.70748  ? ? 0.0 
;2-Gaussian fit: Grosse-Kunstleve RW, Sauter NK, Adams PD: Newsletter of the IUCr Commission on Crystallographic Computing 2004, 3, 22-31.
;
? 
O1- ? ? 5.12366 3.84317 ? ? 3.49406  27.47979 ? ? 0.0 
;2-Gaussian fit: Grosse-Kunstleve RW, Sauter NK, Adams PD: Newsletter of the IUCr Commission on Crystallographic Computing 2004, 3, 22-31.
;
? 
S   ? ? 9.55732 6.39887 ? ? 1.23737  29.19336 ? ? 0.0 
;2-Gaussian fit: Grosse-Kunstleve RW, Sauter NK, Adams PD: Newsletter of the IUCr Commission on Crystallographic Computing 2004, 3, 22-31.
;
? 
# 
loop_
_atom_site.group_PDB 
_atom_site.id 
_atom_site.type_symbol 
_atom_site.label_atom_id 
_atom_site.label_alt_id 
_atom_site.label_comp_id 
_atom_site.label_asym_id 
_atom_site.label_entity_id 
_atom_site.label_seq_id 
_atom_site.pdbx_PDB_ins_code 
_atom_site.Cartn_x 
_atom_site.Cartn_y 
_atom_site.Cartn_z 
_atom_site.occupancy 
_atom_site.B_iso_or_equiv 
_atom_site.pdbx_formal_charge 
_atom_site.auth_seq_id 
_atom_site.auth_comp_id 
_atom_site.auth_asym_id 
_atom_site.auth_atom_id 
_atom_site.pdbx_PDB_model_num 
ATOM   1    N N   . SER A 1 10  ? -3.52810  -1.25690  21.90482  1.000 26.65606 ?  351 SER A N   1 
ATOM   2    C CA  . SER A 1 10  ? -3.95741  0.11547   21.66528  1.000 32.08447 ?  351 SER A CA  1 
ATOM   3    C C   . SER A 1 10  ? -2.76013  1.02710   21.42430  1.000 32.36319 ?  351 SER A C   1 
ATOM   4    O O   . SER A 1 10  ? -2.76435  1.84142   20.50135  1.000 33.08870 ?  351 SER A O   1 
ATOM   5    C CB  . SER A 1 10  ? -4.78556  0.63393   22.84191  1.000 36.35490 ?  351 SER A CB  1 
ATOM   6    O OG  . SER A 1 10  ? -5.22578  1.96111   22.60832  1.000 49.12492 ?  351 SER A OG  1 
ATOM   7    N N   . GLU A 1 11  ? -1.73195  0.88896   22.26401  1.000 37.62493 ?  352 GLU A N   1 
ATOM   8    C CA  . GLU A 1 11  ? -0.52608  1.68632   22.07396  1.000 40.64861 ?  352 GLU A CA  1 
ATOM   9    C C   . GLU A 1 11  ? 0.23739   1.24932   20.83049  1.000 38.00138 ?  352 GLU A C   1 
ATOM   10   O O   . GLU A 1 11  ? 0.88684   2.07649   20.18095  1.000 36.14550 ?  352 GLU A O   1 
ATOM   11   C CB  . GLU A 1 11  ? 0.36596   1.59767   23.31191  1.000 42.17781 ?  352 GLU A CB  1 
ATOM   12   C CG  . GLU A 1 11  ? 1.31345   2.77543   23.47887  1.000 36.66417 ?  352 GLU A CG  1 
ATOM   13   C CD  . GLU A 1 11  ? 0.57951   4.09547   23.63167  1.000 55.40039 ?  352 GLU A CD  1 
ATOM   14   O OE1 . GLU A 1 11  ? 1.18134   5.15119   23.34136  1.000 60.32375 ?  352 GLU A OE1 1 
ATOM   15   O OE2 . GLU A 1 11  ? -0.60131  4.07761   24.03927  1.000 48.53107 -1 352 GLU A OE2 1 
ATOM   16   N N   . GLN A 1 12  ? 0.17048   -0.03759  20.48141  1.000 35.86483 ?  353 GLN A N   1 
ATOM   17   C CA  . GLN A 1 12  ? 0.77711   -0.49759  19.23826  1.000 38.90317 ?  353 GLN A CA  1 
ATOM   18   C C   . GLN A 1 12  ? -0.06064  -0.11858  18.02513  1.000 33.05511 ?  353 GLN A C   1 
ATOM   19   O O   . GLN A 1 12  ? 0.48552   0.04045   16.92792  1.000 29.37741 ?  353 GLN A O   1 
ATOM   20   C CB  . GLN A 1 12  ? 0.99305   -2.01141  19.27658  1.000 34.92792 ?  353 GLN A CB  1 
ATOM   21   C CG  . GLN A 1 12  ? 2.15244   -2.44795  20.15548  1.000 39.07587 ?  353 GLN A CG  1 
ATOM   22   C CD  . GLN A 1 12  ? 2.55215   -3.89103  19.91594  1.000 49.12202 ?  353 GLN A CD  1 
ATOM   23   O OE1 . GLN A 1 12  ? 1.82903   -4.64819  19.26834  1.000 52.43777 ?  353 GLN A OE1 1 
ATOM   24   N NE2 . GLN A 1 12  ? 3.71308   -4.27746  20.43308  1.000 48.80393 ?  353 GLN A NE2 1 
ATOM   25   N N   . LEU A 1 13  ? -1.37810  0.02442   18.19625  1.000 43.77217 ?  354 LEU A N   1 
ATOM   26   C CA  . LEU A 1 13  ? -2.20724  0.53017   17.10765  1.000 33.04669 ?  354 LEU A CA  1 
ATOM   27   C C   . LEU A 1 13  ? -1.89180  1.98743   16.80206  1.000 27.58237 ?  354 LEU A C   1 
ATOM   28   O O   . LEU A 1 13  ? -1.97825  2.40857   15.64295  1.000 29.51285 ?  354 LEU A O   1 
ATOM   29   C CB  . LEU A 1 13  ? -3.68905  0.36535   17.44560  1.000 25.67037 ?  354 LEU A CB  1 
ATOM   30   C CG  . LEU A 1 13  ? -4.26588  -1.04325  17.29201  1.000 32.88882 ?  354 LEU A CG  1 
ATOM   31   C CD1 . LEU A 1 13  ? -5.73020  -1.07430  17.70292  1.000 28.12001 ?  354 LEU A CD1 1 
ATOM   32   C CD2 . LEU A 1 13  ? -4.09790  -1.53396  15.86209  1.000 25.86253 ?  354 LEU A CD2 1 
ATOM   33   N N   . LYS A 1 14  ? -1.52841  2.76932   17.82256  1.000 26.50033 ?  355 LYS A N   1 
ATOM   34   C CA  . LYS A 1 14  ? -1.08135  4.13577   17.57959  1.000 32.74606 ?  355 LYS A CA  1 
ATOM   35   C C   . LYS A 1 14  ? 0.23056   4.15915   16.80840  1.000 34.23584 ?  355 LYS A C   1 
ATOM   36   O O   . LYS A 1 14  ? 0.45578   5.06471   15.99689  1.000 33.93501 ?  355 LYS A O   1 
ATOM   37   C CB  . LYS A 1 14  ? -0.93414  4.88764   18.90248  1.000 34.19816 ?  355 LYS A CB  1 
ATOM   38   C CG  . LYS A 1 14  ? -2.23508  5.06318   19.66728  1.000 46.34943 ?  355 LYS A CG  1 
ATOM   39   C CD  . LYS A 1 14  ? -1.99746  5.74036   21.00729  1.000 52.23761 ?  355 LYS A CD  1 
ATOM   40   C CE  . LYS A 1 14  ? -3.29609  5.91524   21.77775  1.000 45.93653 ?  355 LYS A CE  1 
ATOM   41   N NZ  . LYS A 1 14  ? -3.06792  6.52601   23.11665  1.000 57.26585 ?  355 LYS A NZ  1 
ATOM   42   N N   . CYS A 1 15  ? 1.10373   3.17749   17.04659  1.000 21.57719 ?  356 CYS A N   1 
ATOM   43   C CA  . CYS A 1 15  ? 2.33026   3.07683   16.26422  1.000 28.33586 ?  356 CYS A CA  1 
ATOM   44   C C   . CYS A 1 15  ? 2.02657   2.72192   14.81455  1.000 29.04737 ?  356 CYS A C   1 
ATOM   45   O O   . CYS A 1 15  ? 2.69762   3.20876   13.89717  1.000 25.46712 ?  356 CYS A O   1 
ATOM   46   C CB  . CYS A 1 15  ? 3.26759   2.04384   16.88806  1.000 28.92378 ?  356 CYS A CB  1 
ATOM   47   S SG  . CYS A 1 15  ? 3.75506   2.41942   18.58789  1.000 39.38544 ?  356 CYS A SG  1 
ATOM   48   N N   . CYS A 1 16  ? 1.01549   1.87820   14.58949  1.000 21.33589 ?  357 CYS A N   1 
ATOM   49   C CA  . CYS A 1 16  ? 0.61777   1.54479   13.22547  1.000 26.65924 ?  357 CYS A CA  1 
ATOM   50   C C   . CYS A 1 16  ? 0.13582   2.77934   12.47478  1.000 29.40750 ?  357 CYS A C   1 
ATOM   51   O O   . CYS A 1 16  ? 0.36830   2.91126   11.26721  1.000 29.05824 ?  357 CYS A O   1 
ATOM   52   C CB  . CYS A 1 16  ? -0.46797  0.47047   13.24391  1.000 28.57826 ?  357 CYS A CB  1 
ATOM   53   S SG  . CYS A 1 16  ? 0.06284   -1.10248  13.95161  1.000 29.50667 ?  357 CYS A SG  1 
ATOM   54   N N   . SER A 1 17  ? -0.54107  3.69506   13.17274  1.000 30.30213 ?  358 SER A N   1 
ATOM   55   C CA  . SER A 1 17  ? -0.94297  4.94749   12.54331  1.000 30.07863 ?  358 SER A CA  1 
ATOM   56   C C   . SER A 1 17  ? 0.26060   5.83158   12.24451  1.000 20.45610 ?  358 SER A C   1 
ATOM   57   O O   . SER A 1 17  ? 0.26608   6.55048   11.23883  1.000 28.02948 ?  358 SER A O   1 
ATOM   58   C CB  . SER A 1 17  ? -1.94133  5.68792   13.43257  1.000 20.30159 ?  358 SER A CB  1 
ATOM   59   O OG  A SER A 1 17  ? -2.34394  6.90835   12.83693  0.000 25.14904 ?  358 SER A OG  1 
ATOM   60   N N   . GLY A 1 18  ? 1.28494   5.79168   13.09762  1.000 21.02106 ?  359 GLY A N   1 
ATOM   61   C CA  . GLY A 1 18  ? 2.48758   6.56076   12.82539  1.000 27.18055 ?  359 GLY A CA  1 
ATOM   62   C C   . GLY A 1 18  ? 3.30529   5.97778   11.68897  1.000 26.94155 ?  359 GLY A C   1 
ATOM   63   O O   . GLY A 1 18  ? 3.92004   6.71503   10.91321  1.000 29.47344 ?  359 GLY A O   1 
ATOM   64   N N   . ILE A 1 19  ? 3.32753   4.64752   11.57651  1.000 22.52212 ?  360 ILE A N   1 
ATOM   65   C CA  . ILE A 1 19  ? 4.03361   4.00246   10.47215  1.000 24.75173 ?  360 ILE A CA  1 
ATOM   66   C C   . ILE A 1 19  ? 3.38490   4.37313   9.14539   1.000 30.38737 ?  360 ILE A C   1 
ATOM   67   O O   . ILE A 1 19  ? 4.06472   4.74436   8.18078   1.000 28.65138 ?  360 ILE A O   1 
ATOM   68   C CB  . ILE A 1 19  ? 4.06930   2.47711   10.67502  1.000 27.45728 ?  360 ILE A CB  1 
ATOM   69   C CG1 . ILE A 1 19  ? 4.89817   2.11906   11.90909  1.000 27.15805 ?  360 ILE A CG1 1 
ATOM   70   C CG2 . ILE A 1 19  ? 4.62541   1.78646   9.44031   1.000 24.05536 ?  360 ILE A CG2 1 
ATOM   71   C CD1 . ILE A 1 19  ? 4.82641   0.65790   12.28230  1.000 26.11507 ?  360 ILE A CD1 1 
ATOM   72   N N   . LEU A 1 20  ? 2.05437   4.28333   9.08044   1.000 23.50298 ?  361 LEU A N   1 
ATOM   73   C CA  . LEU A 1 20  ? 1.34864   4.66890   7.86461   1.000 20.40494 ?  361 LEU A CA  1 
ATOM   74   C C   . LEU A 1 20  ? 1.49898   6.15719   7.58156   1.000 23.64009 ?  361 LEU A C   1 
ATOM   75   O O   . LEU A 1 20  ? 1.48112   6.57328   6.41689   1.000 22.19720 ?  361 LEU A O   1 
ATOM   76   C CB  . LEU A 1 20  ? -0.12802  4.29364   7.97632   1.000 22.04435 ?  361 LEU A CB  1 
ATOM   77   C CG  . LEU A 1 20  ? -0.94709  4.40995   6.69119   1.000 20.09126 ?  361 LEU A CG  1 
ATOM   78   C CD1 . LEU A 1 20  ? -0.39718  3.47620   5.62467   1.000 20.92144 ?  361 LEU A CD1 1 
ATOM   79   C CD2 . LEU A 1 20  ? -2.40705  4.11082   6.96705   1.000 25.44585 ?  361 LEU A CD2 1 
ATOM   80   N N   . LYS A 1 21  ? 1.65210   6.97158   8.62855   1.000 24.31342 ?  362 LYS A N   1 
ATOM   81   C CA  . LYS A 1 21  ? 1.84654   8.40352   8.42863   1.000 25.81360 ?  362 LYS A CA  1 
ATOM   82   C C   . LYS A 1 21  ? 3.18128   8.68909   7.75050   1.000 24.89869 ?  362 LYS A C   1 
ATOM   83   O O   . LYS A 1 21  ? 3.25984   9.54531   6.86154   1.000 23.02784 ?  362 LYS A O   1 
ATOM   84   C CB  . LYS A 1 21  ? 1.74957   9.13732   9.76603   1.000 25.85635 ?  362 LYS A CB  1 
ATOM   85   C CG  . LYS A 1 21  ? 1.79902   10.65192  9.65213   1.000 26.47022 ?  362 LYS A CG  1 
ATOM   86   C CD  . LYS A 1 21  ? 1.66894   11.30942  11.01621  1.000 24.04560 ?  362 LYS A CD  1 
ATOM   87   C CE  . LYS A 1 21  ? 1.83257   12.81779  10.92134  1.000 38.23912 ?  362 LYS A CE  1 
ATOM   88   N NZ  . LYS A 1 21  ? 1.77874   13.46728  12.26171  1.000 36.24225 ?  362 LYS A NZ  1 
ATOM   89   N N   . GLU A 1 22  ? 4.24292   7.98330   8.15304   1.000 19.96901 ?  363 GLU A N   1 
ATOM   90   C CA  . GLU A 1 22  ? 5.52232   8.14204   7.46924   1.000 26.28785 ?  363 GLU A CA  1 
ATOM   91   C C   . GLU A 1 22  ? 5.48477   7.53939   6.07104   1.000 24.12327 ?  363 GLU A C   1 
ATOM   92   O O   . GLU A 1 22  ? 6.12546   8.06537   5.15413   1.000 26.34901 ?  363 GLU A O   1 
ATOM   93   C CB  . GLU A 1 22  ? 6.65194   7.51355   8.28570   1.000 23.85989 ?  363 GLU A CB  1 
ATOM   94   C CG  . GLU A 1 22  ? 8.02081   7.65514   7.63007   1.000 27.17411 ?  363 GLU A CG  1 
ATOM   95   C CD  . GLU A 1 22  ? 9.13071   6.99531   8.42147   1.000 36.72120 ?  363 GLU A CD  1 
ATOM   96   O OE1 . GLU A 1 22  ? 9.11151   7.08550   9.66658   1.000 46.40668 ?  363 GLU A OE1 1 
ATOM   97   O OE2 . GLU A 1 22  ? 10.02301  6.38430   7.79549   1.000 34.95525 -1 363 GLU A OE2 1 
ATOM   98   N N   . MET A 1 23  ? 4.74267   6.44404   5.88633   1.000 26.82128 ?  364 MET A N   1 
ATOM   99   C CA  . MET A 1 23  ? 4.56783   5.89115   4.54739   1.000 24.51769 ?  364 MET A CA  1 
ATOM   100  C C   . MET A 1 23  ? 3.89268   6.89165   3.61732   1.000 25.33560 ?  364 MET A C   1 
ATOM   101  O O   . MET A 1 23  ? 4.10144   6.84592   2.39920   1.000 20.02028 ?  364 MET A O   1 
ATOM   102  C CB  . MET A 1 23  ? 3.76487   4.59042   4.61707   1.000 17.53196 ?  364 MET A CB  1 
ATOM   103  C CG  . MET A 1 23  ? 4.49737   3.44699   5.30800   1.000 22.65825 ?  364 MET A CG  1 
ATOM   104  S SD  . MET A 1 23  ? 3.48193   1.97181   5.53854   1.000 20.84068 ?  364 MET A SD  1 
ATOM   105  C CE  . MET A 1 23  ? 3.13002   1.52912   3.83907   1.000 19.18443 ?  364 MET A CE  1 
ATOM   106  N N   . PHE A 1 24  ? 3.08895   7.80160   4.17029   1.000 20.59005 ?  365 PHE A N   1 
ATOM   107  C CA  . PHE A 1 24  ? 2.47997   8.88370   3.40856   1.000 20.56181 ?  365 PHE A CA  1 
ATOM   108  C C   . PHE A 1 24  ? 3.36238   10.12097  3.31417   1.000 19.43166 ?  365 PHE A C   1 
ATOM   109  O O   . PHE A 1 24  ? 3.06140   11.01406  2.51454   1.000 21.34374 ?  365 PHE A O   1 
ATOM   110  C CB  . PHE A 1 24  ? 1.13788   9.28864   4.03135   1.000 20.76634 ?  365 PHE A CB  1 
ATOM   111  C CG  . PHE A 1 24  ? -0.03787  8.51583   3.50924   1.000 22.32325 ?  365 PHE A CG  1 
ATOM   112  C CD1 . PHE A 1 24  ? -0.39605  8.59376   2.17302   1.000 27.55550 ?  365 PHE A CD1 1 
ATOM   113  C CD2 . PHE A 1 24  ? -0.80182  7.73285   4.35872   1.000 15.26106 ?  365 PHE A CD2 1 
ATOM   114  C CE1 . PHE A 1 24  ? -1.48369  7.88989   1.68915   1.000 22.48848 ?  365 PHE A CE1 1 
ATOM   115  C CE2 . PHE A 1 24  ? -1.89156  7.02903   3.88207   1.000 24.59973 ?  365 PHE A CE2 1 
ATOM   116  C CZ  . PHE A 1 24  ? -2.23357  7.10875   2.54535   1.000 23.99203 ?  365 PHE A CZ  1 
ATOM   117  N N   . ALA A 1 25  ? 4.43007   10.19759  4.10526   1.000 17.65889 ?  366 ALA A N   1 
ATOM   118  C CA  . ALA A 1 25  ? 5.23647   11.40612  4.17891   1.000 18.62194 ?  366 ALA A CA  1 
ATOM   119  C C   . ALA A 1 25  ? 5.93441   11.68554  2.84993   1.000 21.45277 ?  366 ALA A C   1 
ATOM   120  O O   . ALA A 1 25  ? 6.15635   10.79228  2.02743   1.000 20.87685 ?  366 ALA A O   1 
ATOM   121  C CB  . ALA A 1 25  ? 6.27020   11.29402  5.29968   1.000 17.73369 ?  366 ALA A CB  1 
ATOM   122  N N   . LYS A 1 26  ? 6.28655   12.95872  2.65223   1.000 20.28119 ?  367 LYS A N   1 
ATOM   123  C CA  . LYS A 1 26  ? 6.93220   13.38422  1.41584   1.000 26.31168 ?  367 LYS A CA  1 
ATOM   124  C C   . LYS A 1 26  ? 8.31475   12.76576  1.23949   1.000 27.25926 ?  367 LYS A C   1 
ATOM   125  O O   . LYS A 1 26  ? 8.82918   12.73685  0.11595   1.000 28.88487 ?  367 LYS A O   1 
ATOM   126  C CB  . LYS A 1 26  ? 7.02187   14.91422  1.37960   1.000 23.76233 ?  367 LYS A CB  1 
ATOM   127  C CG  . LYS A 1 26  ? 7.44935   15.50025  0.03901   1.000 31.25211 ?  367 LYS A CG  1 
ATOM   128  C CD  . LYS A 1 26  ? 6.54850   15.02318  -1.09293  1.000 40.83351 ?  367 LYS A CD  1 
ATOM   129  C CE  . LYS A 1 26  ? 5.14507   15.60316  -0.98471  1.000 45.09517 ?  367 LYS A CE  1 
ATOM   130  N NZ  . LYS A 1 26  ? 5.12013   17.06740  -1.25964  1.000 59.88948 ?  367 LYS A NZ  1 
ATOM   131  N N   . LYS A 1 27  ? 8.92056   12.25808  2.31583   1.000 26.13808 ?  368 LYS A N   1 
ATOM   132  C CA  . LYS A 1 27  ? 10.23782  11.64271  2.19660   1.000 26.51311 ?  368 LYS A CA  1 
ATOM   133  C C   . LYS A 1 27  ? 10.20111  10.39364  1.32367   1.000 25.41078 ?  368 LYS A C   1 
ATOM   134  O O   . LYS A 1 27  ? 11.19730  10.06591  0.66903   1.000 26.85658 ?  368 LYS A O   1 
ATOM   135  C CB  . LYS A 1 27  ? 10.78688  11.30107  3.58185   1.000 30.80456 ?  368 LYS A CB  1 
ATOM   136  C CG  . LYS A 1 27  ? 12.25909  10.93405  3.57892   1.000 37.02313 ?  368 LYS A CG  1 
ATOM   137  C CD  . LYS A 1 27  ? 12.55640  9.76929   4.50470   1.000 39.87574 ?  368 LYS A CD  1 
ATOM   138  C CE  . LYS A 1 27  ? 14.02293  9.38064   4.42053   1.000 47.04067 ?  368 LYS A CE  1 
ATOM   139  N NZ  . LYS A 1 27  ? 14.46269  9.21211   3.00594   1.000 42.94448 ?  368 LYS A NZ  1 
ATOM   140  N N   . HIS A 1 28  ? 9.06935   9.68979   1.29436   1.000 20.97815 ?  369 HIS A N   1 
ATOM   141  C CA  . HIS A 1 28  ? 8.93566   8.44744   0.54406   1.000 22.68692 ?  369 HIS A CA  1 
ATOM   142  C C   . HIS A 1 28  ? 8.03863   8.58498   -0.67986  1.000 28.91029 ?  369 HIS A C   1 
ATOM   143  O O   . HIS A 1 28  ? 7.77377   7.58297   -1.35255  1.000 29.83668 ?  369 HIS A O   1 
ATOM   144  C CB  . HIS A 1 28  ? 8.39406   7.33812   1.44967   1.000 23.40886 ?  369 HIS A CB  1 
ATOM   145  C CG  . HIS A 1 28  ? 9.17208   7.15142   2.71492   1.000 25.59665 ?  369 HIS A CG  1 
ATOM   146  N ND1 . HIS A 1 28  ? 10.43306  6.59629   2.73871   1.000 24.46754 ?  369 HIS A ND1 1 
ATOM   147  C CD2 . HIS A 1 28  ? 8.86335   7.43824   4.00183   1.000 22.44358 ?  369 HIS A CD2 1 
ATOM   148  C CE1 . HIS A 1 28  ? 10.86994  6.55417   3.98466   1.000 20.40871 ?  369 HIS A CE1 1 
ATOM   149  N NE2 . HIS A 1 28  ? 9.93617   7.05836   4.77094   1.000 23.75005 ?  369 HIS A NE2 1 
ATOM   150  N N   . ALA A 1 29  ? 7.57858   9.79977   -0.99332  1.000 23.57434 ?  370 ALA A N   1 
ATOM   151  C CA  . ALA A 1 29  ? 6.54136   9.96804   -2.00759  1.000 26.54793 ?  370 ALA A CA  1 
ATOM   152  C C   . ALA A 1 29  ? 6.99450   9.49941   -3.38504  1.000 24.11098 ?  370 ALA A C   1 
ATOM   153  O O   . ALA A 1 29  ? 6.16537   9.06449   -4.19284  1.000 24.50585 ?  370 ALA A O   1 
ATOM   154  C CB  . ALA A 1 29  ? 6.10007   11.43124  -2.06574  1.000 20.96851 ?  370 ALA A CB  1 
ATOM   155  N N   . ALA A 1 30  ? 8.29559   9.56828   -3.67234  1.000 20.28664 ?  371 ALA A N   1 
ATOM   156  C CA  . ALA A 1 30  ? 8.77276   9.22651   -5.00741  1.000 21.41550 ?  371 ALA A CA  1 
ATOM   157  C C   . ALA A 1 30  ? 8.57547   7.75371   -5.34429  1.000 28.97808 ?  371 ALA A C   1 
ATOM   158  O O   . ALA A 1 30  ? 8.51356   7.40824   -6.52931  1.000 26.49028 ?  371 ALA A O   1 
ATOM   159  C CB  . ALA A 1 30  ? 10.24563  9.60279   -5.15302  1.000 17.80854 ?  371 ALA A CB  1 
ATOM   160  N N   . TYR A 1 31  ? 8.47543   6.87945   -4.34051  1.000 23.25235 ?  372 TYR A N   1 
ATOM   161  C CA  . TYR A 1 31  ? 8.20146   5.47063   -4.57960  1.000 22.05364 ?  372 TYR A CA  1 
ATOM   162  C C   . TYR A 1 31  ? 6.95000   4.95653   -3.88238  1.000 24.45736 ?  372 TYR A C   1 
ATOM   163  O O   . TYR A 1 31  ? 6.53684   3.82438   -4.15749  1.000 28.09993 ?  372 TYR A O   1 
ATOM   164  C CB  . TYR A 1 31  ? 9.40156   4.60340   -4.16065  1.000 23.97542 ?  372 TYR A CB  1 
ATOM   165  C CG  . TYR A 1 31  ? 10.00518  4.96970   -2.82419  1.000 28.88670 ?  372 TYR A CG  1 
ATOM   166  C CD1 . TYR A 1 31  ? 9.48292   4.46549   -1.64027  1.000 25.52965 ?  372 TYR A CD1 1 
ATOM   167  C CD2 . TYR A 1 31  ? 11.10509  5.81419   -2.74793  1.000 25.37095 ?  372 TYR A CD2 1 
ATOM   168  C CE1 . TYR A 1 31  ? 10.03613  4.79901   -0.41744  1.000 23.88631 ?  372 TYR A CE1 1 
ATOM   169  C CE2 . TYR A 1 31  ? 11.66355  6.15216   -1.53204  1.000 19.64888 ?  372 TYR A CE2 1 
ATOM   170  C CZ  . TYR A 1 31  ? 11.12588  5.64342   -0.37120  1.000 20.49918 ?  372 TYR A CZ  1 
ATOM   171  O OH  . TYR A 1 31  ? 11.68246  5.98100   0.83944   1.000 28.52516 ?  372 TYR A OH  1 
ATOM   172  N N   . ALA A 1 32  ? 6.32709   5.74640   -3.00794  1.000 22.30731 ?  373 ALA A N   1 
ATOM   173  C CA  . ALA A 1 32  ? 5.14819   5.29085   -2.28324  1.000 21.56183 ?  373 ALA A CA  1 
ATOM   174  C C   . ALA A 1 32  ? 3.83583   5.71174   -2.93049  1.000 27.39163 ?  373 ALA A C   1 
ATOM   175  O O   . ALA A 1 32  ? 2.79070   5.14262   -2.59416  1.000 24.10664 ?  373 ALA A O   1 
ATOM   176  C CB  . ALA A 1 32  ? 5.17943   5.80655   -0.84143  1.000 18.49625 ?  373 ALA A CB  1 
ATOM   177  N N   . TRP A 1 33  ? 3.86276   6.67322   -3.85450  1.000 26.66131 ?  374 TRP A N   1 
ATOM   178  C CA  . TRP A 1 33  ? 2.61607   7.20837   -4.39413  1.000 19.23185 ?  374 TRP A CA  1 
ATOM   179  C C   . TRP A 1 33  ? 1.74056   6.19731   -5.14105  1.000 23.96639 ?  374 TRP A C   1 
ATOM   180  O O   . TRP A 1 33  ? 0.51004   6.37200   -5.10223  1.000 20.16161 ?  374 TRP A O   1 
ATOM   181  C CB  . TRP A 1 33  ? 2.91134   8.42558   -5.29021  1.000 17.33937 ?  374 TRP A CB  1 
ATOM   182  C CG  . TRP A 1 33  ? 3.58227   8.11108   -6.59210  1.000 20.25054 ?  374 TRP A CG  1 
ATOM   183  C CD1 . TRP A 1 33  ? 4.91515   8.19614   -6.86749  1.000 20.72245 ?  374 TRP A CD1 1 
ATOM   184  C CD2 . TRP A 1 33  ? 2.95072   7.66754   -7.80051  1.000 23.26196 ?  374 TRP A CD2 1 
ATOM   185  N NE1 . TRP A 1 33  ? 5.15453   7.82819   -8.16870  1.000 17.90371 ?  374 TRP A NE1 1 
ATOM   186  C CE2 . TRP A 1 33  ? 3.96536   7.49690   -8.76261  1.000 21.38861 ?  374 TRP A CE2 1 
ATOM   187  C CE3 . TRP A 1 33  ? 1.62701   7.39132   -8.15971  1.000 24.74828 ?  374 TRP A CE3 1 
ATOM   188  C CZ2 . TRP A 1 33  ? 3.69865   7.06612   -10.06060 1.000 20.29558 ?  374 TRP A CZ2 1 
ATOM   189  C CZ3 . TRP A 1 33  ? 1.36480   6.96113   -9.44795  1.000 23.23048 ?  374 TRP A CZ3 1 
ATOM   190  C CH2 . TRP A 1 33  ? 2.39577   6.80344   -10.38235 1.000 21.64627 ?  374 TRP A CH2 1 
ATOM   191  N N   . PRO A 1 34  ? 2.25629   5.16382   -5.82474  1.000 20.68265 ?  375 PRO A N   1 
ATOM   192  C CA  . PRO A 1 34  ? 1.34145   4.22597   -6.50308  1.000 23.70269 ?  375 PRO A CA  1 
ATOM   193  C C   . PRO A 1 34  ? 0.42116   3.46948   -5.55932  1.000 22.62058 ?  375 PRO A C   1 
ATOM   194  O O   . PRO A 1 34  ? -0.53349  2.83762   -6.03103  1.000 22.92717 ?  375 PRO A O   1 
ATOM   195  C CB  . PRO A 1 34  ? 2.29072   3.26442   -7.23168  1.000 18.93479 ?  375 PRO A CB  1 
ATOM   196  C CG  . PRO A 1 34  ? 3.54157   4.01979   -7.38597  1.000 21.02779 ?  375 PRO A CG  1 
ATOM   197  C CD  . PRO A 1 34  ? 3.65912   4.83617   -6.14237  1.000 19.72863 ?  375 PRO A CD  1 
ATOM   198  N N   . PHE A 1 35  ? 0.66843   3.51684   -4.25232  1.000 17.74918 ?  376 PHE A N   1 
ATOM   199  C CA  . PHE A 1 35  ? -0.11330  2.77146   -3.27738  1.000 19.23307 ?  376 PHE A CA  1 
ATOM   200  C C   . PHE A 1 35  ? -0.96787  3.67840   -2.40324  1.000 20.24708 ?  376 PHE A C   1 
ATOM   201  O O   . PHE A 1 35  ? -1.57902  3.20047   -1.44185  1.000 20.75322 ?  376 PHE A O   1 
ATOM   202  C CB  . PHE A 1 35  ? 0.82049   1.91862   -2.41794  1.000 22.62604 ?  376 PHE A CB  1 
ATOM   203  C CG  . PHE A 1 35  ? 1.92031   1.26410   -3.20327  1.000 22.54689 ?  376 PHE A CG  1 
ATOM   204  C CD1 . PHE A 1 35  ? 1.69797   0.07022   -3.86878  1.000 19.77263 ?  376 PHE A CD1 1 
ATOM   205  C CD2 . PHE A 1 35  ? 3.17113   1.85383   -3.29356  1.000 20.05769 ?  376 PHE A CD2 1 
ATOM   206  C CE1 . PHE A 1 35  ? 2.70498   -0.52854  -4.60067  1.000 20.08735 ?  376 PHE A CE1 1 
ATOM   207  C CE2 . PHE A 1 35  ? 4.18117   1.25945   -4.02340  1.000 17.21419 ?  376 PHE A CE2 1 
ATOM   208  C CZ  . PHE A 1 35  ? 3.94679   0.06823   -4.67854  1.000 15.71535 ?  376 PHE A CZ  1 
ATOM   209  N N   . TYR A 1 36  ? -1.03169  4.97353   -2.72346  1.000 20.24784 ?  377 TYR A N   1 
ATOM   210  C CA  . TYR A 1 36  ? -1.79787  5.91312   -1.91075  1.000 21.62068 ?  377 TYR A CA  1 
ATOM   211  C C   . TYR A 1 36  ? -3.28286  5.57061   -1.91510  1.000 26.22349 ?  377 TYR A C   1 
ATOM   212  O O   . TYR A 1 36  ? -3.91889  5.50259   -0.85723  1.000 22.45167 ?  377 TYR A O   1 
ATOM   213  C CB  . TYR A 1 36  ? -1.58721  7.34163   -2.41791  1.000 19.79068 ?  377 TYR A CB  1 
ATOM   214  C CG  . TYR A 1 36  ? -0.26701  7.97590   -2.03530  1.000 23.11327 ?  377 TYR A CG  1 
ATOM   215  C CD1 . TYR A 1 36  ? 0.59633   7.35930   -1.13774  1.000 24.75310 ?  377 TYR A CD1 1 
ATOM   216  C CD2 . TYR A 1 36  ? 0.10667   9.20522   -2.56339  1.000 16.91104 ?  377 TYR A CD2 1 
ATOM   217  C CE1 . TYR A 1 36  ? 1.80081   7.94720   -0.78655  1.000 14.92270 ?  377 TYR A CE1 1 
ATOM   218  C CE2 . TYR A 1 36  ? 1.30436   9.79907   -2.21869  1.000 17.55058 ?  377 TYR A CE2 1 
ATOM   219  C CZ  . TYR A 1 36  ? 2.14757   9.16708   -1.33090  1.000 18.79165 ?  377 TYR A CZ  1 
ATOM   220  O OH  . TYR A 1 36  ? 3.34075   9.76134   -0.99009  1.000 21.56772 ?  377 TYR A OH  1 
ATOM   221  N N   . LYS A 1 37  ? -3.85106  5.35426   -3.09549  1.000 21.79964 ?  378 LYS A N   1 
ATOM   222  C CA  . LYS A 1 37  ? -5.28668  5.24159   -3.28836  1.000 25.24488 ?  378 LYS A CA  1 
ATOM   223  C C   . LYS A 1 37  ? -5.64686  3.91910   -3.95860  1.000 25.67625 ?  378 LYS A C   1 
ATOM   224  O O   . LYS A 1 37  ? -4.77912  3.24648   -4.52915  1.000 22.25853 ?  378 LYS A O   1 
ATOM   225  C CB  . LYS A 1 37  ? -5.79589  6.42365   -4.12869  1.000 26.26870 ?  378 LYS A CB  1 
ATOM   226  C CG  . LYS A 1 37  ? -5.61174  7.76952   -3.44014  1.000 31.64479 ?  378 LYS A CG  1 
ATOM   227  C CD  . LYS A 1 37  ? -6.35987  8.88322   -4.15149  1.000 31.95872 ?  378 LYS A CD  1 
ATOM   228  C CE  . LYS A 1 37  ? -5.77285  9.16085   -5.52235  1.000 42.08861 ?  378 LYS A CE  1 
ATOM   229  N NZ  . LYS A 1 37  ? -6.42306  10.33561  -6.16387  1.000 38.21746 ?  378 LYS A NZ  1 
ATOM   230  N N   . PRO A 1 38  ? -6.91595  3.50278   -3.88857  1.000 19.29547 ?  379 PRO A N   1 
ATOM   231  C CA  . PRO A 1 38  ? -7.30329  2.22330   -4.49654  1.000 28.56129 ?  379 PRO A CA  1 
ATOM   232  C C   . PRO A 1 38  ? -7.03695  2.19667   -5.99370  1.000 26.99381 ?  379 PRO A C   1 
ATOM   233  O O   . PRO A 1 38  ? -7.11135  3.21646   -6.68294  1.000 31.87524 ?  379 PRO A O   1 
ATOM   234  C CB  . PRO A 1 38  ? -8.80504  2.12780   -4.20120  1.000 26.30957 ?  379 PRO A CB  1 
ATOM   235  C CG  . PRO A 1 38  ? -9.01233  2.98345   -3.00891  1.000 25.44634 ?  379 PRO A CG  1 
ATOM   236  C CD  . PRO A 1 38  ? -8.02494  4.10364   -3.12478  1.000 17.95794 ?  379 PRO A CD  1 
ATOM   237  N N   . VAL A 1 39  ? -6.72255  1.00326   -6.49150  1.000 29.88871 ?  380 VAL A N   1 
ATOM   238  C CA  . VAL A 1 39  ? -6.48702  0.80083   -7.91771  1.000 25.85694 ?  380 VAL A CA  1 
ATOM   239  C C   . VAL A 1 39  ? -7.83065  0.88877   -8.63628  1.000 31.31586 ?  380 VAL A C   1 
ATOM   240  O O   . VAL A 1 39  ? -8.64805  -0.03252  -8.55905  1.000 27.97261 ?  380 VAL A O   1 
ATOM   241  C CB  . VAL A 1 39  ? -5.79571  -0.53992  -8.18856  1.000 28.80802 ?  380 VAL A CB  1 
ATOM   242  C CG1 . VAL A 1 39  ? -5.60523  -0.74733  -9.68180  1.000 25.80063 ?  380 VAL A CG1 1 
ATOM   243  C CG2 . VAL A 1 39  ? -4.46005  -0.60532  -7.46087  1.000 23.28039 ?  380 VAL A CG2 1 
ATOM   244  N N   . ASP A 1 40  ? -8.06503  2.00140   -9.32821  1.000 33.16947 ?  381 ASP A N   1 
ATOM   245  C CA  . ASP A 1 40  ? -9.29806  2.20715   -10.08522 1.000 29.48795 ?  381 ASP A CA  1 
ATOM   246  C C   . ASP A 1 40  ? -9.20279  1.39486   -11.37051 1.000 30.52309 ?  381 ASP A C   1 
ATOM   247  O O   . ASP A 1 40  ? -8.60481  1.83547   -12.35433 1.000 26.88946 ?  381 ASP A O   1 
ATOM   248  C CB  . ASP A 1 40  ? -9.50488  3.69034   -10.37229 1.000 33.95944 ?  381 ASP A CB  1 
ATOM   249  C CG  . ASP A 1 40  ? -10.92120 4.01307   -10.81340 1.000 31.15450 ?  381 ASP A CG  1 
ATOM   250  O OD1 . ASP A 1 40  ? -11.55610 3.16794   -11.47807 1.000 37.40486 ?  381 ASP A OD1 1 
ATOM   251  O OD2 . ASP A 1 40  ? -11.40089 5.12028   -10.49241 1.000 41.38164 -1 381 ASP A OD2 1 
ATOM   252  N N   . VAL A 1 41  ? -9.80200  0.20081   -11.36790 1.000 30.98147 ?  382 VAL A N   1 
ATOM   253  C CA  . VAL A 1 41  ? -9.66813  -0.69434  -12.51416 1.000 33.69590 ?  382 VAL A CA  1 
ATOM   254  C C   . VAL A 1 41  ? -10.34897 -0.11405  -13.74634 1.000 28.24692 ?  382 VAL A C   1 
ATOM   255  O O   . VAL A 1 41  ? -9.91923  -0.36986  -14.87786 1.000 32.88615 ?  382 VAL A O   1 
ATOM   256  C CB  . VAL A 1 41  ? -10.21794 -2.09261  -12.17277 1.000 24.34732 ?  382 VAL A CB  1 
ATOM   257  C CG1 . VAL A 1 41  ? -9.47312  -2.67709  -10.98456 1.000 23.69359 ?  382 VAL A CG1 1 
ATOM   258  C CG2 . VAL A 1 41  ? -11.71319 -2.03455  -11.89461 1.000 25.37396 ?  382 VAL A CG2 1 
ATOM   259  N N   . GLU A 1 42  ? -11.40442 0.67999   -13.55774 1.000 30.91738 ?  383 GLU A N   1 
ATOM   260  C CA  . GLU A 1 42  ? -12.11529 1.24952   -14.69598 1.000 34.52839 ?  383 GLU A CA  1 
ATOM   261  C C   . GLU A 1 42  ? -11.35486 2.42478   -15.29914 1.000 39.79318 ?  383 GLU A C   1 
ATOM   262  O O   . GLU A 1 42  ? -11.25410 2.53590   -16.52665 1.000 35.75417 ?  383 GLU A O   1 
ATOM   263  C CB  . GLU A 1 42  ? -13.52107 1.68149   -14.27303 1.000 29.08230 ?  383 GLU A CB  1 
ATOM   264  C CG  . GLU A 1 42  ? -14.42602 2.10686   -15.42363 1.000 39.64738 ?  383 GLU A CG  1 
ATOM   265  C CD  . GLU A 1 42  ? -14.28354 3.57619   -15.78310 1.000 56.32185 ?  383 GLU A CD  1 
ATOM   266  O OE1 . GLU A 1 42  ? -13.77153 4.35049   -14.94581 1.000 49.84402 ?  383 GLU A OE1 1 
ATOM   267  O OE2 . GLU A 1 42  ? -14.68425 3.95581   -16.90447 1.000 52.78121 -1 383 GLU A OE2 1 
ATOM   268  N N   . ALA A 1 43  ? -10.81647 3.31278   -14.45744 1.000 32.16702 ?  384 ALA A N   1 
ATOM   269  C CA  . ALA A 1 43  ? -10.13480 4.49213   -14.97923 1.000 27.88946 ?  384 ALA A CA  1 
ATOM   270  C C   . ALA A 1 43  ? -8.75510  4.15145   -15.52818 1.000 26.85519 ?  384 ALA A C   1 
ATOM   271  O O   . ALA A 1 43  ? -8.29354  4.79231   -16.47882 1.000 32.79797 ?  384 ALA A O   1 
ATOM   272  C CB  . ALA A 1 43  ? -10.02371 5.55983   -13.89252 1.000 31.25791 ?  384 ALA A CB  1 
ATOM   273  N N   . LEU A 1 44  ? -8.08534  3.15332   -14.95262 1.000 27.00708 ?  385 LEU A N   1 
ATOM   274  C CA  . LEU A 1 44  ? -6.73555  2.78880   -15.36144 1.000 31.50690 ?  385 LEU A CA  1 
ATOM   275  C C   . LEU A 1 44  ? -6.70180  1.78285   -16.50357 1.000 33.06587 ?  385 LEU A C   1 
ATOM   276  O O   . LEU A 1 44  ? -5.61911  1.51246   -17.03400 1.000 33.97939 ?  385 LEU A O   1 
ATOM   277  C CB  . LEU A 1 44  ? -5.96220  2.22782   -14.16485 1.000 32.17738 ?  385 LEU A CB  1 
ATOM   278  C CG  . LEU A 1 44  ? -5.75707  3.20808   -13.01025 1.000 37.01901 ?  385 LEU A CG  1 
ATOM   279  C CD1 . LEU A 1 44  ? -5.25415  2.47778   -11.77863 1.000 25.98286 ?  385 LEU A CD1 1 
ATOM   280  C CD2 . LEU A 1 44  ? -4.79684  4.31412   -13.41924 1.000 28.79582 ?  385 LEU A CD2 1 
ATOM   281  N N   . GLY A 1 45  ? -7.84402  1.22584   -16.89184 1.000 27.45383 ?  386 GLY A N   1 
ATOM   282  C CA  . GLY A 1 45  ? -7.86948  0.25940   -17.97683 1.000 24.44115 ?  386 GLY A CA  1 
ATOM   283  C C   . GLY A 1 45  ? -7.19779  -1.05722  -17.65264 1.000 31.05910 ?  386 GLY A C   1 
ATOM   284  O O   . GLY A 1 45  ? -6.53878  -1.64248  -18.52144 1.000 41.23987 ?  386 GLY A O   1 
ATOM   285  N N   . LEU A 1 46  ? -7.34302  -1.53735  -16.41732 1.000 33.77678 ?  387 LEU A N   1 
ATOM   286  C CA  . LEU A 1 46  ? -6.78203  -2.82247  -16.00193 1.000 34.97311 ?  387 LEU A CA  1 
ATOM   287  C C   . LEU A 1 46  ? -7.91884  -3.84103  -15.98109 1.000 29.75566 ?  387 LEU A C   1 
ATOM   288  O O   . LEU A 1 46  ? -8.42307  -4.23987  -14.93091 1.000 29.93731 ?  387 LEU A O   1 
ATOM   289  C CB  . LEU A 1 46  ? -6.09721  -2.69474  -14.64508 1.000 28.99118 ?  387 LEU A CB  1 
ATOM   290  C CG  . LEU A 1 46  ? -5.03074  -1.60127  -14.54471 1.000 29.45743 ?  387 LEU A CG  1 
ATOM   291  C CD1 . LEU A 1 46  ? -4.47773  -1.51140  -13.13130 1.000 27.75165 ?  387 LEU A CD1 1 
ATOM   292  C CD2 . LEU A 1 46  ? -3.91264  -1.84517  -15.54774 1.000 22.31432 ?  387 LEU A CD2 1 
ATOM   293  N N   . HIS A 1 47  ? -8.31971  -4.26847  -17.17730 1.000 30.94055 ?  388 HIS A N   1 
ATOM   294  C CA  . HIS A 1 47  ? -9.50927  -5.09038  -17.36124 1.000 35.20790 ?  388 HIS A CA  1 
ATOM   295  C C   . HIS A 1 47  ? -9.30155  -6.54741  -16.97171 1.000 34.81806 ?  388 HIS A C   1 
ATOM   296  O O   . HIS A 1 47  ? -10.18044 -7.37459  -17.23546 1.000 39.41957 ?  388 HIS A O   1 
ATOM   297  C CB  . HIS A 1 47  ? -9.98155  -4.99849  -18.81341 1.000 28.69351 ?  388 HIS A CB  1 
ATOM   298  C CG  . HIS A 1 47  ? -10.20445 -3.59541  -19.28307 1.000 27.48238 ?  388 HIS A CG  1 
ATOM   299  N ND1 . HIS A 1 47  ? -9.26555  -2.89540  -20.00970 1.000 27.23529 ?  388 HIS A ND1 1 
ATOM   300  C CD2 . HIS A 1 47  ? -11.25476 -2.75693  -19.11908 1.000 30.74158 ?  388 HIS A CD2 1 
ATOM   301  C CE1 . HIS A 1 47  ? -9.73117  -1.68904  -20.28056 1.000 30.04647 ?  388 HIS A CE1 1 
ATOM   302  N NE2 . HIS A 1 47  ? -10.93617 -1.57920  -19.75076 1.000 36.20286 ?  388 HIS A NE2 1 
ATOM   303  N N   . ASP A 1 48  ? -8.16766  -6.88353  -16.36017 1.000 38.24027 ?  389 ASP A N   1 
ATOM   304  C CA  . ASP A 1 48  ? -7.93249  -8.22070  -15.83228 1.000 32.41643 ?  389 ASP A CA  1 
ATOM   305  C C   . ASP A 1 48  ? -7.58800  -8.19818  -14.35041 1.000 36.24500 ?  389 ASP A C   1 
ATOM   306  O O   . ASP A 1 48  ? -7.26504  -9.24890  -13.78474 1.000 44.31104 ?  389 ASP A O   1 
ATOM   307  C CB  . ASP A 1 48  ? -6.81291  -8.91557  -16.61271 1.000 32.88116 ?  389 ASP A CB  1 
ATOM   308  C CG  . ASP A 1 48  ? -5.52410  -8.11654  -16.62190 1.000 38.20376 ?  389 ASP A CG  1 
ATOM   309  O OD1 . ASP A 1 48  ? -5.55255  -6.92992  -16.23875 1.000 37.63366 ?  389 ASP A OD1 1 
ATOM   310  O OD2 . ASP A 1 48  ? -4.47889  -8.67664  -17.01587 1.000 47.63753 -1 389 ASP A OD2 1 
ATOM   311  N N   . TYR A 1 49  ? -7.65012  -7.02780  -13.71125 1.000 28.70337 ?  390 TYR A N   1 
ATOM   312  C CA  . TYR A 1 49  ? -7.19735  -6.89233  -12.33078 1.000 28.02347 ?  390 TYR A CA  1 
ATOM   313  C C   . TYR A 1 49  ? -8.11372  -7.63931  -11.36885 1.000 29.28180 ?  390 TYR A C   1 
ATOM   314  O O   . TYR A 1 49  ? -7.64198  -8.37003  -10.49010 1.000 30.47560 ?  390 TYR A O   1 
ATOM   315  C CB  . TYR A 1 49  ? -7.11114  -5.40914  -11.96096 1.000 29.95210 ?  390 TYR A CB  1 
ATOM   316  C CG  . TYR A 1 49  ? -6.38210  -5.14107  -10.66591 1.000 23.39164 ?  390 TYR A CG  1 
ATOM   317  C CD1 . TYR A 1 49  ? -4.99934  -5.01279  -10.64043 1.000 23.12331 ?  390 TYR A CD1 1 
ATOM   318  C CD2 . TYR A 1 49  ? -7.07443  -5.01683  -9.46839  1.000 18.68408 ?  390 TYR A CD2 1 
ATOM   319  C CE1 . TYR A 1 49  ? -4.32574  -4.77078  -9.45764  1.000 25.94775 ?  390 TYR A CE1 1 
ATOM   320  C CE2 . TYR A 1 49  ? -6.40952  -4.77308  -8.28037  1.000 18.64054 ?  390 TYR A CE2 1 
ATOM   321  C CZ  . TYR A 1 49  ? -5.03517  -4.65145  -8.28030  1.000 28.54278 ?  390 TYR A CZ  1 
ATOM   322  O OH  . TYR A 1 49  ? -4.36702  -4.41147  -7.10015  1.000 23.51488 ?  390 TYR A OH  1 
ATOM   323  N N   . CYS A 1 50  ? -9.43016  -7.46615  -11.51576 1.000 36.95258 ?  391 CYS A N   1 
ATOM   324  C CA  . CYS A 1 50  ? -10.36671 -8.10727  -10.59911 1.000 31.04123 ?  391 CYS A CA  1 
ATOM   325  C C   . CYS A 1 50  ? -10.37139 -9.62440  -10.73466 1.000 30.87963 ?  391 CYS A C   1 
ATOM   326  O O   . CYS A 1 50  ? -10.73956 -10.31628 -9.77947  1.000 39.74290 ?  391 CYS A O   1 
ATOM   327  C CB  . CYS A 1 50  ? -11.77752 -7.55774  -10.81296 1.000 28.28154 ?  391 CYS A CB  1 
ATOM   328  S SG  . CYS A 1 50  ? -11.99990 -5.84904  -10.25614 1.000 41.73258 ?  391 CYS A SG  1 
ATOM   329  N N   . ASP A 1 51  ? -9.97427  -10.15702 -11.89157 1.000 29.72138 ?  392 ASP A N   1 
ATOM   330  C CA  . ASP A 1 51  ? -9.84011  -11.60190 -12.03258 1.000 32.12779 ?  392 ASP A CA  1 
ATOM   331  C C   . ASP A 1 51  ? -8.59233  -12.12386 -11.33462 1.000 39.27717 ?  392 ASP A C   1 
ATOM   332  O O   . ASP A 1 51  ? -8.58286  -13.26407 -10.85782 1.000 38.78122 ?  392 ASP A O   1 
ATOM   333  C CB  . ASP A 1 51  ? -9.80781  -11.98767 -13.51175 1.000 29.64045 ?  392 ASP A CB  1 
ATOM   334  C CG  . ASP A 1 51  ? -11.04607 -11.53949 -14.25576 1.000 41.44923 ?  392 ASP A CG  1 
ATOM   335  O OD1 . ASP A 1 51  ? -12.14244 -11.56723 -13.65745 1.000 45.69591 ?  392 ASP A OD1 1 
ATOM   336  O OD2 . ASP A 1 51  ? -10.92238 -11.15556 -15.43787 1.000 55.93225 -1 392 ASP A OD2 1 
ATOM   337  N N   . ILE A 1 52  ? -7.54238  -11.31148 -11.26493 1.000 34.95449 ?  393 ILE A N   1 
ATOM   338  C CA  . ILE A 1 52  ? -6.29301  -11.72422 -10.63652 1.000 30.77903 ?  393 ILE A CA  1 
ATOM   339  C C   . ILE A 1 52  ? -6.26645  -11.35653 -9.15874  1.000 29.65788 ?  393 ILE A C   1 
ATOM   340  O O   . ILE A 1 52  ? -5.86095  -12.16329 -8.31908  1.000 34.69275 ?  393 ILE A O   1 
ATOM   341  C CB  . ILE A 1 52  ? -5.10516  -11.10260 -11.39774 1.000 33.52099 ?  393 ILE A CB  1 
ATOM   342  C CG1 . ILE A 1 52  ? -5.08432  -11.60169 -12.84468 1.000 25.48218 ?  393 ILE A CG1 1 
ATOM   343  C CG2 . ILE A 1 52  ? -3.79168  -11.41275 -10.69635 1.000 18.97743 ?  393 ILE A CG2 1 
ATOM   344  C CD1 . ILE A 1 52  ? -4.08476  -10.88404 -13.72604 1.000 25.03289 ?  393 ILE A CD1 1 
ATOM   345  N N   . ILE A 1 53  ? -6.70494  -10.15139 -8.81668  1.000 30.56606 ?  394 ILE A N   1 
ATOM   346  C CA  . ILE A 1 53  ? -6.67543  -9.66025  -7.44488  1.000 34.97382 ?  394 ILE A CA  1 
ATOM   347  C C   . ILE A 1 53  ? -8.08087  -9.78356  -6.87195  1.000 32.56935 ?  394 ILE A C   1 
ATOM   348  O O   . ILE A 1 53  ? -8.99278  -9.05184  -7.27190  1.000 34.64775 ?  394 ILE A O   1 
ATOM   349  C CB  . ILE A 1 53  ? -6.16874  -8.21451  -7.37649  1.000 29.90780 ?  394 ILE A CB  1 
ATOM   350  C CG1 . ILE A 1 53  ? -4.79089  -8.10420  -8.03456  1.000 25.17898 ?  394 ILE A CG1 1 
ATOM   351  C CG2 . ILE A 1 53  ? -6.12812  -7.73306  -5.93457  1.000 26.29133 ?  394 ILE A CG2 1 
ATOM   352  C CD1 . ILE A 1 53  ? -3.75562  -9.03827  -7.44831  1.000 26.30738 ?  394 ILE A CD1 1 
ATOM   353  N N   . LYS A 1 54  ? -8.25889  -10.70852 -5.92949  1.000 33.80952 ?  395 LYS A N   1 
ATOM   354  C CA  . LYS A 1 54  ? -9.55168  -10.90809 -5.28936  1.000 30.39344 ?  395 LYS A CA  1 
ATOM   355  C C   . LYS A 1 54  ? -9.74433  -10.04830 -4.04881  1.000 33.28292 ?  395 LYS A C   1 
ATOM   356  O O   . LYS A 1 54  ? -10.89016 -9.81119  -3.64998  1.000 40.10491 ?  395 LYS A O   1 
ATOM   357  C CB  . LYS A 1 54  ? -9.73574  -12.38252 -4.91415  1.000 31.51707 ?  395 LYS A CB  1 
ATOM   358  C CG  . LYS A 1 54  ? -10.68689 -13.14499 -5.82396  1.000 39.50328 ?  395 LYS A CG  1 
ATOM   359  C CD  . LYS A 1 54  ? -10.24871 -13.07716 -7.27819  1.000 47.22507 ?  395 LYS A CD  1 
ATOM   360  C CE  . LYS A 1 54  ? -11.21340 -13.83406 -8.17865  1.000 56.00900 ?  395 LYS A CE  1 
ATOM   361  N NZ  . LYS A 1 54  ? -12.60098 -13.29966 -8.08170  1.000 46.67355 ?  395 LYS A NZ  1 
ATOM   362  N N   . HIS A 1 55  ? -8.66195  -9.57702  -3.43229  1.000 33.18631 ?  396 HIS A N   1 
ATOM   363  C CA  . HIS A 1 55  ? -8.72711  -8.76614  -2.21688  1.000 31.71308 ?  396 HIS A CA  1 
ATOM   364  C C   . HIS A 1 55  ? -7.80948  -7.56286  -2.38213  1.000 27.19789 ?  396 HIS A C   1 
ATOM   365  O O   . HIS A 1 55  ? -6.66702  -7.56470  -1.90297  1.000 28.93341 ?  396 HIS A O   1 
ATOM   366  C CB  . HIS A 1 55  ? -8.34682  -9.58728  -0.98403  1.000 33.71345 ?  396 HIS A CB  1 
ATOM   367  C CG  . HIS A 1 55  ? -9.13164  -10.85341 -0.83708  1.000 36.87700 ?  396 HIS A CG  1 
ATOM   368  N ND1 . HIS A 1 55  ? -10.41148 -10.88112 -0.32637  1.000 36.70992 ?  396 HIS A ND1 1 
ATOM   369  C CD2 . HIS A 1 55  ? -8.81785  -12.13638 -1.13549  1.000 24.34508 ?  396 HIS A CD2 1 
ATOM   370  C CE1 . HIS A 1 55  ? -10.85207 -12.12657 -0.31586  1.000 37.40058 ?  396 HIS A CE1 1 
ATOM   371  N NE2 . HIS A 1 55  ? -9.90421  -12.90790 -0.80144  1.000 38.11235 ?  396 HIS A NE2 1 
ATOM   372  N N   . PRO A 1 56  ? -8.27675  -6.51492  -3.05478  1.000 33.41672 ?  397 PRO A N   1 
ATOM   373  C CA  . PRO A 1 56  ? -7.45093  -5.31499  -3.21471  1.000 28.42549 ?  397 PRO A CA  1 
ATOM   374  C C   . PRO A 1 56  ? -7.27282  -4.58750  -1.89189  1.000 20.76317 ?  397 PRO A C   1 
ATOM   375  O O   . PRO A 1 56  ? -8.07369  -4.71610  -0.96343  1.000 21.43397 ?  397 PRO A O   1 
ATOM   376  C CB  . PRO A 1 56  ? -8.24624  -4.46675  -4.21191  1.000 25.28710 ?  397 PRO A CB  1 
ATOM   377  C CG  . PRO A 1 56  ? -9.66240  -4.89726  -4.00868  1.000 20.90761 ?  397 PRO A CG  1 
ATOM   378  C CD  . PRO A 1 56  ? -9.60080  -6.36603  -3.68444  1.000 25.66768 ?  397 PRO A CD  1 
ATOM   379  N N   . MET A 1 57  ? -6.19390  -3.81137  -1.81792  1.000 24.58280 ?  398 MET A N   1 
ATOM   380  C CA  . MET A 1 57  ? -5.89208  -3.04300  -0.61901  1.000 21.84808 ?  398 MET A CA  1 
ATOM   381  C C   . MET A 1 57  ? -4.96707  -1.89327  -0.98935  1.000 24.94491 ?  398 MET A C   1 
ATOM   382  O O   . MET A 1 57  ? -4.12208  -2.02058  -1.87981  1.000 20.94579 ?  398 MET A O   1 
ATOM   383  C CB  . MET A 1 57  ? -5.25556  -3.92213  0.46506   1.000 15.95733 ?  398 MET A CB  1 
ATOM   384  C CG  . MET A 1 57  ? -5.08672  -3.23563  1.81244   1.000 23.06763 ?  398 MET A CG  1 
ATOM   385  S SD  . MET A 1 57  ? -6.63628  -2.57951  2.46558   1.000 28.89152 ?  398 MET A SD  1 
ATOM   386  C CE  . MET A 1 57  ? -7.65946  -4.05100  2.46409   1.000 17.45873 ?  398 MET A CE  1 
ATOM   387  N N   . ASP A 1 58  ? -5.14198  -0.76929  -0.29756  1.000 22.72440 ?  399 ASP A N   1 
ATOM   388  C CA  . ASP A 1 58  ? -4.32555  0.41270   -0.52755  1.000 18.30295 ?  399 ASP A CA  1 
ATOM   389  C C   . ASP A 1 58  ? -4.10740  1.12858   0.79733   1.000 23.32376 ?  399 ASP A C   1 
ATOM   390  O O   . ASP A 1 58  ? -4.74185  0.81785   1.80867   1.000 18.56919 ?  399 ASP A O   1 
ATOM   391  C CB  . ASP A 1 58  ? -4.97614  1.35722   -1.53925  1.000 27.26833 ?  399 ASP A CB  1 
ATOM   392  C CG  . ASP A 1 58  ? -6.30338  1.89555   -1.05231  1.000 25.35148 ?  399 ASP A CG  1 
ATOM   393  O OD1 . ASP A 1 58  ? -7.29323  1.13431   -1.06338  1.000 24.96813 ?  399 ASP A OD1 1 
ATOM   394  O OD2 . ASP A 1 58  ? -6.34972  3.07177   -0.63460  1.000 22.14566 -1 399 ASP A OD2 1 
ATOM   395  N N   . MET A 1 59  ? -3.20559  2.11426   0.77338   1.000 21.91796 ?  400 MET A N   1 
ATOM   396  C CA  . MET A 1 59  ? -2.87900  2.85309   1.98908   1.000 22.56186 ?  400 MET A CA  1 
ATOM   397  C C   . MET A 1 59  ? -4.05223  3.69253   2.48144   1.000 22.94886 ?  400 MET A C   1 
ATOM   398  O O   . MET A 1 59  ? -4.20368  3.88679   3.69295   1.000 24.15850 ?  400 MET A O   1 
ATOM   399  C CB  . MET A 1 59  ? -1.65552  3.73879   1.75140   1.000 19.72684 ?  400 MET A CB  1 
ATOM   400  C CG  . MET A 1 59  ? -0.36054  2.96949   1.54480   1.000 17.15125 ?  400 MET A CG  1 
ATOM   401  S SD  . MET A 1 59  ? 1.01290   4.03298   1.05887   1.000 19.39676 ?  400 MET A SD  1 
ATOM   402  C CE  . MET A 1 59  ? 0.96267   5.26455   2.35699   1.000 11.51422 ?  400 MET A CE  1 
ATOM   403  N N   . SER A 1 60  ? -4.88762  4.19813   1.56959   1.000 24.56450 ?  401 SER A N   1 
ATOM   404  C CA  . SER A 1 60  ? -6.02497  5.01247   1.98875   1.000 24.94639 ?  401 SER A CA  1 
ATOM   405  C C   . SER A 1 60  ? -7.09568  4.16398   2.66270   1.000 25.51378 ?  401 SER A C   1 
ATOM   406  O O   . SER A 1 60  ? -7.71683  4.59989   3.63925   1.000 23.15831 ?  401 SER A O   1 
ATOM   407  C CB  . SER A 1 60  ? -6.60849  5.76264   0.79208   1.000 22.14000 ?  401 SER A CB  1 
ATOM   408  O OG  . SER A 1 60  ? -5.68876  6.71936   0.29453   1.000 28.52283 ?  401 SER A OG  1 
ATOM   409  N N   . THR A 1 61  ? -7.33285  2.95393   2.15183   1.000 26.67102 ?  402 THR A N   1 
ATOM   410  C CA  . THR A 1 61  ? -8.27430  2.05250   2.80695   1.000 27.17539 ?  402 THR A CA  1 
ATOM   411  C C   . THR A 1 61  ? -7.76486  1.63764   4.18141   1.000 28.91212 ?  402 THR A C   1 
ATOM   412  O O   . THR A 1 61  ? -8.52695  1.62747   5.15583   1.000 29.44482 ?  402 THR A O   1 
ATOM   413  C CB  . THR A 1 61  ? -8.52272  0.82434   1.93089   1.000 25.14575 ?  402 THR A CB  1 
ATOM   414  O OG1 . THR A 1 61  ? -9.13721  1.23060   0.70123   1.000 25.04191 ?  402 THR A OG1 1 
ATOM   415  C CG2 . THR A 1 61  ? -9.42961  -0.16638  2.64513   1.000 18.29156 ?  402 THR A CG2 1 
ATOM   416  N N   . ILE A 1 62  ? -6.47584  1.29964   4.27691   1.000 21.00468 ?  403 ILE A N   1 
ATOM   417  C CA  . ILE A 1 62  ? -5.87804  0.96382   5.56691   1.000 22.13732 ?  403 ILE A CA  1 
ATOM   418  C C   . ILE A 1 62  ? -6.03965  2.11914   6.54714   1.000 21.00060 ?  403 ILE A C   1 
ATOM   419  O O   . ILE A 1 62  ? -6.33202  1.91244   7.73173   1.000 21.21168 ?  403 ILE A O   1 
ATOM   420  C CB  . ILE A 1 62  ? -4.39740  0.58041   5.38292   1.000 26.48350 ?  403 ILE A CB  1 
ATOM   421  C CG1 . ILE A 1 62  ? -4.27498  -0.71541  4.58303   1.000 26.24732 ?  403 ILE A CG1 1 
ATOM   422  C CG2 . ILE A 1 62  ? -3.70298  0.44831   6.73036   1.000 26.47753 ?  403 ILE A CG2 1 
ATOM   423  C CD1 . ILE A 1 62  ? -2.85584  -1.05438  4.18760   1.000 21.70618 ?  403 ILE A CD1 1 
ATOM   424  N N   . LYS A 1 63  ? -5.86517  3.35383   6.06746   1.000 23.27336 ?  404 LYS A N   1 
ATOM   425  C CA  . LYS A 1 63  ? -6.01034  4.51430   6.94026   1.000 27.55078 ?  404 LYS A CA  1 
ATOM   426  C C   . LYS A 1 63  ? -7.43717  4.64353   7.45699   1.000 30.47507 ?  404 LYS A C   1 
ATOM   427  O O   . LYS A 1 63  ? -7.65229  4.94409   8.63686   1.000 26.82358 ?  404 LYS A O   1 
ATOM   428  C CB  . LYS A 1 63  ? -5.59150  5.78378   6.20034   1.000 28.13438 ?  404 LYS A CB  1 
ATOM   429  C CG  . LYS A 1 63  ? -5.62950  7.03227   7.06040   1.000 26.32691 ?  404 LYS A CG  1 
ATOM   430  C CD  . LYS A 1 63  ? -5.16904  8.25240   6.28479   1.000 39.88852 ?  404 LYS A CD  1 
ATOM   431  C CE  . LYS A 1 63  ? -5.03465  9.45720   7.19973   1.000 40.27434 ?  404 LYS A CE  1 
ATOM   432  N NZ  . LYS A 1 63  ? -4.01027  9.23038   8.25588   1.000 45.58471 ?  404 LYS A NZ  1 
ATOM   433  N N   . SER A 1 64  ? -8.42692  4.42084   6.58866   1.000 19.78051 ?  405 SER A N   1 
ATOM   434  C CA  . SER A 1 64  ? -9.81624  4.49641   7.02620   1.000 24.82178 ?  405 SER A CA  1 
ATOM   435  C C   . SER A 1 64  ? -10.15994 3.37613   7.99898   1.000 24.46181 ?  405 SER A C   1 
ATOM   436  O O   . SER A 1 64  ? -10.99156 3.56874   8.89362   1.000 27.63856 ?  405 SER A O   1 
ATOM   437  C CB  . SER A 1 64  ? -10.75279 4.46010   5.81789   1.000 19.96386 ?  405 SER A CB  1 
ATOM   438  O OG  . SER A 1 64  ? -10.60969 3.24936   5.09629   1.000 41.30504 ?  405 SER A OG  1 
ATOM   439  N N   . LYS A 1 65  ? -9.53512  2.20586   7.84279   1.000 25.13087 ?  406 LYS A N   1 
ATOM   440  C CA  . LYS A 1 65  ? -9.78196  1.10671   8.76995   1.000 28.23269 ?  406 LYS A CA  1 
ATOM   441  C C   . LYS A 1 65  ? -9.10179  1.34058   10.11273  1.000 28.01974 ?  406 LYS A C   1 
ATOM   442  O O   . LYS A 1 65  ? -9.59232  0.86623   11.14318  1.000 31.31593 ?  406 LYS A O   1 
ATOM   443  C CB  . LYS A 1 65  ? -9.32007  -0.21337  8.15189   1.000 25.95736 ?  406 LYS A CB  1 
ATOM   444  C CG  . LYS A 1 65  ? -10.04837 -0.57028  6.86426   1.000 32.41502 ?  406 LYS A CG  1 
ATOM   445  C CD  . LYS A 1 65  ? -9.47147  -1.81538  6.20962   1.000 29.22651 ?  406 LYS A CD  1 
ATOM   446  C CE  . LYS A 1 65  ? -9.75873  -3.05880  7.03159   1.000 28.79102 ?  406 LYS A CE  1 
ATOM   447  N NZ  . LYS A 1 65  ? -9.24376  -4.28623  6.36596   1.000 30.60578 ?  406 LYS A NZ  1 
ATOM   448  N N   . LEU A 1 66  ? -7.97662  2.05961   10.12394  1.000 29.14980 ?  407 LEU A N   1 
ATOM   449  C CA  . LEU A 1 66  ? -7.37356  2.46219   11.39057  1.000 22.22980 ?  407 LEU A CA  1 
ATOM   450  C C   . LEU A 1 66  ? -8.22719  3.50919   12.09360  1.000 25.57222 ?  407 LEU A C   1 
ATOM   451  O O   . LEU A 1 66  ? -8.38942  3.46733   13.31878  1.000 30.74799 ?  407 LEU A O   1 
ATOM   452  C CB  . LEU A 1 66  ? -5.95963  2.99696   11.15876  1.000 23.84326 ?  407 LEU A CB  1 
ATOM   453  C CG  . LEU A 1 66  ? -4.82222  1.98286   11.03600  1.000 23.94135 ?  407 LEU A CG  1 
ATOM   454  C CD1 . LEU A 1 66  ? -3.53338  2.68494   10.64245  1.000 24.33361 ?  407 LEU A CD1 1 
ATOM   455  C CD2 . LEU A 1 66  ? -4.64210  1.23047   12.34327  1.000 23.98134 ?  407 LEU A CD2 1 
ATOM   456  N N   . GLU A 1 67  ? -8.77929  4.45739   11.33343  1.000 28.97712 ?  408 GLU A N   1 
ATOM   457  C CA  . GLU A 1 67  ? -9.62629  5.48536   11.92828  1.000 29.99407 ?  408 GLU A CA  1 
ATOM   458  C C   . GLU A 1 67  ? -10.92164 4.89003   12.46480  1.000 31.87991 ?  408 GLU A C   1 
ATOM   459  O O   . GLU A 1 67  ? -11.43743 5.33818   13.49549  1.000 27.92673 ?  408 GLU A O   1 
ATOM   460  C CB  . GLU A 1 67  ? -9.91742  6.57889   10.90105  1.000 33.86477 ?  408 GLU A CB  1 
ATOM   461  C CG  . GLU A 1 67  ? -8.68699  7.35892   10.46020  1.000 41.51957 ?  408 GLU A CG  1 
ATOM   462  C CD  . GLU A 1 67  ? -8.96800  8.28169   9.28880   1.000 57.44172 ?  408 GLU A CD  1 
ATOM   463  O OE1 . GLU A 1 67  ? -10.03943 8.14015   8.66149   1.000 53.48611 ?  408 GLU A OE1 1 
ATOM   464  O OE2 . GLU A 1 67  ? -8.11705  9.14855   8.99519   1.000 59.96854 -1 408 GLU A OE2 1 
ATOM   465  N N   . ALA A 1 68  ? -11.45991 3.87994   11.78310  1.000 28.74613 ?  409 ALA A N   1 
ATOM   466  C CA  . ALA A 1 68  ? -12.66211 3.19677   12.24157  1.000 33.04403 ?  409 ALA A CA  1 
ATOM   467  C C   . ALA A 1 68  ? -12.37201 2.11996   13.27839  1.000 31.56435 ?  409 ALA A C   1 
ATOM   468  O O   . ALA A 1 68  ? -13.30907 1.44631   13.72085  1.000 29.73664 ?  409 ALA A O   1 
ATOM   469  C CB  . ALA A 1 68  ? -13.40374 2.58069   11.05312  1.000 16.35346 ?  409 ALA A CB  1 
ATOM   470  N N   . ARG A 1 69  ? -11.10610 1.94444   13.66630  1.000 22.77750 ?  410 ARG A N   1 
ATOM   471  C CA  . ARG A 1 69  ? -10.70565 0.95475   14.66797  1.000 29.59197 ?  410 ARG A CA  1 
ATOM   472  C C   . ARG A 1 69  ? -11.11640 -0.45579  14.25057  1.000 27.74802 ?  410 ARG A C   1 
ATOM   473  O O   . ARG A 1 69  ? -11.55144 -1.26633  15.07130  1.000 28.10544 ?  410 ARG A O   1 
ATOM   474  C CB  . ARG A 1 69  ? -11.26776 1.30721   16.04791  1.000 28.11588 ?  410 ARG A CB  1 
ATOM   475  C CG  . ARG A 1 69  ? -10.95475 2.73030   16.48271  1.000 24.22365 ?  410 ARG A CG  1 
ATOM   476  C CD  . ARG A 1 69  ? -11.41252 3.00573   17.90428  1.000 33.46881 ?  410 ARG A CD  1 
ATOM   477  N NE  . ARG A 1 69  ? -10.69050 2.19521   18.88041  1.000 46.40088 ?  410 ARG A NE  1 
ATOM   478  C CZ  . ARG A 1 69  ? -10.73570 2.39362   20.19394  1.000 48.91434 ?  410 ARG A CZ  1 
ATOM   479  N NH1 . ARG A 1 69  ? -11.46870 3.38046   20.69204  1.000 42.16011 ?  410 ARG A NH1 1 
ATOM   480  N NH2 . ARG A 1 69  ? -10.04747 1.60645   21.01006  1.000 38.42708 ?  410 ARG A NH2 1 
ATOM   481  N N   . GLU A 1 70  ? -10.96928 -0.75327  12.95767  1.000 29.51047 ?  411 GLU A N   1 
ATOM   482  C CA  . GLU A 1 70  ? -11.33403 -2.06994  12.44755  1.000 29.80976 ?  411 GLU A CA  1 
ATOM   483  C C   . GLU A 1 70  ? -10.27260 -3.11886  12.75490  1.000 28.11282 ?  411 GLU A C   1 
ATOM   484  O O   . GLU A 1 70  ? -10.60632 -4.29554  12.93412  1.000 31.03775 ?  411 GLU A O   1 
ATOM   485  C CB  . GLU A 1 70  ? -11.58468 -1.99713  10.94000  1.000 21.32119 ?  411 GLU A CB  1 
ATOM   486  C CG  . GLU A 1 70  ? -12.12749 -3.28130  10.33409  1.000 25.88770 ?  411 GLU A CG  1 
ATOM   487  C CD  . GLU A 1 70  ? -12.74442 -3.06377  8.96685   1.000 28.62028 ?  411 GLU A CD  1 
ATOM   488  O OE1 . GLU A 1 70  ? -13.03221 -1.89874  8.62294   1.000 37.08332 ?  411 GLU A OE1 1 
ATOM   489  O OE2 . GLU A 1 70  ? -12.94220 -4.05657  8.23616   1.000 34.72016 -1 411 GLU A OE2 1 
ATOM   490  N N   . TYR A 1 71  ? -9.00361  -2.72242  12.82252  1.000 29.96938 ?  412 TYR A N   1 
ATOM   491  C CA  . TYR A 1 71  ? -7.93619  -3.65744  13.15132  1.000 31.75597 ?  412 TYR A CA  1 
ATOM   492  C C   . TYR A 1 71  ? -7.93278  -3.93897  14.64816  1.000 29.86903 ?  412 TYR A C   1 
ATOM   493  O O   . TYR A 1 71  ? -7.92654  -3.01154  15.46389  1.000 26.76373 ?  412 TYR A O   1 
ATOM   494  C CB  . TYR A 1 71  ? -6.57847  -3.10446  12.71794  1.000 26.43735 ?  412 TYR A CB  1 
ATOM   495  C CG  . TYR A 1 71  ? -6.46896  -2.81837  11.23793  1.000 24.77903 ?  412 TYR A CG  1 
ATOM   496  C CD1 . TYR A 1 71  ? -6.51202  -3.84729  10.30669  1.000 24.94973 ?  412 TYR A CD1 1 
ATOM   497  C CD2 . TYR A 1 71  ? -6.31044  -1.52010  10.77297  1.000 20.80711 ?  412 TYR A CD2 1 
ATOM   498  C CE1 . TYR A 1 71  ? -6.40981  -3.58970  8.95191   1.000 25.85483 ?  412 TYR A CE1 1 
ATOM   499  C CE2 . TYR A 1 71  ? -6.20433  -1.25265  9.42224   1.000 24.30399 ?  412 TYR A CE2 1 
ATOM   500  C CZ  . TYR A 1 71  ? -6.25529  -2.29065  8.51608   1.000 26.29543 ?  412 TYR A CZ  1 
ATOM   501  O OH  . TYR A 1 71  ? -6.15189  -2.02790  7.16957   1.000 31.48282 ?  412 TYR A OH  1 
ATOM   502  N N   . ARG A 1 72  ? -7.93393  -5.22400  15.00732  1.000 40.64628 ?  413 ARG A N   1 
ATOM   503  C CA  . ARG A 1 72  ? -7.90821  -5.59802  16.41699  1.000 39.01935 ?  413 ARG A CA  1 
ATOM   504  C C   . ARG A 1 72  ? -6.52262  -5.41059  17.02312  1.000 37.12866 ?  413 ARG A C   1 
ATOM   505  O O   . ARG A 1 72  ? -6.39773  -4.91110  18.14707  1.000 47.68827 ?  413 ARG A O   1 
ATOM   506  C CB  . ARG A 1 72  ? -8.37622  -7.04438  16.58682  1.000 27.16109 ?  413 ARG A CB  1 
ATOM   507  C CG  . ARG A 1 72  ? -9.85712  -7.24425  16.31256  1.000 30.61402 ?  413 ARG A CG  1 
ATOM   508  C CD  . ARG A 1 72  ? -10.69784 -6.36442  17.22524  1.000 37.72513 ?  413 ARG A CD  1 
ATOM   509  N NE  . ARG A 1 72  ? -10.64596 -6.80529  18.61654  1.000 41.40630 ?  413 ARG A NE  1 
ATOM   510  C CZ  . ARG A 1 72  ? -10.93604 -6.03026  19.65677  1.000 42.62112 ?  413 ARG A CZ  1 
ATOM   511  N NH1 . ARG A 1 72  ? -11.28787 -4.76657  19.46561  1.000 48.71133 ?  413 ARG A NH1 1 
ATOM   512  N NH2 . ARG A 1 72  ? -10.86512 -6.51437  20.88977  1.000 46.08412 ?  413 ARG A NH2 1 
ATOM   513  N N   . ASP A 1 73  ? -5.47391  -5.79647  16.29825  1.000 33.80466 ?  414 ASP A N   1 
ATOM   514  C CA  . ASP A 1 73  ? -4.10931  -5.68792  16.79203  1.000 36.26594 ?  414 ASP A CA  1 
ATOM   515  C C   . ASP A 1 73  ? -3.21266  -5.17300  15.67324  1.000 33.18354 ?  414 ASP A C   1 
ATOM   516  O O   . ASP A 1 73  ? -3.66553  -4.90249  14.55651  1.000 28.43291 ?  414 ASP A O   1 
ATOM   517  C CB  . ASP A 1 73  ? -3.60905  -7.03249  17.33474  1.000 30.39109 ?  414 ASP A CB  1 
ATOM   518  C CG  . ASP A 1 73  ? -3.72164  -8.15576  16.31803  1.000 36.37064 ?  414 ASP A CG  1 
ATOM   519  O OD1 . ASP A 1 73  ? -4.25700  -7.92134  15.21428  1.000 42.82717 ?  414 ASP A OD1 1 
ATOM   520  O OD2 . ASP A 1 73  ? -3.27197  -9.27934  16.62557  1.000 56.27443 ?  414 ASP A OD2 1 
ATOM   521  N N   . ALA A 1 74  ? -1.92137  -5.03919  15.98460  1.000 34.73267 ?  415 ALA A N   1 
ATOM   522  C CA  . ALA A 1 74  ? -0.96173  -4.57175  14.99094  1.000 19.91058 ?  415 ALA A CA  1 
ATOM   523  C C   . ALA A 1 74  ? -0.70125  -5.62096  13.91862  1.000 27.79740 ?  415 ALA A C   1 
ATOM   524  O O   . ALA A 1 74  ? -0.32839  -5.27346  12.79203  1.000 27.27314 ?  415 ALA A O   1 
ATOM   525  C CB  . ALA A 1 74  ? 0.34757   -4.17678  15.67305  1.000 28.82786 ?  415 ALA A CB  1 
ATOM   526  N N   . GLN A 1 75  ? -0.88750  -6.90202  14.24484  1.000 29.61080 ?  416 GLN A N   1 
ATOM   527  C CA  . GLN A 1 75  ? -0.62399  -7.95440  13.26948  1.000 25.52946 ?  416 GLN A CA  1 
ATOM   528  C C   . GLN A 1 75  ? -1.64912  -7.93338  12.14281  1.000 35.13369 ?  416 GLN A C   1 
ATOM   529  O O   . GLN A 1 75  ? -1.31261  -8.21058  10.98551  1.000 35.69618 ?  416 GLN A O   1 
ATOM   530  C CB  . GLN A 1 75  ? -0.60513  -9.31746  13.96023  1.000 28.10422 ?  416 GLN A CB  1 
ATOM   531  C CG  . GLN A 1 75  ? 0.39791   -9.41384  15.10065  1.000 40.53036 ?  416 GLN A CG  1 
ATOM   532  C CD  . GLN A 1 75  ? 1.81604   -9.09485  14.66182  1.000 40.39675 ?  416 GLN A CD  1 
ATOM   533  O OE1 . GLN A 1 75  ? 2.29345   -9.60067  13.64585  1.000 37.67770 ?  416 GLN A OE1 1 
ATOM   534  N NE2 . GLN A 1 75  ? 2.49471   -8.24561  15.42545  1.000 35.88484 ?  416 GLN A NE2 1 
ATOM   535  N N   . GLU A 1 76  ? -2.90450  -7.60583  12.45717  1.000 30.34504 ?  417 GLU A N   1 
ATOM   536  C CA  . GLU A 1 76  ? -3.91317  -7.50619  11.40799  1.000 26.89203 ?  417 GLU A CA  1 
ATOM   537  C C   . GLU A 1 76  ? -3.66018  -6.29512  10.51947  1.000 25.23244 ?  417 GLU A C   1 
ATOM   538  O O   . GLU A 1 76  ? -3.89296  -6.34813  9.30586   1.000 18.78843 ?  417 GLU A O   1 
ATOM   539  C CB  . GLU A 1 76  ? -5.31217  -7.43986  12.01800  1.000 22.92867 ?  417 GLU A CB  1 
ATOM   540  C CG  . GLU A 1 76  ? -6.41286  -7.49794  10.97690  1.000 23.45601 ?  417 GLU A CG  1 
ATOM   541  C CD  . GLU A 1 76  ? -7.78925  -7.25176  11.55081  1.000 31.37225 ?  417 GLU A CD  1 
ATOM   542  O OE1 . GLU A 1 76  ? -7.90592  -7.05818  12.78030  1.000 29.44598 ?  417 GLU A OE1 1 
ATOM   543  O OE2 . GLU A 1 76  ? -8.75691  -7.24950  10.76219  1.000 31.84278 -1 417 GLU A OE2 1 
ATOM   544  N N   . PHE A 1 77  ? -3.18998  -5.19353  11.10961  1.000 27.57862 ?  418 PHE A N   1 
ATOM   545  C CA  . PHE A 1 77  ? -2.79420  -4.03232  10.31948  1.000 25.30352 ?  418 PHE A CA  1 
ATOM   546  C C   . PHE A 1 77  ? -1.66686  -4.38652  9.35807   1.000 25.05919 ?  418 PHE A C   1 
ATOM   547  O O   . PHE A 1 77  ? -1.71585  -4.04526  8.17054   1.000 28.93642 ?  418 PHE A O   1 
ATOM   548  C CB  . PHE A 1 77  ? -2.37649  -2.89060  11.24867  1.000 21.31524 ?  418 PHE A CB  1 
ATOM   549  C CG  . PHE A 1 77  ? -1.52989  -1.83927  10.58336  1.000 27.92720 ?  418 PHE A CG  1 
ATOM   550  C CD1 . PHE A 1 77  ? -2.11647  -0.78012  9.91184   1.000 26.94573 ?  418 PHE A CD1 1 
ATOM   551  C CD2 . PHE A 1 77  ? -0.14500  -1.90483  10.63964  1.000 22.52265 ?  418 PHE A CD2 1 
ATOM   552  C CE1 . PHE A 1 77  ? -1.33853  0.18913   9.30402   1.000 26.72164 ?  418 PHE A CE1 1 
ATOM   553  C CE2 . PHE A 1 77  ? 0.63512   -0.94007  10.03271  1.000 29.50484 ?  418 PHE A CE2 1 
ATOM   554  C CZ  . PHE A 1 77  ? 0.03797   0.10836   9.36466   1.000 21.18668 ?  418 PHE A CZ  1 
ATOM   555  N N   . GLY A 1 78  ? -0.63545  -5.07020  9.86008   1.000 27.49069 ?  419 GLY A N   1 
ATOM   556  C CA  . GLY A 1 78  ? 0.47889   -5.44922  9.00875   1.000 26.74327 ?  419 GLY A CA  1 
ATOM   557  C C   . GLY A 1 78  ? 0.09197   -6.42618  7.91776   1.000 23.52819 ?  419 GLY A C   1 
ATOM   558  O O   . GLY A 1 78  ? 0.70598   -6.44158  6.84729   1.000 24.96725 ?  419 GLY A O   1 
ATOM   559  N N   . ALA A 1 79  ? -0.92678  -7.25201  8.16739   1.000 21.79343 ?  420 ALA A N   1 
ATOM   560  C CA  . ALA A 1 79  ? -1.39052  -8.17754  7.13935   1.000 23.72632 ?  420 ALA A CA  1 
ATOM   561  C C   . ALA A 1 79  ? -2.01062  -7.43052  5.96518   1.000 25.88435 ?  420 ALA A C   1 
ATOM   562  O O   . ALA A 1 79  ? -1.81507  -7.81368  4.80558   1.000 22.54076 ?  420 ALA A O   1 
ATOM   563  C CB  . ALA A 1 79  ? -2.38828  -9.17013  7.73519   1.000 18.06566 ?  420 ALA A CB  1 
ATOM   564  N N   . ASP A 1 80  ? -2.76109  -6.36170  6.24426   1.000 20.51764 ?  421 ASP A N   1 
ATOM   565  C CA  . ASP A 1 80  ? -3.33407  -5.56400  5.16492   1.000 24.42345 ?  421 ASP A CA  1 
ATOM   566  C C   . ASP A 1 80  ? -2.25096  -4.81825  4.39653   1.000 29.24646 ?  421 ASP A C   1 
ATOM   567  O O   . ASP A 1 80  ? -2.33732  -4.67780  3.17088   1.000 23.82424 ?  421 ASP A O   1 
ATOM   568  C CB  . ASP A 1 80  ? -4.36765  -4.58571  5.72194   1.000 21.25391 ?  421 ASP A CB  1 
ATOM   569  C CG  . ASP A 1 80  ? -5.79303  -5.03023  5.45706   1.000 31.72795 ?  421 ASP A CG  1 
ATOM   570  O OD1 . ASP A 1 80  ? -5.98109  -6.10862  4.85351   1.000 23.83196 ?  421 ASP A OD1 1 
ATOM   571  O OD2 . ASP A 1 80  ? -6.72672  -4.29830  5.84906   1.000 34.69682 -1 421 ASP A OD2 1 
ATOM   572  N N   . VAL A 1 81  ? -1.22537  -4.33110  5.09953   1.000 22.60934 ?  422 VAL A N   1 
ATOM   573  C CA  . VAL A 1 81  ? -0.11690  -3.65821  4.42823   1.000 25.15296 ?  422 VAL A CA  1 
ATOM   574  C C   . VAL A 1 81  ? 0.60680   -4.62544  3.50164   1.000 23.32777 ?  422 VAL A C   1 
ATOM   575  O O   . VAL A 1 81  ? 0.94058   -4.28624  2.35950   1.000 24.06915 ?  422 VAL A O   1 
ATOM   576  C CB  . VAL A 1 81  ? 0.84134   -3.04213  5.46471   1.000 24.78564 ?  422 VAL A CB  1 
ATOM   577  C CG1 . VAL A 1 81  ? 2.07733   -2.47864  4.77885   1.000 22.84523 ?  422 VAL A CG1 1 
ATOM   578  C CG2 . VAL A 1 81  ? 0.13183   -1.96222  6.26661   1.000 19.89923 ?  422 VAL A CG2 1 
ATOM   579  N N   . ARG A 1 82  ? 0.85073   -5.84873  3.97332   1.000 26.69591 ?  423 ARG A N   1 
ATOM   580  C CA  . ARG A 1 82  ? 1.52871   -6.83773  3.14397   1.000 20.63726 ?  423 ARG A CA  1 
ATOM   581  C C   . ARG A 1 82  ? 0.61691   -7.37386  2.04770   1.000 21.27183 ?  423 ARG A C   1 
ATOM   582  O O   . ARG A 1 82  ? 1.10311   -7.78235  0.98701   1.000 23.87931 ?  423 ARG A O   1 
ATOM   583  C CB  . ARG A 1 82  ? 2.05528   -7.97118  4.02195   1.000 22.71734 ?  423 ARG A CB  1 
ATOM   584  C CG  . ARG A 1 82  ? 3.18172   -7.53336  4.94329   1.000 24.81224 ?  423 ARG A CG  1 
ATOM   585  C CD  . ARG A 1 82  ? 3.28662   -8.41192  6.17495   1.000 20.12161 ?  423 ARG A CD  1 
ATOM   586  N NE  . ARG A 1 82  ? 4.39295   -7.99606  7.03094   1.000 18.29712 ?  423 ARG A NE  1 
ATOM   587  C CZ  . ARG A 1 82  ? 4.57676   -8.42225  8.27531   1.000 20.66305 ?  423 ARG A CZ  1 
ATOM   588  N NH1 . ARG A 1 82  ? 3.72143   -9.27736  8.81808   1.000 24.78652 ?  423 ARG A NH1 1 
ATOM   589  N NH2 . ARG A 1 82  ? 5.61390   -7.98980  8.97868   1.000 20.20063 ?  423 ARG A NH2 1 
ATOM   590  N N   . LEU A 1 83  ? -0.69876  -7.38421  2.28052   1.000 19.90155 ?  424 LEU A N   1 
ATOM   591  C CA  . LEU A 1 83  ? -1.63194  -7.73487  1.21379   1.000 22.38013 ?  424 LEU A CA  1 
ATOM   592  C C   . LEU A 1 83  ? -1.54445  -6.73859  0.06595   1.000 23.62258 ?  424 LEU A C   1 
ATOM   593  O O   . LEU A 1 83  ? -1.58382  -7.12360  -1.10913  1.000 21.32252 ?  424 LEU A O   1 
ATOM   594  C CB  . LEU A 1 83  ? -3.05893  -7.79417  1.75960   1.000 23.34821 ?  424 LEU A CB  1 
ATOM   595  C CG  . LEU A 1 83  ? -4.17682  -7.83775  0.71424   1.000 21.78860 ?  424 LEU A CG  1 
ATOM   596  C CD1 . LEU A 1 83  ? -4.11923  -9.12909  -0.09130  1.000 20.43563 ?  424 LEU A CD1 1 
ATOM   597  C CD2 . LEU A 1 83  ? -5.54107  -7.66104  1.36524   1.000 19.75745 ?  424 LEU A CD2 1 
ATOM   598  N N   . MET A 1 84  ? -1.42469  -5.45027  0.39305   1.000 20.56577 ?  425 MET A N   1 
ATOM   599  C CA  . MET A 1 84  ? -1.28155  -4.42184  -0.63100  1.000 17.50470 ?  425 MET A CA  1 
ATOM   600  C C   . MET A 1 84  ? -0.05046  -4.66814  -1.49460  1.000 22.24266 ?  425 MET A C   1 
ATOM   601  O O   . MET A 1 84  ? -0.09016  -4.48000  -2.71640  1.000 24.37504 ?  425 MET A O   1 
ATOM   602  C CB  . MET A 1 84  ? -1.21130  -3.04924  0.03695   1.000 18.39336 ?  425 MET A CB  1 
ATOM   603  C CG  . MET A 1 84  ? -0.91565  -1.89643  -0.89453  1.000 23.02120 ?  425 MET A CG  1 
ATOM   604  S SD  . MET A 1 84  ? -0.68006  -0.37191  0.03429   1.000 20.95885 ?  425 MET A SD  1 
ATOM   605  C CE  . MET A 1 84  ? 0.80746   -0.75728  0.95569   1.000 14.58678 ?  425 MET A CE  1 
ATOM   606  N N   . PHE A 1 85  ? 1.05172   -5.09922  -0.87801  1.000 24.02294 ?  426 PHE A N   1 
ATOM   607  C CA  . PHE A 1 85  ? 2.26827   -5.36308  -1.63897  1.000 23.46088 ?  426 PHE A CA  1 
ATOM   608  C C   . PHE A 1 85  ? 2.15642   -6.65857  -2.43472  1.000 24.64403 ?  426 PHE A C   1 
ATOM   609  O O   . PHE A 1 85  ? 2.62134   -6.73115  -3.57848  1.000 23.28817 ?  426 PHE A O   1 
ATOM   610  C CB  . PHE A 1 85  ? 3.47088   -5.40576  -0.69702  1.000 21.42360 ?  426 PHE A CB  1 
ATOM   611  C CG  . PHE A 1 85  ? 3.79745   -4.07766  -0.07214  1.000 24.72286 ?  426 PHE A CG  1 
ATOM   612  C CD1 . PHE A 1 85  ? 3.89207   -2.93542  -0.85084  1.000 21.78026 ?  426 PHE A CD1 1 
ATOM   613  C CD2 . PHE A 1 85  ? 3.99848   -3.96941  1.29421   1.000 24.02773 ?  426 PHE A CD2 1 
ATOM   614  C CE1 . PHE A 1 85  ? 4.19097   -1.71224  -0.28016  1.000 20.05021 ?  426 PHE A CE1 1 
ATOM   615  C CE2 . PHE A 1 85  ? 4.29521   -2.74778  1.87230   1.000 19.43774 ?  426 PHE A CE2 1 
ATOM   616  C CZ  . PHE A 1 85  ? 4.39297   -1.61867  1.08342   1.000 20.29605 ?  426 PHE A CZ  1 
ATOM   617  N N   . SER A 1 86  ? 1.54081   -7.69031  -1.84944  1.000 20.07999 ?  427 SER A N   1 
ATOM   618  C CA  . SER A 1 86  ? 1.39188   -8.96045  -2.55450  1.000 24.89860 ?  427 SER A CA  1 
ATOM   619  C C   . SER A 1 86  ? 0.53344   -8.80343  -3.80341  1.000 24.56752 ?  427 SER A C   1 
ATOM   620  O O   . SER A 1 86  ? 0.79673   -9.44204  -4.82945  1.000 24.25416 ?  427 SER A O   1 
ATOM   621  C CB  . SER A 1 86  ? 0.79284   -10.01412 -1.62284  1.000 19.43376 ?  427 SER A CB  1 
ATOM   622  O OG  . SER A 1 86  ? 1.65017   -10.27002 -0.52571  1.000 32.68743 ?  427 SER A OG  1 
ATOM   623  N N   . ASN A 1 87  ? -0.50206  -7.96142  -3.73405  1.000 19.87348 ?  428 ASN A N   1 
ATOM   624  C CA  . ASN A 1 87  ? -1.31825  -7.69517  -4.91463  1.000 19.93230 ?  428 ASN A CA  1 
ATOM   625  C C   . ASN A 1 87  ? -0.48062  -7.09670  -6.03750  1.000 18.74431 ?  428 ASN A C   1 
ATOM   626  O O   . ASN A 1 87  ? -0.65270  -7.45373  -7.20866  1.000 20.58489 ?  428 ASN A O   1 
ATOM   627  C CB  . ASN A 1 87  ? -2.47785  -6.76430  -4.55670  1.000 21.04201 ?  428 ASN A CB  1 
ATOM   628  C CG  . ASN A 1 87  ? -3.50110  -7.42459  -3.65200  1.000 22.46211 ?  428 ASN A CG  1 
ATOM   629  O OD1 . ASN A 1 87  ? -3.66587  -8.64445  -3.66679  1.000 29.48469 ?  428 ASN A OD1 1 
ATOM   630  N ND2 . ASN A 1 87  ? -4.20140  -6.61757  -2.86374  1.000 20.66816 ?  428 ASN A ND2 1 
ATOM   631  N N   . CYS A 1 88  ? 0.43884   -6.18968  -5.69830  1.000 20.41576 ?  429 CYS A N   1 
ATOM   632  C CA  . CYS A 1 88  ? 1.30201   -5.59774  -6.71527  1.000 21.59074 ?  429 CYS A CA  1 
ATOM   633  C C   . CYS A 1 88  ? 2.27595   -6.62356  -7.28103  1.000 22.18021 ?  429 CYS A C   1 
ATOM   634  O O   . CYS A 1 88  ? 2.49342   -6.67477  -8.49745  1.000 21.07771 ?  429 CYS A O   1 
ATOM   635  C CB  . CYS A 1 88  ? 2.05916   -4.40487  -6.13377  1.000 20.47621 ?  429 CYS A CB  1 
ATOM   636  S SG  . CYS A 1 88  ? 3.24917   -3.65997  -7.27007  1.000 24.33268 ?  429 CYS A SG  1 
ATOM   637  N N   . TYR A 1 89  ? 2.87414   -7.44686  -6.41510  1.000 24.21444 ?  430 TYR A N   1 
ATOM   638  C CA  . TYR A 1 89  ? 3.78582   -8.48271  -6.89063  1.000 21.97319 ?  430 TYR A CA  1 
ATOM   639  C C   . TYR A 1 89  ? 3.06072   -9.52367  -7.73348  1.000 24.04725 ?  430 TYR A C   1 
ATOM   640  O O   . TYR A 1 89  ? 3.65222   -10.09868 -8.65400  1.000 27.34460 ?  430 TYR A O   1 
ATOM   641  C CB  . TYR A 1 89  ? 4.47962   -9.16142  -5.70836  1.000 23.91203 ?  430 TYR A CB  1 
ATOM   642  C CG  . TYR A 1 89  ? 5.25666   -8.22105  -4.81495  1.000 20.71094 ?  430 TYR A CG  1 
ATOM   643  C CD1 . TYR A 1 89  ? 5.96870   -7.15293  -5.34515  1.000 18.49262 ?  430 TYR A CD1 1 
ATOM   644  C CD2 . TYR A 1 89  ? 5.27298   -8.40014  -3.43849  1.000 20.88775 ?  430 TYR A CD2 1 
ATOM   645  C CE1 . TYR A 1 89  ? 6.67788   -6.29270  -4.52840  1.000 23.20487 ?  430 TYR A CE1 1 
ATOM   646  C CE2 . TYR A 1 89  ? 5.97596   -7.54473  -2.61372  1.000 16.66206 ?  430 TYR A CE2 1 
ATOM   647  C CZ  . TYR A 1 89  ? 6.67707   -6.49316  -3.16188  1.000 22.66375 ?  430 TYR A CZ  1 
ATOM   648  O OH  . TYR A 1 89  ? 7.38046   -5.64064  -2.34065  1.000 17.22837 ?  430 TYR A OH  1 
ATOM   649  N N   . LYS A 1 90  ? 1.78469   -9.77871  -7.43770  1.000 23.25892 ?  431 LYS A N   1 
ATOM   650  C CA  . LYS A 1 90  ? 1.04001   -10.80386 -8.16018  1.000 27.70697 ?  431 LYS A CA  1 
ATOM   651  C C   . LYS A 1 90  ? 0.60384   -10.32389 -9.53912  1.000 26.00909 ?  431 LYS A C   1 
ATOM   652  O O   . LYS A 1 90  ? 0.73072   -11.06172 -10.52220 1.000 24.62804 ?  431 LYS A O   1 
ATOM   653  C CB  . LYS A 1 90  ? -0.17489  -11.24108 -7.34067  1.000 28.20501 ?  431 LYS A CB  1 
ATOM   654  C CG  . LYS A 1 90  ? -1.08868  -12.21866 -8.05848  1.000 27.67248 ?  431 LYS A CG  1 
ATOM   655  C CD  . LYS A 1 90  ? -2.18666  -12.72048 -7.13891  1.000 27.85979 ?  431 LYS A CD  1 
ATOM   656  C CE  . LYS A 1 90  ? -3.09597  -13.69976 -7.86100  1.000 47.28918 ?  431 LYS A CE  1 
ATOM   657  N NZ  . LYS A 1 90  ? -2.33061  -14.79808 -8.51286  1.000 55.28863 ?  431 LYS A NZ  1 
ATOM   658  N N   . TYR A 1 91  ? 0.09786   -9.09248  -9.63317  1.000 26.06204 ?  432 TYR A N   1 
ATOM   659  C CA  . TYR A 1 91  ? -0.47005  -8.61576  -10.88974 1.000 24.39414 ?  432 TYR A CA  1 
ATOM   660  C C   . TYR A 1 91  ? 0.60129   -8.14671  -11.86856 1.000 24.25839 ?  432 TYR A C   1 
ATOM   661  O O   . TYR A 1 91  ? 0.47240   -8.36408  -13.07800 1.000 30.95596 ?  432 TYR A O   1 
ATOM   662  C CB  . TYR A 1 91  ? -1.46605  -7.48701  -10.62107 1.000 22.47024 ?  432 TYR A CB  1 
ATOM   663  C CG  . TYR A 1 91  ? -2.05684  -6.89243  -11.88053 1.000 25.98833 ?  432 TYR A CG  1 
ATOM   664  C CD1 . TYR A 1 91  ? -3.10794  -7.51793  -12.53905 1.000 30.84088 ?  432 TYR A CD1 1 
ATOM   665  C CD2 . TYR A 1 91  ? -1.56298  -5.70706  -12.41257 1.000 20.11408 ?  432 TYR A CD2 1 
ATOM   666  C CE1 . TYR A 1 91  ? -3.65084  -6.98041  -13.69174 1.000 29.34045 ?  432 TYR A CE1 1 
ATOM   667  C CE2 . TYR A 1 91  ? -2.09941  -5.16268  -13.56481 1.000 26.67023 ?  432 TYR A CE2 1 
ATOM   668  C CZ  . TYR A 1 91  ? -3.14283  -5.80373  -14.19919 1.000 29.08239 ?  432 TYR A CZ  1 
ATOM   669  O OH  . TYR A 1 91  ? -3.68163  -5.26766  -15.34518 1.000 34.87249 ?  432 TYR A OH  1 
ATOM   670  N N   . ASN A 1 92  ? 1.65834   -7.49698  -11.37382 1.000 23.19391 ?  433 ASN A N   1 
ATOM   671  C CA  . ASN A 1 92  ? 2.60452   -6.89487  -12.30164 1.000 23.92629 ?  433 ASN A CA  1 
ATOM   672  C C   . ASN A 1 92  ? 3.76250   -7.84239  -12.60625 1.000 27.11949 ?  433 ASN A C   1 
ATOM   673  O O   . ASN A 1 92  ? 4.06984   -8.73573  -11.81022 1.000 22.90477 ?  433 ASN A O   1 
ATOM   674  C CB  . ASN A 1 92  ? 3.15223   -5.58769  -11.72817 1.000 25.07715 ?  433 ASN A CB  1 
ATOM   675  C CG  . ASN A 1 92  ? 2.07320   -4.54534  -11.51951 1.000 25.58356 ?  433 ASN A CG  1 
ATOM   676  O OD1 . ASN A 1 92  ? 1.63526   -3.89077  -12.46658 1.000 28.80169 ?  433 ASN A OD1 1 
ATOM   677  N ND2 . ASN A 1 92  ? 1.64250   -4.38046  -10.27507 1.000 17.98249 ?  433 ASN A ND2 1 
ATOM   678  N N   . PRO A 1 93  ? 4.41738   -7.66836  -13.75851 1.000 29.96241 ?  434 PRO A N   1 
ATOM   679  C CA  . PRO A 1 93  ? 5.58020   -8.49722  -14.06563 1.000 24.37951 ?  434 PRO A CA  1 
ATOM   680  C C   . PRO A 1 93  ? 6.71023   -8.21268  -13.09448 1.000 26.92525 ?  434 PRO A C   1 
ATOM   681  O O   . PRO A 1 93  ? 6.79395   -7.11075  -12.52308 1.000 29.75775 ?  434 PRO A O   1 
ATOM   682  C CB  . PRO A 1 93  ? 5.94983   -8.07475  -15.49992 1.000 28.15735 ?  434 PRO A CB  1 
ATOM   683  C CG  . PRO A 1 93  ? 4.70433   -7.45780  -16.04760 1.000 28.09493 ?  434 PRO A CG  1 
ATOM   684  C CD  . PRO A 1 93  ? 4.04967   -6.79314  -14.88372 1.000 24.75928 ?  434 PRO A CD  1 
ATOM   685  N N   . PRO A 1 94  ? 7.61004   -9.17508  -12.87517 1.000 25.00197 ?  435 PRO A N   1 
ATOM   686  C CA  . PRO A 1 94  ? 8.67975   -8.96050  -11.88409 1.000 26.88974 ?  435 PRO A CA  1 
ATOM   687  C C   . PRO A 1 94  ? 9.59980   -7.79965  -12.21988 1.000 24.87012 ?  435 PRO A C   1 
ATOM   688  O O   . PRO A 1 94  ? 10.06330  -7.10045  -11.31005 1.000 24.18129 ?  435 PRO A O   1 
ATOM   689  C CB  . PRO A 1 94  ? 9.43188   -10.30086 -11.88903 1.000 29.48913 ?  435 PRO A CB  1 
ATOM   690  C CG  . PRO A 1 94  ? 8.45367   -11.29120 -12.43751 1.000 26.87084 ?  435 PRO A CG  1 
ATOM   691  C CD  . PRO A 1 94  ? 7.64510   -10.53234 -13.44325 1.000 19.04951 ?  435 PRO A CD  1 
ATOM   692  N N   . ASP A 1 95  ? 9.87695   -7.56982  -13.50089 1.000 30.84702 ?  436 ASP A N   1 
ATOM   693  C CA  . ASP A 1 95  ? 10.77524  -6.49964  -13.91495 1.000 31.35785 ?  436 ASP A CA  1 
ATOM   694  C C   . ASP A 1 95  ? 10.07789  -5.14941  -14.04456 1.000 32.56783 ?  436 ASP A C   1 
ATOM   695  O O   . ASP A 1 95  ? 10.71136  -4.18398  -14.48637 1.000 33.42130 ?  436 ASP A O   1 
ATOM   696  C CB  . ASP A 1 95  ? 11.44575  -6.86340  -15.24198 1.000 25.12291 ?  436 ASP A CB  1 
ATOM   697  C CG  . ASP A 1 95  ? 10.44523  -7.07634  -16.35818 1.000 39.64996 ?  436 ASP A CG  1 
ATOM   698  O OD1 . ASP A 1 95  ? 9.29774   -7.47130  -16.06066 1.000 46.27365 ?  436 ASP A OD1 1 
ATOM   699  O OD2 . ASP A 1 95  ? 10.80328  -6.84830  -17.53301 1.000 48.31840 -1 436 ASP A OD2 1 
ATOM   700  N N   . HIS A 1 96  ? 8.80440   -5.05574  -13.67205 1.000 25.49967 ?  437 HIS A N   1 
ATOM   701  C CA  . HIS A 1 96  ? 8.08283   -3.79847  -13.79440 1.000 25.60928 ?  437 HIS A CA  1 
ATOM   702  C C   . HIS A 1 96  ? 8.58993   -2.78660  -12.77255 1.000 27.34970 ?  437 HIS A C   1 
ATOM   703  O O   . HIS A 1 96  ? 9.00235   -3.13935  -11.66413 1.000 30.50348 ?  437 HIS A O   1 
ATOM   704  C CB  . HIS A 1 96  ? 6.58195   -4.02302  -13.61148 1.000 33.21824 ?  437 HIS A CB  1 
ATOM   705  C CG  . HIS A 1 96  ? 5.73510   -2.89847  -14.12209 1.000 30.66577 ?  437 HIS A CG  1 
ATOM   706  N ND1 . HIS A 1 96  ? 5.65097   -1.67989  -13.48448 1.000 32.11690 ?  437 HIS A ND1 1 
ATOM   707  C CD2 . HIS A 1 96  ? 4.93137   -2.80985  -15.20814 1.000 33.86798 ?  437 HIS A CD2 1 
ATOM   708  C CE1 . HIS A 1 96  ? 4.83415   -0.88830  -14.15568 1.000 29.96748 ?  437 HIS A CE1 1 
ATOM   709  N NE2 . HIS A 1 96  ? 4.38387   -1.54983  -15.20623 1.000 32.73803 ?  437 HIS A NE2 1 
ATOM   710  N N   . GLU A 1 97  ? 8.55299   -1.50974  -13.16306 1.000 32.02692 ?  438 GLU A N   1 
ATOM   711  C CA  . GLU A 1 97  ? 9.05963   -0.44753  -12.29980 1.000 31.41236 ?  438 GLU A CA  1 
ATOM   712  C C   . GLU A 1 97  ? 8.26211   -0.33819  -11.00629 1.000 22.27908 ?  438 GLU A C   1 
ATOM   713  O O   . GLU A 1 97  ? 8.81970   0.02224   -9.96371  1.000 24.39543 ?  438 GLU A O   1 
ATOM   714  C CB  . GLU A 1 97  ? 9.04065   0.88431   -13.05132 1.000 32.46091 ?  438 GLU A CB  1 
ATOM   715  C CG  . GLU A 1 97  ? 9.60209   2.05861   -12.26876 1.000 45.22326 ?  438 GLU A CG  1 
ATOM   716  C CD  . GLU A 1 97  ? 9.41883   3.37634   -12.99451 1.000 57.42097 ?  438 GLU A CD  1 
ATOM   717  O OE1 . GLU A 1 97  ? 8.76338   3.38130   -14.05808 1.000 43.79184 ?  438 GLU A OE1 1 
ATOM   718  O OE2 . GLU A 1 97  ? 9.92830   4.40579   -12.50257 1.000 53.42281 -1 438 GLU A OE2 1 
ATOM   719  N N   . VAL A 1 98  ? 6.96350   -0.64725  -11.04800 1.000 23.93288 ?  439 VAL A N   1 
ATOM   720  C CA  . VAL A 1 98  ? 6.14028   -0.55398  -9.84849  1.000 26.99860 ?  439 VAL A CA  1 
ATOM   721  C C   . VAL A 1 98  ? 6.48809   -1.64536  -8.84412  1.000 24.32162 ?  439 VAL A C   1 
ATOM   722  O O   . VAL A 1 98  ? 6.20014   -1.49886  -7.65030  1.000 29.89368 ?  439 VAL A O   1 
ATOM   723  C CB  . VAL A 1 98  ? 4.64424   -0.59928  -10.21979 1.000 25.76518 ?  439 VAL A CB  1 
ATOM   724  C CG1 . VAL A 1 98  ? 4.21360   -2.01834  -10.55471 1.000 25.13008 ?  439 VAL A CG1 1 
ATOM   725  C CG2 . VAL A 1 98  ? 3.79171   -0.01900  -9.09900  1.000 24.19978 ?  439 VAL A CG2 1 
ATOM   726  N N   . VAL A 1 99  ? 7.11066   -2.73762  -9.29278  1.000 24.48379 ?  440 VAL A N   1 
ATOM   727  C CA  . VAL A 1 99  ? 7.53791   -3.77877  -8.36411  1.000 19.09942 ?  440 VAL A CA  1 
ATOM   728  C C   . VAL A 1 99  ? 8.73274   -3.30316  -7.54686  1.000 24.99569 ?  440 VAL A C   1 
ATOM   729  O O   . VAL A 1 99  ? 8.81749   -3.55624  -6.33842  1.000 28.19242 ?  440 VAL A O   1 
ATOM   730  C CB  . VAL A 1 99  ? 7.84507   -5.08033  -9.12800  1.000 27.20800 ?  440 VAL A CB  1 
ATOM   731  C CG1 . VAL A 1 99  ? 8.53625   -6.08933  -8.22047  1.000 23.30253 ?  440 VAL A CG1 1 
ATOM   732  C CG2 . VAL A 1 99  ? 6.56332   -5.66971  -9.69212  1.000 22.48726 ?  440 VAL A CG2 1 
ATOM   733  N N   . ALA A 1 100 ? 9.66993   -2.59977  -8.18694  1.000 22.37186 ?  441 ALA A N   1 
ATOM   734  C CA  . ALA A 1 100 ? 10.80383  -2.04621  -7.45412  1.000 25.87233 ?  441 ALA A CA  1 
ATOM   735  C C   . ALA A 1 100 ? 10.34929  -0.99028  -6.45538  1.000 21.85537 ?  441 ALA A C   1 
ATOM   736  O O   . ALA A 1 100 ? 10.87944  -0.91273  -5.34062  1.000 21.60293 ?  441 ALA A O   1 
ATOM   737  C CB  . ALA A 1 100 ? 11.82675  -1.46318  -8.42899  1.000 22.35354 ?  441 ALA A CB  1 
ATOM   738  N N   . MET A 1 101 ? 9.36452   -0.17177  -6.83608  1.000 22.15986 ?  442 MET A N   1 
ATOM   739  C CA  . MET A 1 101 ? 8.82698   0.82099   -5.91177  1.000 20.74654 ?  442 MET A CA  1 
ATOM   740  C C   . MET A 1 101 ? 8.11445   0.16292   -4.73738  1.000 20.17376 ?  442 MET A C   1 
ATOM   741  O O   . MET A 1 101 ? 8.09674   0.71916   -3.63317  1.000 21.86742 ?  442 MET A O   1 
ATOM   742  C CB  . MET A 1 101 ? 7.87472   1.76497   -6.64853  1.000 21.07769 ?  442 MET A CB  1 
ATOM   743  C CG  . MET A 1 101 ? 8.48831   2.42956   -7.87318  1.000 24.55580 ?  442 MET A CG  1 
ATOM   744  S SD  . MET A 1 101 ? 7.29884   3.32581   -8.89419  1.000 18.56788 ?  442 MET A SD  1 
ATOM   745  C CE  . MET A 1 101 ? 7.00193   4.77954   -7.89611  1.000 18.91582 ?  442 MET A CE  1 
ATOM   746  N N   . ALA A 1 102 ? 7.52674   -1.01673  -4.95291  1.000 23.42010 ?  443 ALA A N   1 
ATOM   747  C CA  . ALA A 1 102 ? 6.85167   -1.71615  -3.86492  1.000 20.37162 ?  443 ALA A CA  1 
ATOM   748  C C   . ALA A 1 102 ? 7.85280   -2.30023  -2.87755  1.000 21.58870 ?  443 ALA A C   1 
ATOM   749  O O   . ALA A 1 102 ? 7.62274   -2.26983  -1.66268  1.000 22.09641 ?  443 ALA A O   1 
ATOM   750  C CB  . ALA A 1 102 ? 5.94645   -2.81306  -4.42428  1.000 23.46378 ?  443 ALA A CB  1 
ATOM   751  N N   . ARG A 1 103 ? 8.96684   -2.84222  -3.37765  1.000 21.15452 ?  444 ARG A N   1 
ATOM   752  C CA  . ARG A 1 103 ? 9.99618   -3.35658  -2.47995  1.000 23.96185 ?  444 ARG A CA  1 
ATOM   753  C C   . ARG A 1 103 ? 10.59171  -2.23968  -1.63458  1.000 20.76427 ?  444 ARG A C   1 
ATOM   754  O O   . ARG A 1 103 ? 10.92192  -2.44798  -0.46125  1.000 22.23070 ?  444 ARG A O   1 
ATOM   755  C CB  . ARG A 1 103 ? 11.09423  -4.06624  -3.27322  1.000 20.73762 ?  444 ARG A CB  1 
ATOM   756  C CG  . ARG A 1 103 ? 10.66051  -5.35603  -3.94769  1.000 21.46514 ?  444 ARG A CG  1 
ATOM   757  C CD  . ARG A 1 103 ? 11.87129  -6.15620  -4.40443  1.000 32.00707 ?  444 ARG A CD  1 
ATOM   758  N NE  . ARG A 1 103 ? 11.67921  -6.73995  -5.72892  1.000 46.22675 ?  444 ARG A NE  1 
ATOM   759  C CZ  . ARG A 1 103 ? 11.21019  -7.96369  -5.94925  1.000 50.20069 ?  444 ARG A CZ  1 
ATOM   760  N NH1 . ARG A 1 103 ? 10.88217  -8.74586  -4.92935  1.000 44.66034 ?  444 ARG A NH1 1 
ATOM   761  N NH2 . ARG A 1 103 ? 11.06956  -8.40588  -7.19188  1.000 43.51172 ?  444 ARG A NH2 1 
ATOM   762  N N   . LYS A 1 104 ? 10.73830  -1.04637  -2.21505  1.000 23.15038 ?  445 LYS A N   1 
ATOM   763  C CA  . LYS A 1 104 ? 11.24655  0.09151   -1.45589  1.000 21.02316 ?  445 LYS A CA  1 
ATOM   764  C C   . LYS A 1 104 ? 10.32399  0.43226   -0.29499  1.000 22.87513 ?  445 LYS A C   1 
ATOM   765  O O   . LYS A 1 104 ? 10.76453  0.53572   0.85563   1.000 27.09299 ?  445 LYS A O   1 
ATOM   766  C CB  . LYS A 1 104 ? 11.41005  1.30446   -2.36816  1.000 20.68283 ?  445 LYS A CB  1 
ATOM   767  C CG  . LYS A 1 104 ? 12.76640  1.43370   -3.01868  1.000 20.99187 ?  445 LYS A CG  1 
ATOM   768  C CD  . LYS A 1 104 ? 13.02327  2.88747   -3.35804  1.000 33.48579 ?  445 LYS A CD  1 
ATOM   769  C CE  . LYS A 1 104 ? 14.23238  3.04869   -4.24484  1.000 29.42907 ?  445 LYS A CE  1 
ATOM   770  N NZ  . LYS A 1 104 ? 14.43808  4.47610   -4.61773  1.000 29.67046 ?  445 LYS A NZ  1 
ATOM   771  N N   . LEU A 1 105 ? 9.03442   0.61858   -0.58208  1.000 25.04687 ?  446 LEU A N   1 
ATOM   772  C CA  . LEU A 1 105 ? 8.09592   1.00050   0.46653   1.000 27.14185 ?  446 LEU A CA  1 
ATOM   773  C C   . LEU A 1 105 ? 7.92219   -0.11723  1.48623   1.000 22.77709 ?  446 LEU A C   1 
ATOM   774  O O   . LEU A 1 105 ? 7.75761   0.14850   2.68276   1.000 26.45590 ?  446 LEU A O   1 
ATOM   775  C CB  . LEU A 1 105 ? 6.75046   1.38642   -0.14668  1.000 21.55002 ?  446 LEU A CB  1 
ATOM   776  C CG  . LEU A 1 105 ? 5.74885   1.99952   0.83174   1.000 27.56048 ?  446 LEU A CG  1 
ATOM   777  C CD1 . LEU A 1 105 ? 6.34846   3.22865   1.49828   1.000 17.87871 ?  446 LEU A CD1 1 
ATOM   778  C CD2 . LEU A 1 105 ? 4.44830   2.34466   0.12644   1.000 23.12619 ?  446 LEU A CD2 1 
ATOM   779  N N   . GLN A 1 106 ? 7.96268   -1.37399  1.03635   1.000 20.43244 ?  447 GLN A N   1 
ATOM   780  C CA  . GLN A 1 106 ? 7.83216   -2.48561  1.97229   1.000 21.26687 ?  447 GLN A CA  1 
ATOM   781  C C   . GLN A 1 106 ? 9.02799   -2.55649  2.91359   1.000 23.85061 ?  447 GLN A C   1 
ATOM   782  O O   . GLN A 1 106 ? 8.87097   -2.86484  4.10072   1.000 22.76816 ?  447 GLN A O   1 
ATOM   783  C CB  . GLN A 1 106 ? 7.66081   -3.80295  1.21608   1.000 18.04630 ?  447 GLN A CB  1 
ATOM   784  C CG  . GLN A 1 106 ? 7.38064   -4.98909  2.12704   1.000 20.05666 ?  447 GLN A CG  1 
ATOM   785  C CD  . GLN A 1 106 ? 6.89890   -6.21090  1.37385   1.000 25.57074 ?  447 GLN A CD  1 
ATOM   786  O OE1 . GLN A 1 106 ? 6.91904   -6.24594  0.14329   1.000 28.27509 ?  447 GLN A OE1 1 
ATOM   787  N NE2 . GLN A 1 106 ? 6.45755   -7.22299  2.11233   1.000 29.51527 ?  447 GLN A NE2 1 
ATOM   788  N N   . ASP A 1 107 ? 10.22991  -2.26961  2.40599   1.000 21.00897 ?  448 ASP A N   1 
ATOM   789  C CA  . ASP A 1 107 ? 11.40375  -2.24017  3.27255   1.000 22.07269 ?  448 ASP A CA  1 
ATOM   790  C C   . ASP A 1 107 ? 11.26497  -1.16764  4.34465   1.000 28.11147 ?  448 ASP A C   1 
ATOM   791  O O   . ASP A 1 107 ? 11.67259  -1.37162  5.49408   1.000 27.81410 ?  448 ASP A O   1 
ATOM   792  C CB  . ASP A 1 107 ? 12.66857  -2.01576  2.44323   1.000 30.04721 ?  448 ASP A CB  1 
ATOM   793  C CG  . ASP A 1 107 ? 13.03780  -3.22551  1.60245   1.000 42.50891 ?  448 ASP A CG  1 
ATOM   794  O OD1 . ASP A 1 107 ? 12.28265  -4.22088  1.62351   1.000 51.62094 -1 448 ASP A OD1 1 
ATOM   795  O OD2 . ASP A 1 107 ? 14.08458  -3.18254  0.92199   1.000 42.91385 ?  448 ASP A OD2 1 
ATOM   796  N N   . VAL A 1 108 ? 10.68315  -0.01969  3.98958   1.000 25.32944 ?  449 VAL A N   1 
ATOM   797  C CA  . VAL A 1 108 ? 10.42172  1.01633   4.98455   1.000 26.85471 ?  449 VAL A CA  1 
ATOM   798  C C   . VAL A 1 108 ? 9.41197   0.52148   6.01175   1.000 26.11986 ?  449 VAL A C   1 
ATOM   799  O O   . VAL A 1 108 ? 9.56685   0.74962   7.21804   1.000 27.74832 ?  449 VAL A O   1 
ATOM   800  C CB  . VAL A 1 108 ? 9.94409   2.30995   4.29868   1.000 26.50988 ?  449 VAL A CB  1 
ATOM   801  C CG1 . VAL A 1 108 ? 9.62898   3.37503   5.33686   1.000 23.81931 ?  449 VAL A CG1 1 
ATOM   802  C CG2 . VAL A 1 108 ? 10.99422  2.80985   3.31765   1.000 20.18050 ?  449 VAL A CG2 1 
ATOM   803  N N   . PHE A 1 109 ? 8.36778   -0.17251  5.55250   1.000 26.39889 ?  450 PHE A N   1 
ATOM   804  C CA  . PHE A 1 109 ? 7.34883   -0.67461  6.46873   1.000 25.71852 ?  450 PHE A CA  1 
ATOM   805  C C   . PHE A 1 109 ? 7.91119   -1.74955  7.39084   1.000 23.77334 ?  450 PHE A C   1 
ATOM   806  O O   . PHE A 1 109 ? 7.75993   -1.66768  8.61506   1.000 23.53363 ?  450 PHE A O   1 
ATOM   807  C CB  . PHE A 1 109 ? 6.15224   -1.21714  5.68603   1.000 19.24221 ?  450 PHE A CB  1 
ATOM   808  C CG  . PHE A 1 109 ? 5.29982   -2.17183  6.47513   1.000 24.12063 ?  450 PHE A CG  1 
ATOM   809  C CD1 . PHE A 1 109 ? 4.41414   -1.70298  7.43170   1.000 23.29026 ?  450 PHE A CD1 1 
ATOM   810  C CD2 . PHE A 1 109 ? 5.38967   -3.53992  6.26509   1.000 20.68557 ?  450 PHE A CD2 1 
ATOM   811  C CE1 . PHE A 1 109 ? 3.63196   -2.57948  8.16229   1.000 21.49646 ?  450 PHE A CE1 1 
ATOM   812  C CE2 . PHE A 1 109 ? 4.61106   -4.42048  6.99296   1.000 19.04233 ?  450 PHE A CE2 1 
ATOM   813  C CZ  . PHE A 1 109 ? 3.73088   -3.93996  7.94230   1.000 21.01995 ?  450 PHE A CZ  1 
ATOM   814  N N   . GLU A 1 110 ? 8.55933   -2.76986  6.81827   1.000 22.92234 ?  451 GLU A N   1 
ATOM   815  C CA  . GLU A 1 110 ? 9.03227   -3.89625  7.61960   1.000 23.91753 ?  451 GLU A CA  1 
ATOM   816  C C   . GLU A 1 110 ? 9.99513   -3.44149  8.70896   1.000 23.73253 ?  451 GLU A C   1 
ATOM   817  O O   . GLU A 1 110 ? 9.96607   -3.96389  9.82918   1.000 27.05104 ?  451 GLU A O   1 
ATOM   818  C CB  . GLU A 1 110 ? 9.69854   -4.94202  6.72312   1.000 20.20380 ?  451 GLU A CB  1 
ATOM   819  C CG  . GLU A 1 110 ? 8.77613   -5.58561  5.69645   1.000 19.26025 ?  451 GLU A CG  1 
ATOM   820  C CD  . GLU A 1 110 ? 7.78761   -6.55952  6.30929   1.000 23.07699 ?  451 GLU A CD  1 
ATOM   821  O OE1 . GLU A 1 110 ? 7.93115   -6.89322  7.50450   1.000 26.74943 ?  451 GLU A OE1 1 
ATOM   822  O OE2 . GLU A 1 110 ? 6.86388   -6.99486  5.58969   1.000 26.28061 -1 451 GLU A OE2 1 
ATOM   823  N N   . MET A 1 111 ? 10.85168  -2.46536  8.40318   1.000 19.30183 ?  452 MET A N   1 
ATOM   824  C CA  . MET A 1 111 ? 11.79842  -1.97589  9.40024   1.000 26.73026 ?  452 MET A CA  1 
ATOM   825  C C   . MET A 1 111 ? 11.07769  -1.29184  10.55558  1.000 29.67596 ?  452 MET A C   1 
ATOM   826  O O   . MET A 1 111 ? 11.33065  -1.59896  11.72666  1.000 28.39141 ?  452 MET A O   1 
ATOM   827  C CB  . MET A 1 111 ? 12.80430  -1.02532  8.74934   1.000 27.56589 ?  452 MET A CB  1 
ATOM   828  C CG  . MET A 1 111 ? 13.82090  -1.71728  7.85650   1.000 34.58047 ?  452 MET A CG  1 
ATOM   829  S SD  . MET A 1 111 ? 14.77265  -2.96258  8.74712   1.000 45.85633 ?  452 MET A SD  1 
ATOM   830  C CE  . MET A 1 111 ? 15.39372  -1.98808  10.11452  1.000 29.13145 ?  452 MET A CE  1 
ATOM   831  N N   . ARG A 1 112 ? 10.17043  -0.36217  10.24670  1.000 28.44304 ?  453 ARG A N   1 
ATOM   832  C CA  . ARG A 1 112 ? 9.45343   0.33766   11.30794  1.000 27.84546 ?  453 ARG A CA  1 
ATOM   833  C C   . ARG A 1 112 ? 8.46067   -0.58070  12.00933  1.000 31.26540 ?  453 ARG A C   1 
ATOM   834  O O   . ARG A 1 112 ? 8.24422   -0.45835  13.22059  1.000 35.74224 ?  453 ARG A O   1 
ATOM   835  C CB  . ARG A 1 112 ? 8.74208   1.56713   10.74698  1.000 29.67985 ?  453 ARG A CB  1 
ATOM   836  C CG  . ARG A 1 112 ? 9.66657   2.73466   10.46053  1.000 34.35075 ?  453 ARG A CG  1 
ATOM   837  C CD  . ARG A 1 112 ? 8.92484   4.05363   10.58390  1.000 55.01520 ?  453 ARG A CD  1 
ATOM   838  N NE  . ARG A 1 112 ? 8.27239   4.19086   11.88424  1.000 53.44720 ?  453 ARG A NE  1 
ATOM   839  C CZ  . ARG A 1 112 ? 7.63333   5.28376   12.28969  1.000 42.25315 ?  453 ARG A CZ  1 
ATOM   840  N NH1 . ARG A 1 112 ? 7.56196   6.34448   11.49771  1.000 38.19921 ?  453 ARG A NH1 1 
ATOM   841  N NH2 . ARG A 1 112 ? 7.06748   5.31815   13.48889  1.000 47.51527 ?  453 ARG A NH2 1 
ATOM   842  N N   . PHE A 1 113 ? 7.84479   -1.50377  11.26800  1.000 26.55167 ?  454 PHE A N   1 
ATOM   843  C CA  . PHE A 1 113 ? 6.91701   -2.44354  11.88931  1.000 28.61615 ?  454 PHE A CA  1 
ATOM   844  C C   . PHE A 1 113 ? 7.64458   -3.37896  12.84864  1.000 34.18350 ?  454 PHE A C   1 
ATOM   845  O O   . PHE A 1 113 ? 7.11069   -3.73131  13.90663  1.000 31.46731 ?  454 PHE A O   1 
ATOM   846  C CB  . PHE A 1 113 ? 6.17506   -3.23434  10.81000  1.000 25.09183 ?  454 PHE A CB  1 
ATOM   847  C CG  . PHE A 1 113 ? 5.05294   -4.08337  11.33654  1.000 22.94407 ?  454 PHE A CG  1 
ATOM   848  C CD1 . PHE A 1 113 ? 3.84271   -3.51178  11.69499  1.000 22.64433 ?  454 PHE A CD1 1 
ATOM   849  C CD2 . PHE A 1 113 ? 5.20288   -5.45518  11.45797  1.000 26.15653 ?  454 PHE A CD2 1 
ATOM   850  C CE1 . PHE A 1 113 ? 2.80636   -4.29133  12.17593  1.000 25.64481 ?  454 PHE A CE1 1 
ATOM   851  C CE2 . PHE A 1 113 ? 4.16981   -6.24075  11.93755  1.000 31.95615 ?  454 PHE A CE2 1 
ATOM   852  C CZ  . PHE A 1 113 ? 2.97019   -5.65773  12.29665  1.000 26.88143 ?  454 PHE A CZ  1 
ATOM   853  N N   . ALA A 1 114 ? 8.86925   -3.78128  12.50153  1.000 28.15007 ?  455 ALA A N   1 
ATOM   854  C CA  . ALA A 1 114 ? 9.65746   -4.63403  13.38484  1.000 31.16201 ?  455 ALA A CA  1 
ATOM   855  C C   . ALA A 1 114 ? 10.21352  -3.85213  14.56777  1.000 28.23652 ?  455 ALA A C   1 
ATOM   856  O O   . ALA A 1 114 ? 10.23413  -4.35966  15.69464  1.000 34.27687 ?  455 ALA A O   1 
ATOM   857  C CB  . ALA A 1 114 ? 10.79353  -5.29809  12.60532  1.000 26.29942 ?  455 ALA A CB  1 
ATOM   858  N N   . LYS A 1 115 ? 10.66391  -2.61921  14.33369  1.000 34.90699 ?  456 LYS A N   1 
ATOM   859  C CA  . LYS A 1 115 ? 11.18079  -1.75017  15.39369  1.000 31.00563 ?  456 LYS A CA  1 
ATOM   860  C C   . LYS A 1 115 ? 10.08779  -1.17396  16.28403  1.000 31.18723 ?  456 LYS A C   1 
ATOM   861  O O   . LYS A 1 115 ? 10.39486  -0.27500  17.07863  1.000 35.83237 ?  456 LYS A O   1 
ATOM   862  C CB  . LYS A 1 115 ? 11.99742  -0.60714  14.78665  1.000 29.27751 ?  456 LYS A CB  1 
ATOM   863  C CG  . LYS A 1 115 ? 13.50400  -0.76287  14.90439  1.000 31.97874 ?  456 LYS A CG  1 
ATOM   864  C CD  . LYS A 1 115 ? 14.03180  -1.85728  13.99618  1.000 36.75030 ?  456 LYS A CD  1 
ATOM   865  C CE  . LYS A 1 115 ? 15.54907  -1.92457  14.06181  1.000 37.11488 ?  456 LYS A CE  1 
ATOM   866  N NZ  . LYS A 1 115 ? 16.10802  -3.01003  13.21147  1.000 38.67750 ?  456 LYS A NZ  1 
ATOM   867  N N   . MET A 1 116 ? 8.84985   -1.64594  16.17671  1.000 35.52510 ?  457 MET A N   1 
ATOM   868  C CA  . MET A 1 116 ? 7.76763   -1.09008  16.97427  1.000 38.93825 ?  457 MET A CA  1 
ATOM   869  C C   . MET A 1 116 ? 7.99834   -1.38221  18.45575  1.000 51.70795 ?  457 MET A C   1 
ATOM   870  O O   . MET A 1 116 ? 8.39085   -2.49771  18.81478  1.000 50.53499 ?  457 MET A O   1 
ATOM   871  C CB  . MET A 1 116 ? 6.42525   -1.67073  16.52919  1.000 38.77703 ?  457 MET A CB  1 
ATOM   872  C CG  . MET A 1 116 ? 5.22598   -1.14210  17.29633  1.000 38.14481 ?  457 MET A CG  1 
ATOM   873  S SD  . MET A 1 116 ? 3.68123   -1.92707  16.80011  1.000 46.86518 ?  457 MET A SD  1 
ATOM   874  C CE  . MET A 1 116 ? 3.60964   -1.47974  15.06748  1.000 32.22427 ?  457 MET A CE  1 
ATOM   875  N N   . PRO A 1 117 ? 7.78207   -0.40070  19.33307  1.000 51.67467 ?  458 PRO A N   1 
ATOM   876  C CA  . PRO A 1 117 ? 7.91881   -0.65464  20.77262  1.000 51.04016 ?  458 PRO A CA  1 
ATOM   877  C C   . PRO A 1 117 ? 6.98469   -1.76559  21.22860  1.000 61.20847 ?  458 PRO A C   1 
ATOM   878  O O   . PRO A 1 117 ? 5.81277   -1.81514  20.84880  1.000 63.33982 ?  458 PRO A O   1 
ATOM   879  C CB  . PRO A 1 117 ? 7.54860   0.69074   21.40614  1.000 46.72734 ?  458 PRO A CB  1 
ATOM   880  C CG  . PRO A 1 117 ? 7.84462   1.69689   20.34330  1.000 47.03602 ?  458 PRO A CG  1 
ATOM   881  C CD  . PRO A 1 117 ? 7.52090   1.01941   19.04242  1.000 40.75818 ?  458 PRO A CD  1 
ATOM   882  N N   . ASP A 1 118 ? 7.51995   -2.66380  22.04838  1.000 67.13340 ?  459 ASP A N   1 
ATOM   883  C CA  . ASP A 1 118 ? 6.78147   -3.84541  22.47359  1.000 66.21581 ?  459 ASP A CA  1 
ATOM   884  C C   . ASP A 1 118 ? 6.31705   -3.71943  23.92087  1.000 70.53767 ?  459 ASP A C   1 
ATOM   885  O O   . ASP A 1 118 ? 5.35421   -4.36696  24.33205  1.000 64.37666 ?  459 ASP A O   1 
ATOM   886  C CB  . ASP A 1 118 ? 7.64467   -5.09648  22.30182  1.000 64.38757 ?  459 ASP A CB  1 
ATOM   887  C CG  . ASP A 1 118 ? 6.81946   -6.35090  22.10219  1.000 75.27501 ?  459 ASP A CG  1 
ATOM   888  O OD1 . ASP A 1 118 ? 5.57566   -6.26249  22.16938  1.000 80.41827 ?  459 ASP A OD1 1 
ATOM   889  O OD2 . ASP A 1 118 ? 7.41460   -7.42440  21.86939  1.000 66.78744 ?  459 ASP A OD2 1 
HETATM 890  C C   . ACE B 2 1   ? -0.82201  14.14442  -15.26905 1.000 44.71263 ?  0   ACE B C   1 
HETATM 891  O O   . ACE B 2 1   ? 0.25096   13.77353  -14.79326 1.000 44.09275 ?  0   ACE B O   1 
HETATM 892  C CH3 . ACE B 2 1   ? -1.40047  13.55430  -16.51865 1.000 31.02220 ?  0   ACE B CH3 1 
ATOM   893  N N   . TRP B 2 2   ? -1.55146  15.10211  -14.71286 1.000 36.02373 ?  1   TRP B N   1 
ATOM   894  C CA  . TRP B 2 2   ? -1.12116  15.77489  -13.48794 1.000 32.03511 ?  1   TRP B CA  1 
ATOM   895  C C   . TRP B 2 2   ? -1.63885  15.07082  -12.22914 1.000 36.90506 ?  1   TRP B C   1 
ATOM   896  O O   . TRP B 2 2   ? -1.08084  15.22598  -11.14030 1.000 37.19249 ?  1   TRP B O   1 
ATOM   897  C CB  . TRP B 2 2   ? -1.60108  17.21895  -13.49367 1.000 27.38692 ?  1   TRP B CB  1 
ATOM   898  C CG  . TRP B 2 2   ? -3.09936  17.35786  -13.56729 1.000 32.75195 ?  1   TRP B CG  1 
ATOM   899  C CD1 . TRP B 2 2   ? -3.85285  17.54988  -14.69013 1.000 28.01708 ?  1   TRP B CD1 1 
ATOM   900  C CD2 . TRP B 2 2   ? -4.01948  17.31533  -12.47115 1.000 28.69194 ?  1   TRP B CD2 1 
ATOM   901  N NE1 . TRP B 2 2   ? -5.18300  17.62935  -14.35954 1.000 30.14904 ?  1   TRP B NE1 1 
ATOM   902  C CE2 . TRP B 2 2   ? -5.31157  17.48852  -13.00344 1.000 27.46198 ?  1   TRP B CE2 1 
ATOM   903  C CE3 . TRP B 2 2   ? -3.87512  17.14970  -11.09173 1.000 28.00978 ?  1   TRP B CE3 1 
ATOM   904  C CZ2 . TRP B 2 2   ? -6.44823  17.49986  -12.20709 1.000 25.60345 ?  1   TRP B CZ2 1 
ATOM   905  C CZ3 . TRP B 2 2   ? -5.00024  17.15675  -10.30590 1.000 22.54770 ?  1   TRP B CZ3 1 
ATOM   906  C CH2 . TRP B 2 2   ? -6.27335  17.33310  -10.86332 1.000 30.88244 ?  1   TRP B CH2 1 
ATOM   907  N N   . SER B 2 3   ? -2.73174  14.32642  -12.38479 1.000 28.93082 ?  2   SER B N   1 
ATOM   908  C CA  . SER B 2 3   ? -3.39344  13.70456  -11.25163 1.000 28.55719 ?  2   SER B CA  1 
ATOM   909  C C   . SER B 2 3   ? -2.70630  12.39299  -10.88168 1.000 26.20385 ?  2   SER B C   1 
ATOM   910  O O   . SER B 2 3   ? -1.84624  11.88052  -11.60253 1.000 30.08441 ?  2   SER B O   1 
ATOM   911  C CB  . SER B 2 3   ? -4.87171  13.46923  -11.55979 1.000 30.69851 ?  2   SER B CB  1 
ATOM   912  O OG  . SER B 2 3   ? -5.04726  12.41469  -12.48477 1.000 35.58573 ?  2   SER B OG  1 
ATOM   913  N N   . TRP B 2 4   ? -3.08905  11.85818  -9.71990  1.000 28.07833 ?  3   TRP B N   1 
ATOM   914  C CA  . TRP B 2 4   ? -2.61079  10.53951  -9.31879  1.000 23.81520 ?  3   TRP B CA  1 
ATOM   915  C C   . TRP B 2 4   ? -2.99919  9.48855   -10.34784 1.000 27.33881 ?  3   TRP B C   1 
ATOM   916  O O   . TRP B 2 4   ? -2.20276  8.59971   -10.67318 1.000 27.91185 ?  3   TRP B O   1 
ATOM   917  C CB  . TRP B 2 4   ? -3.17235  10.17578  -7.94386  1.000 20.17593 ?  3   TRP B CB  1 
ATOM   918  C CG  . TRP B 2 4   ? -2.72183  8.84395   -7.42660  1.000 22.42311 ?  3   TRP B CG  1 
ATOM   919  C CD1 . TRP B 2 4   ? -1.62129  8.59693   -6.65903  1.000 26.48447 ?  3   TRP B CD1 1 
ATOM   920  C CD2 . TRP B 2 4   ? -3.36387  7.57711   -7.62553  1.000 25.12037 ?  3   TRP B CD2 1 
ATOM   921  N NE1 . TRP B 2 4   ? -1.53381  7.25858   -6.37195  1.000 21.41584 ?  3   TRP B NE1 1 
ATOM   922  C CE2 . TRP B 2 4   ? -2.59031  6.60967   -6.95308  1.000 20.32790 ?  3   TRP B CE2 1 
ATOM   923  C CE3 . TRP B 2 4   ? -4.51331  7.16637   -8.30819  1.000 25.37668 ?  3   TRP B CE3 1 
ATOM   924  C CZ2 . TRP B 2 4   ? -2.92767  5.26134   -6.94052  1.000 21.91086 ?  3   TRP B CZ2 1 
ATOM   925  C CZ3 . TRP B 2 4   ? -4.84553  5.82381   -8.29472  1.000 27.73907 ?  3   TRP B CZ3 1 
ATOM   926  C CH2 . TRP B 2 4   ? -4.05532  4.88839   -7.61483  1.000 25.11051 ?  3   TRP B CH2 1 
ATOM   927  N N   . LEU B 2 5   ? -4.21424  9.59422   -10.89235 1.000 27.78997 ?  4   LEU B N   1 
ATOM   928  C CA  . LEU B 2 5   ? -4.67420  8.62364   -11.87955 1.000 28.43181 ?  4   LEU B CA  1 
ATOM   929  C C   . LEU B 2 5   ? -3.86343  8.70521   -13.16727 1.000 28.03690 ?  4   LEU B C   1 
ATOM   930  O O   . LEU B 2 5   ? -3.58932  7.67558   -13.79552 1.000 31.29462 ?  4   LEU B O   1 
ATOM   931  C CB  . LEU B 2 5   ? -6.16113  8.82909   -12.16682 1.000 23.74276 ?  4   LEU B CB  1 
ATOM   932  C CG  . LEU B 2 5   ? -7.12519  8.06755   -11.25637 1.000 22.35862 ?  4   LEU B CG  1 
ATOM   933  C CD1 . LEU B 2 5   ? -8.55453  8.54125   -11.46591 1.000 33.50920 ?  4   LEU B CD1 1 
ATOM   934  C CD2 . LEU B 2 5   ? -7.01306  6.57601   -11.51624 1.000 25.85444 ?  4   LEU B CD2 1 
ATOM   935  N N   . CYS B 2 6   ? -3.47456  9.91572   -13.58096 1.000 26.29207 ?  5   CYS B N   1 
ATOM   936  C CA  . CYS B 2 6   ? -2.67107  10.04999  -14.79273 1.000 33.12894 ?  5   CYS B CA  1 
ATOM   937  C C   . CYS B 2 6   ? -1.29176  9.43410   -14.60870 1.000 29.37429 ?  5   CYS B C   1 
ATOM   938  O O   . CYS B 2 6   ? -0.80992  8.69872   -15.47757 1.000 27.92673 ?  5   CYS B O   1 
ATOM   939  C CB  . CYS B 2 6   ? -2.54679  11.51978  -15.19038 1.000 22.66552 ?  5   CYS B CB  1 
ATOM   940  S SG  . CYS B 2 6   ? -1.40955  11.78972  -16.57094 1.000 26.89431 ?  5   CYS B SG  1 
ATOM   941  N N   . LYS B 2 7   ? -0.64744  9.71968   -13.48717 1.000 26.19354 ?  6   LYS B N   1 
ATOM   942  C CA  . LYS B 2 7   ? 0.66040   9.16192   -13.19002 1.000 26.39197 ?  6   LYS B CA  1 
ATOM   943  C C   . LYS B 2 7   ? 0.57202   7.65151   -13.03821 1.000 25.69967 ?  6   LYS B C   1 
ATOM   944  O O   . LYS B 2 7   ? 1.46593   6.91316   -13.45965 1.000 25.06301 ?  6   LYS B O   1 
ATOM   945  C CB  . LYS B 2 7   ? 1.22557   9.79599   -11.91718 1.000 27.52361 ?  6   LYS B CB  1 
ATOM   946  C CG  . LYS B 2 7   ? 1.21883   11.31261  -11.94793 1.000 25.01081 ?  6   LYS B CG  1 
ATOM   947  C CD  . LYS B 2 7   ? 1.65911   11.90380  -10.62167 1.000 33.54083 ?  6   LYS B CD  1 
ATOM   948  C CE  . LYS B 2 7   ? 1.49861   13.41439  -10.62047 1.000 41.13751 ?  6   LYS B CE  1 
ATOM   949  N NZ  . LYS B 2 7   ? 2.15403   14.04218  -9.44092  1.000 48.77161 ?  6   LYS B NZ  1 
HETATM 950  O OH  . ALY B 2 8   ? -0.83218  -0.61451  -9.25982  1.000 25.56102 ?  7   ALY B OH  1 
HETATM 951  C CH  . ALY B 2 8   ? -0.61485  0.18990   -8.33228  1.000 21.42969 ?  7   ALY B CH  1 
HETATM 952  C CH3 . ALY B 2 8   ? -0.08086  -0.26957  -6.99838  1.000 16.78481 ?  7   ALY B CH3 1 
HETATM 953  N NZ  . ALY B 2 8   ? -0.85269  1.54204   -8.48749  1.000 22.84661 ?  7   ALY B NZ  1 
HETATM 954  C CE  . ALY B 2 8   ? -1.36034  2.08691   -9.71211  1.000 30.02070 ?  7   ALY B CE  1 
HETATM 955  C CD  . ALY B 2 8   ? -1.27334  3.60854   -9.83706  1.000 19.29553 ?  7   ALY B CD  1 
HETATM 956  C CG  . ALY B 2 8   ? -2.11802  4.02489   -11.01650 1.000 23.77738 ?  7   ALY B CG  1 
HETATM 957  C CB  . ALY B 2 8   ? -1.98193  5.49934   -11.33310 1.000 24.21975 ?  7   ALY B CB  1 
HETATM 958  C CA  . ALY B 2 8   ? -0.74129  5.79521   -12.19259 1.000 20.71267 ?  7   ALY B CA  1 
HETATM 959  N N   . ALY B 2 8   ? -0.52168  7.20264   -12.43364 1.000 21.76178 ?  7   ALY B N   1 
HETATM 960  C C   . ALY B 2 8   ? -0.89935  5.05407   -13.51138 1.000 28.57774 ?  7   ALY B C   1 
HETATM 961  O O   . ALY B 2 8   ? -0.37359  3.96788   -13.76044 1.000 21.09700 ?  7   ALY B O   1 
ATOM   962  N N   . TYR B 2 9   ? -1.66318  5.68116   -14.40107 1.000 31.78760 ?  8   TYR B N   1 
ATOM   963  C CA  . TYR B 2 9   ? -1.92054  5.13054   -15.72813 1.000 22.82524 ?  8   TYR B CA  1 
ATOM   964  C C   . TYR B 2 9   ? -0.62936  4.99350   -16.53387 1.000 30.46519 ?  8   TYR B C   1 
ATOM   965  O O   . TYR B 2 9   ? -0.36607  3.94944   -17.13349 1.000 26.06464 ?  8   TYR B O   1 
ATOM   966  C CB  . TYR B 2 9   ? -2.92001  6.01289   -16.47744 1.000 26.69317 ?  8   TYR B CB  1 
ATOM   967  C CG  . TYR B 2 9   ? -3.40747  5.43870   -17.78994 1.000 32.56235 ?  8   TYR B CG  1 
ATOM   968  C CD1 . TYR B 2 9   ? -2.69219  5.63199   -18.96636 1.000 32.09783 ?  8   TYR B CD1 1 
ATOM   969  C CD2 . TYR B 2 9   ? -4.59026  4.71472   -17.85470 1.000 29.18250 ?  8   TYR B CD2 1 
ATOM   970  C CE1 . TYR B 2 9   ? -3.13563  5.11195   -20.16616 1.000 33.56788 ?  8   TYR B CE1 1 
ATOM   971  C CE2 . TYR B 2 9   ? -5.04356  4.19223   -19.05072 1.000 33.67132 ?  8   TYR B CE2 1 
ATOM   972  C CZ  . TYR B 2 9   ? -4.31229  4.39438   -20.20293 1.000 36.19759 ?  8   TYR B CZ  1 
ATOM   973  O OH  . TYR B 2 9   ? -4.75790  3.87754   -21.39637 1.000 45.06346 ?  8   TYR B OH  1 
ATOM   974  N N   . ASN B 2 10  ? 0.17403   6.05964   -16.54538 1.000 27.06828 ?  9   ASN B N   1 
ATOM   975  C CA  . ASN B 2 10  ? 1.41404   6.03739   -17.31379 1.000 30.32409 ?  9   ASN B CA  1 
ATOM   976  C C   . ASN B 2 10  ? 2.44763   5.10470   -16.69544 1.000 30.04296 ?  9   ASN B C   1 
ATOM   977  O O   . ASN B 2 10  ? 3.29860   4.56561   -17.41179 1.000 28.05231 ?  9   ASN B O   1 
ATOM   978  C CB  . ASN B 2 10  ? 1.97582   7.45340   -17.44205 1.000 23.89022 ?  9   ASN B CB  1 
ATOM   979  C CG  . ASN B 2 10  ? 1.12363   8.33722   -18.33482 1.000 39.44814 ?  9   ASN B CG  1 
ATOM   980  O OD1 . ASN B 2 10  ? 0.62080   7.89319   -19.36852 1.000 34.16510 ?  9   ASN B OD1 1 
ATOM   981  N ND2 . ASN B 2 10  ? 0.95120   9.59297   -17.93656 1.000 33.20175 ?  9   ASN B ND2 1 
ATOM   982  N N   . LEU B 2 11  ? 2.39010   4.89586   -15.37824 1.000 37.16981 ?  10  LEU B N   1 
ATOM   983  C CA  . LEU B 2 11  ? 3.34285   3.99585   -14.73594 1.000 27.02702 ?  10  LEU B CA  1 
ATOM   984  C C   . LEU B 2 11  ? 3.05423   2.54078   -15.08414 1.000 27.21169 ?  10  LEU B C   1 
ATOM   985  O O   . LEU B 2 11  ? 3.97602   1.77674   -15.39386 1.000 26.92123 ?  10  LEU B O   1 
ATOM   986  C CB  . LEU B 2 11  ? 3.31867   4.19562   -13.22092 1.000 23.86326 ?  10  LEU B CB  1 
ATOM   987  C CG  . LEU B 2 11  ? 4.14360   3.19675   -12.40636 1.000 21.14741 ?  10  LEU B CG  1 
ATOM   988  C CD1 . LEU B 2 11  ? 5.63411   3.38545   -12.65597 1.000 26.51051 ?  10  LEU B CD1 1 
ATOM   989  C CD2 . LEU B 2 11  ? 3.82218   3.31097   -10.92650 1.000 20.98257 ?  10  LEU B CD2 1 
ATOM   990  N N   . ILE B 2 12  ? 1.78262   2.13925   -15.04155 1.000 24.22798 ?  11  ILE B N   1 
ATOM   991  C CA  . ILE B 2 12  ? 1.43704   0.74059   -15.27814 1.000 30.47912 ?  11  ILE B CA  1 
ATOM   992  C C   . ILE B 2 12  ? 1.58029   0.39690   -16.75593 1.000 33.37641 ?  11  ILE B C   1 
ATOM   993  O O   . ILE B 2 12  ? 2.28573   -0.54898  -17.12575 1.000 39.51786 ?  11  ILE B O   1 
ATOM   994  C CB  . ILE B 2 12  ? 0.01605   0.44404   -14.76571 1.000 31.53957 ?  11  ILE B CB  1 
ATOM   995  C CG1 . ILE B 2 12  ? -0.10786  0.80624   -13.28364 1.000 27.81537 ?  11  ILE B CG1 1 
ATOM   996  C CG2 . ILE B 2 12  ? -0.33264  -1.01858  -14.98642 1.000 28.49459 ?  11  ILE B CG2 1 
ATOM   997  C CD1 . ILE B 2 12  ? 0.87742   0.08316   -12.39017 1.000 24.65592 ?  11  ILE B CD1 1 
ATOM   998  N N   . HIS B 2 13  ? 0.91624   1.15634   -17.61968 1.000 33.17074 ?  12  HIS B N   1 
ATOM   999  C CA  . HIS B 2 13  ? 0.93710   0.88443   -19.05175 1.000 33.53859 ?  12  HIS B CA  1 
ATOM   1000 C C   . HIS B 2 13  ? 2.24941   1.32762   -19.68873 1.000 34.46272 ?  12  HIS B C   1 
ATOM   1001 O O   . HIS B 2 13  ? 2.64675   0.81122   -20.73365 1.000 40.45462 ?  12  HIS B O   1 
ATOM   1002 C CB  . HIS B 2 13  ? -0.24067  1.57572   -19.73864 1.000 31.29551 ?  12  HIS B CB  1 
ATOM   1003 C CG  . HIS B 2 13  ? -1.57558  1.16435   -19.20175 1.000 31.54633 ?  12  HIS B CG  1 
ATOM   1004 N ND1 . HIS B 2 13  ? -2.12911  -0.07252  -19.45292 1.000 35.30780 ?  12  HIS B ND1 1 
ATOM   1005 C CD2 . HIS B 2 13  ? -2.46712  1.82501   -18.42614 1.000 28.93481 ?  12  HIS B CD2 1 
ATOM   1006 C CE1 . HIS B 2 13  ? -3.30446  -0.15590  -18.85582 1.000 32.19769 ?  12  HIS B CE1 1 
ATOM   1007 N NE2 . HIS B 2 13  ? -3.53335  0.98230   -18.22622 1.000 30.67049 ?  12  HIS B NE2 1 
HETATM 1008 N N   . NH2 C 3 .   ? 3.18561   2.31993   -19.25994 1.000 31.90465 ?  101 NH2 B N   1 
HETATM 1009 O O   . HOH D 4 .   ? 5.76883   -9.40270  -10.30227 1.000 27.31121 ?  501 HOH A O   1 
HETATM 1010 O O   . HOH D 4 .   ? -8.37582  -6.93323  8.37938   1.000 23.40845 ?  502 HOH A O   1 
HETATM 1011 O O   . HOH D 4 .   ? 5.06634   8.97568   0.76006   1.000 14.92051 ?  503 HOH A O   1 
HETATM 1012 O O   . HOH D 4 .   ? -1.89866  -4.42511  -7.19559  1.000 19.46834 ?  504 HOH A O   1 
HETATM 1013 O O   . HOH D 4 .   ? 10.87880  -4.83541  -10.72216 1.000 31.15349 ?  505 HOH A O   1 
HETATM 1014 O O   . HOH D 4 .   ? 13.25254  -1.79759  -5.06010  1.000 26.71512 ?  506 HOH A O   1 
HETATM 1015 O O   . HOH D 4 .   ? 15.65179  -4.33628  -0.75578  1.000 41.48884 ?  507 HOH A O   1 
HETATM 1016 O O   . HOH D 4 .   ? -11.11708 0.50607   -0.79352  1.000 35.89299 ?  508 HOH A O   1 
HETATM 1017 O O   . HOH D 4 .   ? 1.34964   7.46511   16.36164  1.000 40.95266 ?  509 HOH A O   1 
HETATM 1018 O O   . HOH D 4 .   ? 8.89953   -6.38624  9.85639   1.000 26.08417 ?  510 HOH A O   1 
HETATM 1019 O O   . HOH D 4 .   ? -15.68485 2.41384   14.16928  1.000 27.52203 ?  511 HOH A O   1 
HETATM 1020 O O   . HOH D 4 .   ? -6.46549  -12.54711 -5.41345  1.000 38.73930 ?  512 HOH A O   1 
HETATM 1021 O O   . HOH D 4 .   ? -5.50378  -10.48909 -3.27325  1.000 30.48448 ?  513 HOH A O   1 
HETATM 1022 O O   . HOH D 4 .   ? -8.73788  5.28713   -6.74817  1.000 26.90650 ?  514 HOH A O   1 
HETATM 1023 O O   . HOH D 4 .   ? -1.30984  -3.34997  -4.76328  1.000 22.96278 ?  515 HOH A O   1 
HETATM 1024 O O   . HOH D 4 .   ? 11.89176  4.60683   8.37042   1.000 29.57545 ?  516 HOH A O   1 
HETATM 1025 O O   . HOH D 4 .   ? -14.42250 -0.85107  14.47420  1.000 19.88317 ?  517 HOH A O   1 
HETATM 1026 O O   . HOH D 4 .   ? -4.44845  -3.82083  -4.50214  1.000 27.77219 ?  518 HOH A O   1 
HETATM 1027 O O   . HOH D 4 .   ? 8.83092   13.70543  4.56691   1.000 31.51451 ?  519 HOH A O   1 
HETATM 1028 O O   . HOH D 4 .   ? -7.71379  -1.03706  -2.61417  1.000 21.41057 ?  520 HOH A O   1 
HETATM 1029 O O   . HOH D 4 .   ? -8.78709  -1.97906  -6.68158  1.000 22.09964 ?  521 HOH A O   1 
HETATM 1030 O O   . HOH D 4 .   ? 8.11584   8.59954   -8.95207  1.000 29.48942 ?  522 HOH A O   1 
HETATM 1031 O O   . HOH D 4 .   ? -9.86267  -15.57325 -1.40752  1.000 38.59549 ?  523 HOH A O   1 
HETATM 1032 O O   . HOH D 4 .   ? -5.87580  -7.59465  7.80843   1.000 30.22886 ?  524 HOH A O   1 
HETATM 1033 O O   . HOH D 4 .   ? -13.83550 4.79396   -12.17315 1.000 40.30351 ?  525 HOH A O   1 
HETATM 1034 O O   . HOH D 4 .   ? -6.55840  2.69611   15.30798  1.000 28.82084 ?  526 HOH A O   1 
HETATM 1035 O O   . HOH D 4 .   ? 4.06663   -6.13146  16.47742  1.000 41.80250 ?  527 HOH A O   1 
HETATM 1036 O O   . HOH D 4 .   ? 6.41056   -6.02898  15.49379  1.000 41.64944 ?  528 HOH A O   1 
HETATM 1037 O O   . HOH D 4 .   ? -2.43933  7.28434   9.69004   1.000 38.21484 ?  529 HOH A O   1 
HETATM 1038 O O   . HOH D 4 .   ? -12.81496 5.80176   8.92528   1.000 29.32181 ?  530 HOH A O   1 
HETATM 1039 O O   . HOH D 4 .   ? -11.92989 -8.43109  -0.15828  1.000 43.06954 ?  531 HOH A O   1 
HETATM 1040 O O   . HOH D 4 .   ? -6.54344  -1.44930  -4.97347  1.000 27.51332 ?  532 HOH A O   1 
HETATM 1041 O O   . HOH D 4 .   ? -2.32507  -1.08706  -3.94404  1.000 21.96415 ?  533 HOH A O   1 
HETATM 1042 O O   . HOH D 4 .   ? -2.80197  1.19568   -5.11653  1.000 25.83943 ?  534 HOH A O   1 
HETATM 1043 O O   . HOH D 4 .   ? -12.85129 1.52150   5.98991   1.000 29.68253 ?  535 HOH A O   1 
HETATM 1044 O O   . HOH D 4 .   ? 12.41159  4.18405   -6.78382  1.000 27.76539 ?  536 HOH A O   1 
HETATM 1045 O O   . HOH D 4 .   ? -1.23862  -10.67440 3.95111   1.000 22.47550 ?  537 HOH A O   1 
HETATM 1046 O O   . HOH D 4 .   ? 5.13136   -9.94299  11.45623  1.000 24.40378 ?  538 HOH A O   1 
HETATM 1047 O O   . HOH D 4 .   ? -8.76620  -7.12616  4.02024   1.000 34.67898 ?  539 HOH A O   1 
HETATM 1048 O O   . HOH D 4 .   ? -11.88236 -0.07384  -9.05540  1.000 43.92450 ?  540 HOH A O   1 
HETATM 1049 O O   . HOH D 4 .   ? -4.75927  -4.25642  -18.98914 1.000 38.95510 ?  541 HOH A O   1 
HETATM 1050 O O   . HOH D 4 .   ? -1.37305  -3.94435  -17.15100 1.000 38.65760 ?  542 HOH A O   1 
HETATM 1051 O O   . HOH D 4 .   ? 13.57373  -4.12979  -6.31216  1.000 31.25890 ?  543 HOH A O   1 
HETATM 1052 O O   . HOH D 4 .   ? -6.44431  -4.46159  -20.67735 1.000 38.21575 ?  544 HOH A O   1 
HETATM 1053 O O   . HOH D 4 .   ? 1.70493   14.22735  2.66775   1.000 36.64206 ?  545 HOH A O   1 
HETATM 1054 O O   . HOH D 4 .   ? 12.21111  2.16491   -7.99166  1.000 27.65357 ?  546 HOH A O   1 
HETATM 1055 O O   . HOH D 4 .   ? -11.96361 0.94712   -6.61253  1.000 27.15977 ?  547 HOH A O   1 
HETATM 1056 O O   . HOH D 4 .   ? -10.51270 -1.17581  -2.25520  1.000 19.39758 ?  548 HOH A O   1 
HETATM 1057 O O   . HOH D 4 .   ? -10.95703 -1.12532  -4.95379  1.000 32.73061 ?  549 HOH A O   1 
HETATM 1058 O O   . HOH E 4 .   ? -6.97713  3.46370   -22.00848 1.000 30.74923 ?  201 HOH B O   1 
HETATM 1059 O O   . HOH E 4 .   ? -0.61976  -3.07176  -9.34500  1.000 27.92266 ?  202 HOH B O   1 
HETATM 1060 O O   . HOH E 4 .   ? 2.72301   12.29117  -7.28522  1.000 28.61736 ?  203 HOH B O   1 
HETATM 1061 O O   . HOH E 4 .   ? 2.14722   11.15128  -15.78203 1.000 33.66734 ?  204 HOH B O   1 
HETATM 1062 O O   . HOH E 4 .   ? -6.24840  14.00756  -14.68127 1.000 22.78066 ?  205 HOH B O   1 
HETATM 1063 O O   . HOH E 4 .   ? -6.78999  19.25548  -16.35698 1.000 28.54969 ?  206 HOH B O   1 
HETATM 1064 O O   . HOH E 4 .   ? -6.01939  1.87375   -23.31453 1.000 27.17546 ?  207 HOH B O   1 
HETATM 1065 O O   . HOH E 4 .   ? 4.13567   8.38121   -14.09684 1.000 32.55571 ?  208 HOH B O   1 
HETATM 1066 O O   . HOH E 4 .   ? 4.68538   -1.47292  -18.93598 1.000 47.02932 ?  209 HOH B O   1 
HETATM 1067 O O   . HOH E 4 .   ? 4.39792   10.25821  -12.51274 1.000 38.74024 ?  210 HOH B O   1 
# 
loop_
_pdbx_poly_seq_scheme.asym_id 
_pdbx_poly_seq_scheme.entity_id 
_pdbx_poly_seq_scheme.seq_id 
_pdbx_poly_seq_scheme.mon_id 
_pdbx_poly_seq_scheme.ndb_seq_num 
_pdbx_poly_seq_scheme.pdb_seq_num 
_pdbx_poly_seq_scheme.auth_seq_num 
_pdbx_poly_seq_scheme.pdb_mon_id 
_pdbx_poly_seq_scheme.auth_mon_id 
_pdbx_poly_seq_scheme.pdb_strand_id 
_pdbx_poly_seq_scheme.pdb_ins_code 
_pdbx_poly_seq_scheme.hetero 
A 1 1   GLN 1   342 ?   ?   ?   A . n 
A 1 2   GLY 2   343 ?   ?   ?   A . n 
A 1 3   PRO 3   344 ?   ?   ?   A . n 
A 1 4   LEU 4   345 ?   ?   ?   A . n 
A 1 5   GLY 5   346 ?   ?   ?   A . n 
A 1 6   SER 6   347 ?   ?   ?   A . n 
A 1 7   SER 7   348 ?   ?   ?   A . n 
A 1 8   LYS 8   349 ?   ?   ?   A . n 
A 1 9   VAL 9   350 ?   ?   ?   A . n 
A 1 10  SER 10  351 351 SER SER A . n 
A 1 11  GLU 11  352 352 GLU GLU A . n 
A 1 12  GLN 12  353 353 GLN GLN A . n 
A 1 13  LEU 13  354 354 LEU LEU A . n 
A 1 14  LYS 14  355 355 LYS LYS A . n 
A 1 15  CYS 15  356 356 CYS CYS A . n 
A 1 16  CYS 16  357 357 CYS CYS A . n 
A 1 17  SER 17  358 358 SER SER A . n 
A 1 18  GLY 18  359 359 GLY GLY A . n 
A 1 19  ILE 19  360 360 ILE ILE A . n 
A 1 20  LEU 20  361 361 LEU LEU A . n 
A 1 21  LYS 21  362 362 LYS LYS A . n 
A 1 22  GLU 22  363 363 GLU GLU A . n 
A 1 23  MET 23  364 364 MET MET A . n 
A 1 24  PHE 24  365 365 PHE PHE A . n 
A 1 25  ALA 25  366 366 ALA ALA A . n 
A 1 26  LYS 26  367 367 LYS LYS A . n 
A 1 27  LYS 27  368 368 LYS LYS A . n 
A 1 28  HIS 28  369 369 HIS HIS A . n 
A 1 29  ALA 29  370 370 ALA ALA A . n 
A 1 30  ALA 30  371 371 ALA ALA A . n 
A 1 31  TYR 31  372 372 TYR TYR A . n 
A 1 32  ALA 32  373 373 ALA ALA A . n 
A 1 33  TRP 33  374 374 TRP TRP A . n 
A 1 34  PRO 34  375 375 PRO PRO A . n 
A 1 35  PHE 35  376 376 PHE PHE A . n 
A 1 36  TYR 36  377 377 TYR TYR A . n 
A 1 37  LYS 37  378 378 LYS LYS A . n 
A 1 38  PRO 38  379 379 PRO PRO A . n 
A 1 39  VAL 39  380 380 VAL VAL A . n 
A 1 40  ASP 40  381 381 ASP ASP A . n 
A 1 41  VAL 41  382 382 VAL VAL A . n 
A 1 42  GLU 42  383 383 GLU GLU A . n 
A 1 43  ALA 43  384 384 ALA ALA A . n 
A 1 44  LEU 44  385 385 LEU LEU A . n 
A 1 45  GLY 45  386 386 GLY GLY A . n 
A 1 46  LEU 46  387 387 LEU LEU A . n 
A 1 47  HIS 47  388 388 HIS HIS A . n 
A 1 48  ASP 48  389 389 ASP ASP A . n 
A 1 49  TYR 49  390 390 TYR TYR A . n 
A 1 50  CYS 50  391 391 CYS CYS A . n 
A 1 51  ASP 51  392 392 ASP ASP A . n 
A 1 52  ILE 52  393 393 ILE ILE A . n 
A 1 53  ILE 53  394 394 ILE ILE A . n 
A 1 54  LYS 54  395 395 LYS LYS A . n 
A 1 55  HIS 55  396 396 HIS HIS A . n 
A 1 56  PRO 56  397 397 PRO PRO A . n 
A 1 57  MET 57  398 398 MET MET A . n 
A 1 58  ASP 58  399 399 ASP ASP A . n 
A 1 59  MET 59  400 400 MET MET A . n 
A 1 60  SER 60  401 401 SER SER A . n 
A 1 61  THR 61  402 402 THR THR A . n 
A 1 62  ILE 62  403 403 ILE ILE A . n 
A 1 63  LYS 63  404 404 LYS LYS A . n 
A 1 64  SER 64  405 405 SER SER A . n 
A 1 65  LYS 65  406 406 LYS LYS A . n 
A 1 66  LEU 66  407 407 LEU LEU A . n 
A 1 67  GLU 67  408 408 GLU GLU A . n 
A 1 68  ALA 68  409 409 ALA ALA A . n 
A 1 69  ARG 69  410 410 ARG ARG A . n 
A 1 70  GLU 70  411 411 GLU GLU A . n 
A 1 71  TYR 71  412 412 TYR TYR A . n 
A 1 72  ARG 72  413 413 ARG ARG A . n 
A 1 73  ASP 73  414 414 ASP ASP A . n 
A 1 74  ALA 74  415 415 ALA ALA A . n 
A 1 75  GLN 75  416 416 GLN GLN A . n 
A 1 76  GLU 76  417 417 GLU GLU A . n 
A 1 77  PHE 77  418 418 PHE PHE A . n 
A 1 78  GLY 78  419 419 GLY GLY A . n 
A 1 79  ALA 79  420 420 ALA ALA A . n 
A 1 80  ASP 80  421 421 ASP ASP A . n 
A 1 81  VAL 81  422 422 VAL VAL A . n 
A 1 82  ARG 82  423 423 ARG ARG A . n 
A 1 83  LEU 83  424 424 LEU LEU A . n 
A 1 84  MET 84  425 425 MET MET A . n 
A 1 85  PHE 85  426 426 PHE PHE A . n 
A 1 86  SER 86  427 427 SER SER A . n 
A 1 87  ASN 87  428 428 ASN ASN A . n 
A 1 88  CYS 88  429 429 CYS CYS A . n 
A 1 89  TYR 89  430 430 TYR TYR A . n 
A 1 90  LYS 90  431 431 LYS LYS A . n 
A 1 91  TYR 91  432 432 TYR TYR A . n 
A 1 92  ASN 92  433 433 ASN ASN A . n 
A 1 93  PRO 93  434 434 PRO PRO A . n 
A 1 94  PRO 94  435 435 PRO PRO A . n 
A 1 95  ASP 95  436 436 ASP ASP A . n 
A 1 96  HIS 96  437 437 HIS HIS A . n 
A 1 97  GLU 97  438 438 GLU GLU A . n 
A 1 98  VAL 98  439 439 VAL VAL A . n 
A 1 99  VAL 99  440 440 VAL VAL A . n 
A 1 100 ALA 100 441 441 ALA ALA A . n 
A 1 101 MET 101 442 442 MET MET A . n 
A 1 102 ALA 102 443 443 ALA ALA A . n 
A 1 103 ARG 103 444 444 ARG ARG A . n 
A 1 104 LYS 104 445 445 LYS LYS A . n 
A 1 105 LEU 105 446 446 LEU LEU A . n 
A 1 106 GLN 106 447 447 GLN GLN A . n 
A 1 107 ASP 107 448 448 ASP ASP A . n 
A 1 108 VAL 108 449 449 VAL VAL A . n 
A 1 109 PHE 109 450 450 PHE PHE A . n 
A 1 110 GLU 110 451 451 GLU GLU A . n 
A 1 111 MET 111 452 452 MET MET A . n 
A 1 112 ARG 112 453 453 ARG ARG A . n 
A 1 113 PHE 113 454 454 PHE PHE A . n 
A 1 114 ALA 114 455 455 ALA ALA A . n 
A 1 115 LYS 115 456 456 LYS LYS A . n 
A 1 116 MET 116 457 457 MET MET A . n 
A 1 117 PRO 117 458 458 PRO PRO A . n 
A 1 118 ASP 118 459 459 ASP ASP A . n 
A 1 119 GLU 119 460 ?   ?   ?   A . n 
A 1 120 PRO 120 461 ?   ?   ?   A . n 
A 1 121 GLU 121 462 ?   ?   ?   A . n 
A 1 122 GLU 122 463 ?   ?   ?   A . n 
A 1 123 PRO 123 464 ?   ?   ?   A . n 
B 2 1   ACE 1   0   0   ACE ACE B . n 
B 2 2   TRP 2   1   1   TRP TRP B . n 
B 2 3   SER 3   2   2   SER SER B . n 
B 2 4   TRP 4   3   3   TRP TRP B . n 
B 2 5   LEU 5   4   4   LEU LEU B . n 
B 2 6   CYS 6   5   5   CYS CYS B . n 
B 2 7   LYS 7   6   6   LYS LYS B . n 
B 2 8   ALY 8   7   7   ALY ALY B . n 
B 2 9   TYR 9   8   8   TYR TYR B . n 
B 2 10  ASN 10  9   9   ASN ASN B . n 
B 2 11  LEU 11  10  10  LEU LEU B . n 
B 2 12  ILE 12  11  11  ILE ILE B . n 
B 2 13  HIS 13  12  12  HIS HIS B . n 
# 
loop_
_pdbx_nonpoly_scheme.asym_id 
_pdbx_nonpoly_scheme.entity_id 
_pdbx_nonpoly_scheme.mon_id 
_pdbx_nonpoly_scheme.ndb_seq_num 
_pdbx_nonpoly_scheme.pdb_seq_num 
_pdbx_nonpoly_scheme.auth_seq_num 
_pdbx_nonpoly_scheme.pdb_mon_id 
_pdbx_nonpoly_scheme.auth_mon_id 
_pdbx_nonpoly_scheme.pdb_strand_id 
_pdbx_nonpoly_scheme.pdb_ins_code 
C 3 NH2 1  101 13 NH2 NH2 B . 
D 4 HOH 1  501 21 HOH HOH A . 
D 4 HOH 2  502 2  HOH HOH A . 
D 4 HOH 3  503 1  HOH HOH A . 
D 4 HOH 4  504 20 HOH HOH A . 
D 4 HOH 5  505 16 HOH HOH A . 
D 4 HOH 6  506 6  HOH HOH A . 
D 4 HOH 7  507 41 HOH HOH A . 
D 4 HOH 8  508 49 HOH HOH A . 
D 4 HOH 9  509 64 HOH HOH A . 
D 4 HOH 10 510 23 HOH HOH A . 
D 4 HOH 11 511 26 HOH HOH A . 
D 4 HOH 12 512 9  HOH HOH A . 
D 4 HOH 13 513 4  HOH HOH A . 
D 4 HOH 14 514 13 HOH HOH A . 
D 4 HOH 15 515 17 HOH HOH A . 
D 4 HOH 16 516 22 HOH HOH A . 
D 4 HOH 17 517 3  HOH HOH A . 
D 4 HOH 18 518 7  HOH HOH A . 
D 4 HOH 19 519 24 HOH HOH A . 
D 4 HOH 20 520 59 HOH HOH A . 
D 4 HOH 21 521 28 HOH HOH A . 
D 4 HOH 22 522 10 HOH HOH A . 
D 4 HOH 23 523 32 HOH HOH A . 
D 4 HOH 24 524 48 HOH HOH A . 
D 4 HOH 25 525 18 HOH HOH A . 
D 4 HOH 26 526 27 HOH HOH A . 
D 4 HOH 27 527 68 HOH HOH A . 
D 4 HOH 28 528 69 HOH HOH A . 
D 4 HOH 29 529 43 HOH HOH A . 
D 4 HOH 30 530 15 HOH HOH A . 
D 4 HOH 31 531 52 HOH HOH A . 
D 4 HOH 32 532 61 HOH HOH A . 
D 4 HOH 33 533 11 HOH HOH A . 
D 4 HOH 34 534 8  HOH HOH A . 
D 4 HOH 35 535 12 HOH HOH A . 
D 4 HOH 36 536 53 HOH HOH A . 
D 4 HOH 37 537 29 HOH HOH A . 
D 4 HOH 38 538 33 HOH HOH A . 
D 4 HOH 39 539 58 HOH HOH A . 
D 4 HOH 40 540 51 HOH HOH A . 
D 4 HOH 41 541 63 HOH HOH A . 
D 4 HOH 42 542 67 HOH HOH A . 
D 4 HOH 43 543 38 HOH HOH A . 
D 4 HOH 44 544 19 HOH HOH A . 
D 4 HOH 45 545 25 HOH HOH A . 
D 4 HOH 46 546 50 HOH HOH A . 
D 4 HOH 47 547 42 HOH HOH A . 
D 4 HOH 48 548 37 HOH HOH A . 
D 4 HOH 49 549 62 HOH HOH A . 
E 4 HOH 1  201 47 HOH HOH B . 
E 4 HOH 2  202 70 HOH HOH B . 
E 4 HOH 3  203 40 HOH HOH B . 
E 4 HOH 4  204 31 HOH HOH B . 
E 4 HOH 5  205 56 HOH HOH B . 
E 4 HOH 6  206 46 HOH HOH B . 
E 4 HOH 7  207 36 HOH HOH B . 
E 4 HOH 8  208 30 HOH HOH B . 
E 4 HOH 9  209 57 HOH HOH B . 
E 4 HOH 10 210 55 HOH HOH B . 
# 
_pdbx_struct_assembly.id                   1 
_pdbx_struct_assembly.details              author_and_software_defined_assembly 
_pdbx_struct_assembly.method_details       PISA 
_pdbx_struct_assembly.oligomeric_details   dimeric 
_pdbx_struct_assembly.oligomeric_count     2 
# 
_pdbx_struct_assembly_gen.assembly_id       1 
_pdbx_struct_assembly_gen.oper_expression   1 
_pdbx_struct_assembly_gen.asym_id_list      A,B,C,D,E 
# 
loop_
_pdbx_struct_assembly_prop.biol_id 
_pdbx_struct_assembly_prop.type 
_pdbx_struct_assembly_prop.value 
_pdbx_struct_assembly_prop.details 
1 'ABSA (A^2)' 1510 ? 
1 MORE         -13  ? 
1 'SSA (A^2)'  7310 ? 
# 
_pdbx_struct_oper_list.id                   1 
_pdbx_struct_oper_list.type                 'identity operation' 
_pdbx_struct_oper_list.name                 1_555 
_pdbx_struct_oper_list.symmetry_operation   x,y,z 
_pdbx_struct_oper_list.matrix[1][1]         1.0000000000 
_pdbx_struct_oper_list.matrix[1][2]         0.0000000000 
_pdbx_struct_oper_list.matrix[1][3]         0.0000000000 
_pdbx_struct_oper_list.vector[1]            0.0000000000 
_pdbx_struct_oper_list.matrix[2][1]         0.0000000000 
_pdbx_struct_oper_list.matrix[2][2]         1.0000000000 
_pdbx_struct_oper_list.matrix[2][3]         0.0000000000 
_pdbx_struct_oper_list.vector[2]            0.0000000000 
_pdbx_struct_oper_list.matrix[3][1]         0.0000000000 
_pdbx_struct_oper_list.matrix[3][2]         0.0000000000 
_pdbx_struct_oper_list.matrix[3][3]         1.0000000000 
_pdbx_struct_oper_list.vector[3]            0.0000000000 
# 
loop_
_pdbx_audit_revision_history.ordinal 
_pdbx_audit_revision_history.data_content_type 
_pdbx_audit_revision_history.major_revision 
_pdbx_audit_revision_history.minor_revision 
_pdbx_audit_revision_history.revision_date 
1 'Structure model' 1 0 2020-08-19 
2 'Structure model' 1 1 2021-03-03 
3 'Structure model' 1 2 2023-10-11 
4 'Structure model' 1 3 2023-11-15 
# 
_pdbx_audit_revision_details.ordinal             1 
_pdbx_audit_revision_details.revision_ordinal    1 
_pdbx_audit_revision_details.data_content_type   'Structure model' 
_pdbx_audit_revision_details.provider            repository 
_pdbx_audit_revision_details.type                'Initial release' 
_pdbx_audit_revision_details.description         ? 
_pdbx_audit_revision_details.details             ? 
# 
loop_
_pdbx_audit_revision_group.ordinal 
_pdbx_audit_revision_group.revision_ordinal 
_pdbx_audit_revision_group.data_content_type 
_pdbx_audit_revision_group.group 
1 2 'Structure model' 'Database references'    
2 3 'Structure model' Advisory                 
3 3 'Structure model' 'Data collection'        
4 3 'Structure model' 'Database references'    
5 3 'Structure model' 'Refinement description' 
6 4 'Structure model' 'Data collection'        
# 
loop_
_pdbx_audit_revision_category.ordinal 
_pdbx_audit_revision_category.revision_ordinal 
_pdbx_audit_revision_category.data_content_type 
_pdbx_audit_revision_category.category 
1 2 'Structure model' citation                      
2 2 'Structure model' citation_author               
3 3 'Structure model' chem_comp_atom                
4 3 'Structure model' chem_comp_bond                
5 3 'Structure model' database_2                    
6 3 'Structure model' pdbx_initial_refinement_model 
7 3 'Structure model' pdbx_unobs_or_zero_occ_atoms  
8 4 'Structure model' chem_comp_atom                
9 4 'Structure model' chem_comp_bond                
# 
loop_
_pdbx_audit_revision_item.ordinal 
_pdbx_audit_revision_item.revision_ordinal 
_pdbx_audit_revision_item.data_content_type 
_pdbx_audit_revision_item.item 
1  2 'Structure model' '_citation.country'                   
2  2 'Structure model' '_citation.journal_abbrev'            
3  2 'Structure model' '_citation.journal_id_ASTM'           
4  2 'Structure model' '_citation.journal_id_CSD'            
5  2 'Structure model' '_citation.journal_id_ISSN'           
6  2 'Structure model' '_citation.journal_volume'            
7  2 'Structure model' '_citation.page_first'                
8  2 'Structure model' '_citation.page_last'                 
9  2 'Structure model' '_citation.pdbx_database_id_DOI'      
10 2 'Structure model' '_citation.pdbx_database_id_PubMed'   
11 2 'Structure model' '_citation.title'                     
12 2 'Structure model' '_citation.year'                      
13 3 'Structure model' '_database_2.pdbx_DOI'                
14 3 'Structure model' '_database_2.pdbx_database_accession' 
15 4 'Structure model' '_chem_comp_atom.atom_id'             
16 4 'Structure model' '_chem_comp_bond.atom_id_2'           
# 
loop_
_space_group_symop.id 
_space_group_symop.operation_xyz 
1 x,y,z   
2 -y,x,z  
3 y,-x,z  
4 -x,-y,z 
# 
loop_
_software.citation_id 
_software.classification 
_software.compiler_name 
_software.compiler_version 
_software.contact_author 
_software.contact_author_email 
_software.date 
_software.description 
_software.dependencies 
_software.hardware 
_software.language 
_software.location 
_software.mods 
_software.name 
_software.os 
_software.os_version 
_software.type 
_software.version 
_software.pdbx_ordinal 
? refinement       ? ? ? ? ? ? ? ? ? ? ? PHENIX  ? ? ? 1.14_3260 1 
? 'data reduction' ? ? ? ? ? ? ? ? ? ? ? XDS     ? ? ? .         2 
? 'data scaling'   ? ? ? ? ? ? ? ? ? ? ? Aimless ? ? ? .         3 
? phasing          ? ? ? ? ? ? ? ? ? ? ? PHASER  ? ? ? .         4 
# 
_pdbx_entry_details.entry_id                 6U8I 
_pdbx_entry_details.has_ligand_of_interest   Y 
_pdbx_entry_details.compound_details         ? 
_pdbx_entry_details.source_details           ? 
_pdbx_entry_details.nonpolymer_details       ? 
_pdbx_entry_details.sequence_details         ? 
# 
_pdbx_validate_close_contact.id               1 
_pdbx_validate_close_contact.PDB_model_num    1 
_pdbx_validate_close_contact.auth_atom_id_1   O 
_pdbx_validate_close_contact.auth_asym_id_1   B 
_pdbx_validate_close_contact.auth_comp_id_1   HIS 
_pdbx_validate_close_contact.auth_seq_id_1    12 
_pdbx_validate_close_contact.PDB_ins_code_1   ? 
_pdbx_validate_close_contact.label_alt_id_1   ? 
_pdbx_validate_close_contact.auth_atom_id_2   N 
_pdbx_validate_close_contact.auth_asym_id_2   B 
_pdbx_validate_close_contact.auth_comp_id_2   NH2 
_pdbx_validate_close_contact.auth_seq_id_2    101 
_pdbx_validate_close_contact.PDB_ins_code_2   ? 
_pdbx_validate_close_contact.label_alt_id_2   ? 
_pdbx_validate_close_contact.dist             2.18 
# 
_pdbx_validate_torsion.id              1 
_pdbx_validate_torsion.PDB_model_num   1 
_pdbx_validate_torsion.auth_comp_id    LEU 
_pdbx_validate_torsion.auth_asym_id    A 
_pdbx_validate_torsion.auth_seq_id     387 
_pdbx_validate_torsion.PDB_ins_code    ? 
_pdbx_validate_torsion.label_alt_id    ? 
_pdbx_validate_torsion.phi             -102.24 
_pdbx_validate_torsion.psi             75.33 
# 
_pdbx_unobs_or_zero_occ_atoms.id               1 
_pdbx_unobs_or_zero_occ_atoms.PDB_model_num    1 
_pdbx_unobs_or_zero_occ_atoms.polymer_flag     Y 
_pdbx_unobs_or_zero_occ_atoms.occupancy_flag   0 
_pdbx_unobs_or_zero_occ_atoms.auth_asym_id     A 
_pdbx_unobs_or_zero_occ_atoms.auth_comp_id     SER 
_pdbx_unobs_or_zero_occ_atoms.auth_seq_id      358 
_pdbx_unobs_or_zero_occ_atoms.PDB_ins_code     ? 
_pdbx_unobs_or_zero_occ_atoms.auth_atom_id     OG 
_pdbx_unobs_or_zero_occ_atoms.label_alt_id     A 
_pdbx_unobs_or_zero_occ_atoms.label_asym_id    A 
_pdbx_unobs_or_zero_occ_atoms.label_comp_id    SER 
_pdbx_unobs_or_zero_occ_atoms.label_seq_id     17 
_pdbx_unobs_or_zero_occ_atoms.label_atom_id    OG 
# 
loop_
_pdbx_unobs_or_zero_occ_residues.id 
_pdbx_unobs_or_zero_occ_residues.PDB_model_num 
_pdbx_unobs_or_zero_occ_residues.polymer_flag 
_pdbx_unobs_or_zero_occ_residues.occupancy_flag 
_pdbx_unobs_or_zero_occ_residues.auth_asym_id 
_pdbx_unobs_or_zero_occ_residues.auth_comp_id 
_pdbx_unobs_or_zero_occ_residues.auth_seq_id 
_pdbx_unobs_or_zero_occ_residues.PDB_ins_code 
_pdbx_unobs_or_zero_occ_residues.label_asym_id 
_pdbx_unobs_or_zero_occ_residues.label_comp_id 
_pdbx_unobs_or_zero_occ_residues.label_seq_id 
1  1 Y 1 A GLN 342 ? A GLN 1   
2  1 Y 1 A GLY 343 ? A GLY 2   
3  1 Y 1 A PRO 344 ? A PRO 3   
4  1 Y 1 A LEU 345 ? A LEU 4   
5  1 Y 1 A GLY 346 ? A GLY 5   
6  1 Y 1 A SER 347 ? A SER 6   
7  1 Y 1 A SER 348 ? A SER 7   
8  1 Y 1 A LYS 349 ? A LYS 8   
9  1 Y 1 A VAL 350 ? A VAL 9   
10 1 Y 1 A GLU 460 ? A GLU 119 
11 1 Y 1 A PRO 461 ? A PRO 120 
12 1 Y 1 A GLU 462 ? A GLU 121 
13 1 Y 1 A GLU 463 ? A GLU 122 
14 1 Y 1 A PRO 464 ? A PRO 123 
# 
loop_
_chem_comp_atom.comp_id 
_chem_comp_atom.atom_id 
_chem_comp_atom.type_symbol 
_chem_comp_atom.pdbx_aromatic_flag 
_chem_comp_atom.pdbx_stereo_config 
_chem_comp_atom.pdbx_ordinal 
ACE C    C N N 1   
ACE O    O N N 2   
ACE CH3  C N N 3   
ACE H    H N N 4   
ACE H1   H N N 5   
ACE H2   H N N 6   
ACE H3   H N N 7   
ALA N    N N N 8   
ALA CA   C N S 9   
ALA C    C N N 10  
ALA O    O N N 11  
ALA CB   C N N 12  
ALA OXT  O N N 13  
ALA H    H N N 14  
ALA H2   H N N 15  
ALA HA   H N N 16  
ALA HB1  H N N 17  
ALA HB2  H N N 18  
ALA HB3  H N N 19  
ALA HXT  H N N 20  
ALY OH   O N N 21  
ALY CH   C N N 22  
ALY CH3  C N N 23  
ALY NZ   N N N 24  
ALY CE   C N N 25  
ALY CD   C N N 26  
ALY CG   C N N 27  
ALY CB   C N N 28  
ALY CA   C N S 29  
ALY N    N N N 30  
ALY C    C N N 31  
ALY O    O N N 32  
ALY OXT  O N N 33  
ALY HH31 H N N 34  
ALY HH32 H N N 35  
ALY HH33 H N N 36  
ALY HZ   H N N 37  
ALY HE3  H N N 38  
ALY HE2  H N N 39  
ALY HD3  H N N 40  
ALY HD2  H N N 41  
ALY HG3  H N N 42  
ALY HG2  H N N 43  
ALY HB3  H N N 44  
ALY HB2  H N N 45  
ALY HA   H N N 46  
ALY H    H N N 47  
ALY H2   H N N 48  
ALY HXT  H N N 49  
ARG N    N N N 50  
ARG CA   C N S 51  
ARG C    C N N 52  
ARG O    O N N 53  
ARG CB   C N N 54  
ARG CG   C N N 55  
ARG CD   C N N 56  
ARG NE   N N N 57  
ARG CZ   C N N 58  
ARG NH1  N N N 59  
ARG NH2  N N N 60  
ARG OXT  O N N 61  
ARG H    H N N 62  
ARG H2   H N N 63  
ARG HA   H N N 64  
ARG HB2  H N N 65  
ARG HB3  H N N 66  
ARG HG2  H N N 67  
ARG HG3  H N N 68  
ARG HD2  H N N 69  
ARG HD3  H N N 70  
ARG HE   H N N 71  
ARG HH11 H N N 72  
ARG HH12 H N N 73  
ARG HH21 H N N 74  
ARG HH22 H N N 75  
ARG HXT  H N N 76  
ASN N    N N N 77  
ASN CA   C N S 78  
ASN C    C N N 79  
ASN O    O N N 80  
ASN CB   C N N 81  
ASN CG   C N N 82  
ASN OD1  O N N 83  
ASN ND2  N N N 84  
ASN OXT  O N N 85  
ASN H    H N N 86  
ASN H2   H N N 87  
ASN HA   H N N 88  
ASN HB2  H N N 89  
ASN HB3  H N N 90  
ASN HD21 H N N 91  
ASN HD22 H N N 92  
ASN HXT  H N N 93  
ASP N    N N N 94  
ASP CA   C N S 95  
ASP C    C N N 96  
ASP O    O N N 97  
ASP CB   C N N 98  
ASP CG   C N N 99  
ASP OD1  O N N 100 
ASP OD2  O N N 101 
ASP OXT  O N N 102 
ASP H    H N N 103 
ASP H2   H N N 104 
ASP HA   H N N 105 
ASP HB2  H N N 106 
ASP HB3  H N N 107 
ASP HD2  H N N 108 
ASP HXT  H N N 109 
CYS N    N N N 110 
CYS CA   C N R 111 
CYS C    C N N 112 
CYS O    O N N 113 
CYS CB   C N N 114 
CYS SG   S N N 115 
CYS OXT  O N N 116 
CYS H    H N N 117 
CYS H2   H N N 118 
CYS HA   H N N 119 
CYS HB2  H N N 120 
CYS HB3  H N N 121 
CYS HG   H N N 122 
CYS HXT  H N N 123 
GLN N    N N N 124 
GLN CA   C N S 125 
GLN C    C N N 126 
GLN O    O N N 127 
GLN CB   C N N 128 
GLN CG   C N N 129 
GLN CD   C N N 130 
GLN OE1  O N N 131 
GLN NE2  N N N 132 
GLN OXT  O N N 133 
GLN H    H N N 134 
GLN H2   H N N 135 
GLN HA   H N N 136 
GLN HB2  H N N 137 
GLN HB3  H N N 138 
GLN HG2  H N N 139 
GLN HG3  H N N 140 
GLN HE21 H N N 141 
GLN HE22 H N N 142 
GLN HXT  H N N 143 
GLU N    N N N 144 
GLU CA   C N S 145 
GLU C    C N N 146 
GLU O    O N N 147 
GLU CB   C N N 148 
GLU CG   C N N 149 
GLU CD   C N N 150 
GLU OE1  O N N 151 
GLU OE2  O N N 152 
GLU OXT  O N N 153 
GLU H    H N N 154 
GLU H2   H N N 155 
GLU HA   H N N 156 
GLU HB2  H N N 157 
GLU HB3  H N N 158 
GLU HG2  H N N 159 
GLU HG3  H N N 160 
GLU HE2  H N N 161 
GLU HXT  H N N 162 
GLY N    N N N 163 
GLY CA   C N N 164 
GLY C    C N N 165 
GLY O    O N N 166 
GLY OXT  O N N 167 
GLY H    H N N 168 
GLY H2   H N N 169 
GLY HA2  H N N 170 
GLY HA3  H N N 171 
GLY HXT  H N N 172 
HIS N    N N N 173 
HIS CA   C N S 174 
HIS C    C N N 175 
HIS O    O N N 176 
HIS CB   C N N 177 
HIS CG   C Y N 178 
HIS ND1  N Y N 179 
HIS CD2  C Y N 180 
HIS CE1  C Y N 181 
HIS NE2  N Y N 182 
HIS OXT  O N N 183 
HIS H    H N N 184 
HIS H2   H N N 185 
HIS HA   H N N 186 
HIS HB2  H N N 187 
HIS HB3  H N N 188 
HIS HD1  H N N 189 
HIS HD2  H N N 190 
HIS HE1  H N N 191 
HIS HE2  H N N 192 
HIS HXT  H N N 193 
HOH O    O N N 194 
HOH H1   H N N 195 
HOH H2   H N N 196 
ILE N    N N N 197 
ILE CA   C N S 198 
ILE C    C N N 199 
ILE O    O N N 200 
ILE CB   C N S 201 
ILE CG1  C N N 202 
ILE CG2  C N N 203 
ILE CD1  C N N 204 
ILE OXT  O N N 205 
ILE H    H N N 206 
ILE H2   H N N 207 
ILE HA   H N N 208 
ILE HB   H N N 209 
ILE HG12 H N N 210 
ILE HG13 H N N 211 
ILE HG21 H N N 212 
ILE HG22 H N N 213 
ILE HG23 H N N 214 
ILE HD11 H N N 215 
ILE HD12 H N N 216 
ILE HD13 H N N 217 
ILE HXT  H N N 218 
LEU N    N N N 219 
LEU CA   C N S 220 
LEU C    C N N 221 
LEU O    O N N 222 
LEU CB   C N N 223 
LEU CG   C N N 224 
LEU CD1  C N N 225 
LEU CD2  C N N 226 
LEU OXT  O N N 227 
LEU H    H N N 228 
LEU H2   H N N 229 
LEU HA   H N N 230 
LEU HB2  H N N 231 
LEU HB3  H N N 232 
LEU HG   H N N 233 
LEU HD11 H N N 234 
LEU HD12 H N N 235 
LEU HD13 H N N 236 
LEU HD21 H N N 237 
LEU HD22 H N N 238 
LEU HD23 H N N 239 
LEU HXT  H N N 240 
LYS N    N N N 241 
LYS CA   C N S 242 
LYS C    C N N 243 
LYS O    O N N 244 
LYS CB   C N N 245 
LYS CG   C N N 246 
LYS CD   C N N 247 
LYS CE   C N N 248 
LYS NZ   N N N 249 
LYS OXT  O N N 250 
LYS H    H N N 251 
LYS H2   H N N 252 
LYS HA   H N N 253 
LYS HB2  H N N 254 
LYS HB3  H N N 255 
LYS HG2  H N N 256 
LYS HG3  H N N 257 
LYS HD2  H N N 258 
LYS HD3  H N N 259 
LYS HE2  H N N 260 
LYS HE3  H N N 261 
LYS HZ1  H N N 262 
LYS HZ2  H N N 263 
LYS HZ3  H N N 264 
LYS HXT  H N N 265 
MET N    N N N 266 
MET CA   C N S 267 
MET C    C N N 268 
MET O    O N N 269 
MET CB   C N N 270 
MET CG   C N N 271 
MET SD   S N N 272 
MET CE   C N N 273 
MET OXT  O N N 274 
MET H    H N N 275 
MET H2   H N N 276 
MET HA   H N N 277 
MET HB2  H N N 278 
MET HB3  H N N 279 
MET HG2  H N N 280 
MET HG3  H N N 281 
MET HE1  H N N 282 
MET HE2  H N N 283 
MET HE3  H N N 284 
MET HXT  H N N 285 
NH2 N    N N N 286 
NH2 HN1  H N N 287 
NH2 HN2  H N N 288 
PHE N    N N N 289 
PHE CA   C N S 290 
PHE C    C N N 291 
PHE O    O N N 292 
PHE CB   C N N 293 
PHE CG   C Y N 294 
PHE CD1  C Y N 295 
PHE CD2  C Y N 296 
PHE CE1  C Y N 297 
PHE CE2  C Y N 298 
PHE CZ   C Y N 299 
PHE OXT  O N N 300 
PHE H    H N N 301 
PHE H2   H N N 302 
PHE HA   H N N 303 
PHE HB2  H N N 304 
PHE HB3  H N N 305 
PHE HD1  H N N 306 
PHE HD2  H N N 307 
PHE HE1  H N N 308 
PHE HE2  H N N 309 
PHE HZ   H N N 310 
PHE HXT  H N N 311 
PRO N    N N N 312 
PRO CA   C N S 313 
PRO C    C N N 314 
PRO O    O N N 315 
PRO CB   C N N 316 
PRO CG   C N N 317 
PRO CD   C N N 318 
PRO OXT  O N N 319 
PRO H    H N N 320 
PRO HA   H N N 321 
PRO HB2  H N N 322 
PRO HB3  H N N 323 
PRO HG2  H N N 324 
PRO HG3  H N N 325 
PRO HD2  H N N 326 
PRO HD3  H N N 327 
PRO HXT  H N N 328 
SER N    N N N 329 
SER CA   C N S 330 
SER C    C N N 331 
SER O    O N N 332 
SER CB   C N N 333 
SER OG   O N N 334 
SER OXT  O N N 335 
SER H    H N N 336 
SER H2   H N N 337 
SER HA   H N N 338 
SER HB2  H N N 339 
SER HB3  H N N 340 
SER HG   H N N 341 
SER HXT  H N N 342 
THR N    N N N 343 
THR CA   C N S 344 
THR C    C N N 345 
THR O    O N N 346 
THR CB   C N R 347 
THR OG1  O N N 348 
THR CG2  C N N 349 
THR OXT  O N N 350 
THR H    H N N 351 
THR H2   H N N 352 
THR HA   H N N 353 
THR HB   H N N 354 
THR HG1  H N N 355 
THR HG21 H N N 356 
THR HG22 H N N 357 
THR HG23 H N N 358 
THR HXT  H N N 359 
TRP N    N N N 360 
TRP CA   C N S 361 
TRP C    C N N 362 
TRP O    O N N 363 
TRP CB   C N N 364 
TRP CG   C Y N 365 
TRP CD1  C Y N 366 
TRP CD2  C Y N 367 
TRP NE1  N Y N 368 
TRP CE2  C Y N 369 
TRP CE3  C Y N 370 
TRP CZ2  C Y N 371 
TRP CZ3  C Y N 372 
TRP CH2  C Y N 373 
TRP OXT  O N N 374 
TRP H    H N N 375 
TRP H2   H N N 376 
TRP HA   H N N 377 
TRP HB2  H N N 378 
TRP HB3  H N N 379 
TRP HD1  H N N 380 
TRP HE1  H N N 381 
TRP HE3  H N N 382 
TRP HZ2  H N N 383 
TRP HZ3  H N N 384 
TRP HH2  H N N 385 
TRP HXT  H N N 386 
TYR N    N N N 387 
TYR CA   C N S 388 
TYR C    C N N 389 
TYR O    O N N 390 
TYR CB   C N N 391 
TYR CG   C Y N 392 
TYR CD1  C Y N 393 
TYR CD2  C Y N 394 
TYR CE1  C Y N 395 
TYR CE2  C Y N 396 
TYR CZ   C Y N 397 
TYR OH   O N N 398 
TYR OXT  O N N 399 
TYR H    H N N 400 
TYR H2   H N N 401 
TYR HA   H N N 402 
TYR HB2  H N N 403 
TYR HB3  H N N 404 
TYR HD1  H N N 405 
TYR HD2  H N N 406 
TYR HE1  H N N 407 
TYR HE2  H N N 408 
TYR HH   H N N 409 
TYR HXT  H N N 410 
VAL N    N N N 411 
VAL CA   C N S 412 
VAL C    C N N 413 
VAL O    O N N 414 
VAL CB   C N N 415 
VAL CG1  C N N 416 
VAL CG2  C N N 417 
VAL OXT  O N N 418 
VAL H    H N N 419 
VAL H2   H N N 420 
VAL HA   H N N 421 
VAL HB   H N N 422 
VAL HG11 H N N 423 
VAL HG12 H N N 424 
VAL HG13 H N N 425 
VAL HG21 H N N 426 
VAL HG22 H N N 427 
VAL HG23 H N N 428 
VAL HXT  H N N 429 
# 
loop_
_chem_comp_bond.comp_id 
_chem_comp_bond.atom_id_1 
_chem_comp_bond.atom_id_2 
_chem_comp_bond.value_order 
_chem_comp_bond.pdbx_aromatic_flag 
_chem_comp_bond.pdbx_stereo_config 
_chem_comp_bond.pdbx_ordinal 
ACE C   O    doub N N 1   
ACE C   CH3  sing N N 2   
ACE C   H    sing N N 3   
ACE CH3 H1   sing N N 4   
ACE CH3 H2   sing N N 5   
ACE CH3 H3   sing N N 6   
ALA N   CA   sing N N 7   
ALA N   H    sing N N 8   
ALA N   H2   sing N N 9   
ALA CA  C    sing N N 10  
ALA CA  CB   sing N N 11  
ALA CA  HA   sing N N 12  
ALA C   O    doub N N 13  
ALA C   OXT  sing N N 14  
ALA CB  HB1  sing N N 15  
ALA CB  HB2  sing N N 16  
ALA CB  HB3  sing N N 17  
ALA OXT HXT  sing N N 18  
ALY OH  CH   doub N N 19  
ALY CH  CH3  sing N N 20  
ALY CH  NZ   sing N N 21  
ALY CH3 HH31 sing N N 22  
ALY CH3 HH32 sing N N 23  
ALY CH3 HH33 sing N N 24  
ALY NZ  CE   sing N N 25  
ALY NZ  HZ   sing N N 26  
ALY CE  CD   sing N N 27  
ALY CE  HE3  sing N N 28  
ALY CE  HE2  sing N N 29  
ALY CD  CG   sing N N 30  
ALY CD  HD3  sing N N 31  
ALY CD  HD2  sing N N 32  
ALY CG  CB   sing N N 33  
ALY CG  HG3  sing N N 34  
ALY CG  HG2  sing N N 35  
ALY CB  CA   sing N N 36  
ALY CB  HB3  sing N N 37  
ALY CB  HB2  sing N N 38  
ALY CA  N    sing N N 39  
ALY CA  C    sing N N 40  
ALY CA  HA   sing N N 41  
ALY N   H    sing N N 42  
ALY N   H2   sing N N 43  
ALY C   O    doub N N 44  
ALY C   OXT  sing N N 45  
ALY OXT HXT  sing N N 46  
ARG N   CA   sing N N 47  
ARG N   H    sing N N 48  
ARG N   H2   sing N N 49  
ARG CA  C    sing N N 50  
ARG CA  CB   sing N N 51  
ARG CA  HA   sing N N 52  
ARG C   O    doub N N 53  
ARG C   OXT  sing N N 54  
ARG CB  CG   sing N N 55  
ARG CB  HB2  sing N N 56  
ARG CB  HB3  sing N N 57  
ARG CG  CD   sing N N 58  
ARG CG  HG2  sing N N 59  
ARG CG  HG3  sing N N 60  
ARG CD  NE   sing N N 61  
ARG CD  HD2  sing N N 62  
ARG CD  HD3  sing N N 63  
ARG NE  CZ   sing N N 64  
ARG NE  HE   sing N N 65  
ARG CZ  NH1  sing N N 66  
ARG CZ  NH2  doub N N 67  
ARG NH1 HH11 sing N N 68  
ARG NH1 HH12 sing N N 69  
ARG NH2 HH21 sing N N 70  
ARG NH2 HH22 sing N N 71  
ARG OXT HXT  sing N N 72  
ASN N   CA   sing N N 73  
ASN N   H    sing N N 74  
ASN N   H2   sing N N 75  
ASN CA  C    sing N N 76  
ASN CA  CB   sing N N 77  
ASN CA  HA   sing N N 78  
ASN C   O    doub N N 79  
ASN C   OXT  sing N N 80  
ASN CB  CG   sing N N 81  
ASN CB  HB2  sing N N 82  
ASN CB  HB3  sing N N 83  
ASN CG  OD1  doub N N 84  
ASN CG  ND2  sing N N 85  
ASN ND2 HD21 sing N N 86  
ASN ND2 HD22 sing N N 87  
ASN OXT HXT  sing N N 88  
ASP N   CA   sing N N 89  
ASP N   H    sing N N 90  
ASP N   H2   sing N N 91  
ASP CA  C    sing N N 92  
ASP CA  CB   sing N N 93  
ASP CA  HA   sing N N 94  
ASP C   O    doub N N 95  
ASP C   OXT  sing N N 96  
ASP CB  CG   sing N N 97  
ASP CB  HB2  sing N N 98  
ASP CB  HB3  sing N N 99  
ASP CG  OD1  doub N N 100 
ASP CG  OD2  sing N N 101 
ASP OD2 HD2  sing N N 102 
ASP OXT HXT  sing N N 103 
CYS N   CA   sing N N 104 
CYS N   H    sing N N 105 
CYS N   H2   sing N N 106 
CYS CA  C    sing N N 107 
CYS CA  CB   sing N N 108 
CYS CA  HA   sing N N 109 
CYS C   O    doub N N 110 
CYS C   OXT  sing N N 111 
CYS CB  SG   sing N N 112 
CYS CB  HB2  sing N N 113 
CYS CB  HB3  sing N N 114 
CYS SG  HG   sing N N 115 
CYS OXT HXT  sing N N 116 
GLN N   CA   sing N N 117 
GLN N   H    sing N N 118 
GLN N   H2   sing N N 119 
GLN CA  C    sing N N 120 
GLN CA  CB   sing N N 121 
GLN CA  HA   sing N N 122 
GLN C   O    doub N N 123 
GLN C   OXT  sing N N 124 
GLN CB  CG   sing N N 125 
GLN CB  HB2  sing N N 126 
GLN CB  HB3  sing N N 127 
GLN CG  CD   sing N N 128 
GLN CG  HG2  sing N N 129 
GLN CG  HG3  sing N N 130 
GLN CD  OE1  doub N N 131 
GLN CD  NE2  sing N N 132 
GLN NE2 HE21 sing N N 133 
GLN NE2 HE22 sing N N 134 
GLN OXT HXT  sing N N 135 
GLU N   CA   sing N N 136 
GLU N   H    sing N N 137 
GLU N   H2   sing N N 138 
GLU CA  C    sing N N 139 
GLU CA  CB   sing N N 140 
GLU CA  HA   sing N N 141 
GLU C   O    doub N N 142 
GLU C   OXT  sing N N 143 
GLU CB  CG   sing N N 144 
GLU CB  HB2  sing N N 145 
GLU CB  HB3  sing N N 146 
GLU CG  CD   sing N N 147 
GLU CG  HG2  sing N N 148 
GLU CG  HG3  sing N N 149 
GLU CD  OE1  doub N N 150 
GLU CD  OE2  sing N N 151 
GLU OE2 HE2  sing N N 152 
GLU OXT HXT  sing N N 153 
GLY N   CA   sing N N 154 
GLY N   H    sing N N 155 
GLY N   H2   sing N N 156 
GLY CA  C    sing N N 157 
GLY CA  HA2  sing N N 158 
GLY CA  HA3  sing N N 159 
GLY C   O    doub N N 160 
GLY C   OXT  sing N N 161 
GLY OXT HXT  sing N N 162 
HIS N   CA   sing N N 163 
HIS N   H    sing N N 164 
HIS N   H2   sing N N 165 
HIS CA  C    sing N N 166 
HIS CA  CB   sing N N 167 
HIS CA  HA   sing N N 168 
HIS C   O    doub N N 169 
HIS C   OXT  sing N N 170 
HIS CB  CG   sing N N 171 
HIS CB  HB2  sing N N 172 
HIS CB  HB3  sing N N 173 
HIS CG  ND1  sing Y N 174 
HIS CG  CD2  doub Y N 175 
HIS ND1 CE1  doub Y N 176 
HIS ND1 HD1  sing N N 177 
HIS CD2 NE2  sing Y N 178 
HIS CD2 HD2  sing N N 179 
HIS CE1 NE2  sing Y N 180 
HIS CE1 HE1  sing N N 181 
HIS NE2 HE2  sing N N 182 
HIS OXT HXT  sing N N 183 
HOH O   H1   sing N N 184 
HOH O   H2   sing N N 185 
ILE N   CA   sing N N 186 
ILE N   H    sing N N 187 
ILE N   H2   sing N N 188 
ILE CA  C    sing N N 189 
ILE CA  CB   sing N N 190 
ILE CA  HA   sing N N 191 
ILE C   O    doub N N 192 
ILE C   OXT  sing N N 193 
ILE CB  CG1  sing N N 194 
ILE CB  CG2  sing N N 195 
ILE CB  HB   sing N N 196 
ILE CG1 CD1  sing N N 197 
ILE CG1 HG12 sing N N 198 
ILE CG1 HG13 sing N N 199 
ILE CG2 HG21 sing N N 200 
ILE CG2 HG22 sing N N 201 
ILE CG2 HG23 sing N N 202 
ILE CD1 HD11 sing N N 203 
ILE CD1 HD12 sing N N 204 
ILE CD1 HD13 sing N N 205 
ILE OXT HXT  sing N N 206 
LEU N   CA   sing N N 207 
LEU N   H    sing N N 208 
LEU N   H2   sing N N 209 
LEU CA  C    sing N N 210 
LEU CA  CB   sing N N 211 
LEU CA  HA   sing N N 212 
LEU C   O    doub N N 213 
LEU C   OXT  sing N N 214 
LEU CB  CG   sing N N 215 
LEU CB  HB2  sing N N 216 
LEU CB  HB3  sing N N 217 
LEU CG  CD1  sing N N 218 
LEU CG  CD2  sing N N 219 
LEU CG  HG   sing N N 220 
LEU CD1 HD11 sing N N 221 
LEU CD1 HD12 sing N N 222 
LEU CD1 HD13 sing N N 223 
LEU CD2 HD21 sing N N 224 
LEU CD2 HD22 sing N N 225 
LEU CD2 HD23 sing N N 226 
LEU OXT HXT  sing N N 227 
LYS N   CA   sing N N 228 
LYS N   H    sing N N 229 
LYS N   H2   sing N N 230 
LYS CA  C    sing N N 231 
LYS CA  CB   sing N N 232 
LYS CA  HA   sing N N 233 
LYS C   O    doub N N 234 
LYS C   OXT  sing N N 235 
LYS CB  CG   sing N N 236 
LYS CB  HB2  sing N N 237 
LYS CB  HB3  sing N N 238 
LYS CG  CD   sing N N 239 
LYS CG  HG2  sing N N 240 
LYS CG  HG3  sing N N 241 
LYS CD  CE   sing N N 242 
LYS CD  HD2  sing N N 243 
LYS CD  HD3  sing N N 244 
LYS CE  NZ   sing N N 245 
LYS CE  HE2  sing N N 246 
LYS CE  HE3  sing N N 247 
LYS NZ  HZ1  sing N N 248 
LYS NZ  HZ2  sing N N 249 
LYS NZ  HZ3  sing N N 250 
LYS OXT HXT  sing N N 251 
MET N   CA   sing N N 252 
MET N   H    sing N N 253 
MET N   H2   sing N N 254 
MET CA  C    sing N N 255 
MET CA  CB   sing N N 256 
MET CA  HA   sing N N 257 
MET C   O    doub N N 258 
MET C   OXT  sing N N 259 
MET CB  CG   sing N N 260 
MET CB  HB2  sing N N 261 
MET CB  HB3  sing N N 262 
MET CG  SD   sing N N 263 
MET CG  HG2  sing N N 264 
MET CG  HG3  sing N N 265 
MET SD  CE   sing N N 266 
MET CE  HE1  sing N N 267 
MET CE  HE2  sing N N 268 
MET CE  HE3  sing N N 269 
MET OXT HXT  sing N N 270 
NH2 N   HN1  sing N N 271 
NH2 N   HN2  sing N N 272 
PHE N   CA   sing N N 273 
PHE N   H    sing N N 274 
PHE N   H2   sing N N 275 
PHE CA  C    sing N N 276 
PHE CA  CB   sing N N 277 
PHE CA  HA   sing N N 278 
PHE C   O    doub N N 279 
PHE C   OXT  sing N N 280 
PHE CB  CG   sing N N 281 
PHE CB  HB2  sing N N 282 
PHE CB  HB3  sing N N 283 
PHE CG  CD1  doub Y N 284 
PHE CG  CD2  sing Y N 285 
PHE CD1 CE1  sing Y N 286 
PHE CD1 HD1  sing N N 287 
PHE CD2 CE2  doub Y N 288 
PHE CD2 HD2  sing N N 289 
PHE CE1 CZ   doub Y N 290 
PHE CE1 HE1  sing N N 291 
PHE CE2 CZ   sing Y N 292 
PHE CE2 HE2  sing N N 293 
PHE CZ  HZ   sing N N 294 
PHE OXT HXT  sing N N 295 
PRO N   CA   sing N N 296 
PRO N   CD   sing N N 297 
PRO N   H    sing N N 298 
PRO CA  C    sing N N 299 
PRO CA  CB   sing N N 300 
PRO CA  HA   sing N N 301 
PRO C   O    doub N N 302 
PRO C   OXT  sing N N 303 
PRO CB  CG   sing N N 304 
PRO CB  HB2  sing N N 305 
PRO CB  HB3  sing N N 306 
PRO CG  CD   sing N N 307 
PRO CG  HG2  sing N N 308 
PRO CG  HG3  sing N N 309 
PRO CD  HD2  sing N N 310 
PRO CD  HD3  sing N N 311 
PRO OXT HXT  sing N N 312 
SER N   CA   sing N N 313 
SER N   H    sing N N 314 
SER N   H2   sing N N 315 
SER CA  C    sing N N 316 
SER CA  CB   sing N N 317 
SER CA  HA   sing N N 318 
SER C   O    doub N N 319 
SER C   OXT  sing N N 320 
SER CB  OG   sing N N 321 
SER CB  HB2  sing N N 322 
SER CB  HB3  sing N N 323 
SER OG  HG   sing N N 324 
SER OXT HXT  sing N N 325 
THR N   CA   sing N N 326 
THR N   H    sing N N 327 
THR N   H2   sing N N 328 
THR CA  C    sing N N 329 
THR CA  CB   sing N N 330 
THR CA  HA   sing N N 331 
THR C   O    doub N N 332 
THR C   OXT  sing N N 333 
THR CB  OG1  sing N N 334 
THR CB  CG2  sing N N 335 
THR CB  HB   sing N N 336 
THR OG1 HG1  sing N N 337 
THR CG2 HG21 sing N N 338 
THR CG2 HG22 sing N N 339 
THR CG2 HG23 sing N N 340 
THR OXT HXT  sing N N 341 
TRP N   CA   sing N N 342 
TRP N   H    sing N N 343 
TRP N   H2   sing N N 344 
TRP CA  C    sing N N 345 
TRP CA  CB   sing N N 346 
TRP CA  HA   sing N N 347 
TRP C   O    doub N N 348 
TRP C   OXT  sing N N 349 
TRP CB  CG   sing N N 350 
TRP CB  HB2  sing N N 351 
TRP CB  HB3  sing N N 352 
TRP CG  CD1  doub Y N 353 
TRP CG  CD2  sing Y N 354 
TRP CD1 NE1  sing Y N 355 
TRP CD1 HD1  sing N N 356 
TRP CD2 CE2  doub Y N 357 
TRP CD2 CE3  sing Y N 358 
TRP NE1 CE2  sing Y N 359 
TRP NE1 HE1  sing N N 360 
TRP CE2 CZ2  sing Y N 361 
TRP CE3 CZ3  doub Y N 362 
TRP CE3 HE3  sing N N 363 
TRP CZ2 CH2  doub Y N 364 
TRP CZ2 HZ2  sing N N 365 
TRP CZ3 CH2  sing Y N 366 
TRP CZ3 HZ3  sing N N 367 
TRP CH2 HH2  sing N N 368 
TRP OXT HXT  sing N N 369 
TYR N   CA   sing N N 370 
TYR N   H    sing N N 371 
TYR N   H2   sing N N 372 
TYR CA  C    sing N N 373 
TYR CA  CB   sing N N 374 
TYR CA  HA   sing N N 375 
TYR C   O    doub N N 376 
TYR C   OXT  sing N N 377 
TYR CB  CG   sing N N 378 
TYR CB  HB2  sing N N 379 
TYR CB  HB3  sing N N 380 
TYR CG  CD1  doub Y N 381 
TYR CG  CD2  sing Y N 382 
TYR CD1 CE1  sing Y N 383 
TYR CD1 HD1  sing N N 384 
TYR CD2 CE2  doub Y N 385 
TYR CD2 HD2  sing N N 386 
TYR CE1 CZ   doub Y N 387 
TYR CE1 HE1  sing N N 388 
TYR CE2 CZ   sing Y N 389 
TYR CE2 HE2  sing N N 390 
TYR CZ  OH   sing N N 391 
TYR OH  HH   sing N N 392 
TYR OXT HXT  sing N N 393 
VAL N   CA   sing N N 394 
VAL N   H    sing N N 395 
VAL N   H2   sing N N 396 
VAL CA  C    sing N N 397 
VAL CA  CB   sing N N 398 
VAL CA  HA   sing N N 399 
VAL C   O    doub N N 400 
VAL C   OXT  sing N N 401 
VAL CB  CG1  sing N N 402 
VAL CB  CG2  sing N N 403 
VAL CB  HB   sing N N 404 
VAL CG1 HG11 sing N N 405 
VAL CG1 HG12 sing N N 406 
VAL CG1 HG13 sing N N 407 
VAL CG2 HG21 sing N N 408 
VAL CG2 HG22 sing N N 409 
VAL CG2 HG23 sing N N 410 
VAL OXT HXT  sing N N 411 
# 
_pdbx_audit_support.funding_organization   'National Health and Medical Research Council (NHMRC, Australia)' 
_pdbx_audit_support.country                Australia 
_pdbx_audit_support.grant_number           APP1161623 
_pdbx_audit_support.ordinal                1 
# 
_pdbx_entity_instance_feature.ordinal        1 
_pdbx_entity_instance_feature.comp_id        ALY 
_pdbx_entity_instance_feature.asym_id        ? 
_pdbx_entity_instance_feature.seq_num        ? 
_pdbx_entity_instance_feature.auth_comp_id   ALY 
_pdbx_entity_instance_feature.auth_asym_id   ? 
_pdbx_entity_instance_feature.auth_seq_num   ? 
_pdbx_entity_instance_feature.feature_type   'SUBJECT OF INVESTIGATION' 
_pdbx_entity_instance_feature.details        ? 
# 
loop_
_pdbx_entity_nonpoly.entity_id 
_pdbx_entity_nonpoly.name 
_pdbx_entity_nonpoly.comp_id 
3 'AMINO GROUP' NH2 
4 water         HOH 
# 
_pdbx_initial_refinement_model.id               1 
_pdbx_initial_refinement_model.entity_id_list   ? 
_pdbx_initial_refinement_model.type             'experimental model' 
_pdbx_initial_refinement_model.source_name      PDB 
_pdbx_initial_refinement_model.accession_code   5UUV 
_pdbx_initial_refinement_model.details          ? 
# 
_pdbx_struct_assembly_auth_evidence.id                     1 
_pdbx_struct_assembly_auth_evidence.assembly_id            1 
_pdbx_struct_assembly_auth_evidence.experimental_support   'surface plasmon resonance' 
_pdbx_struct_assembly_auth_evidence.details                ? 
# 
_space_group.name_H-M_alt     'P 4' 
_space_group.name_Hall        'P 4' 
_space_group.IT_number        75 
_space_group.crystal_system   tetragonal 
_space_group.id               1 
# 
